data_3WJ8
#
_entry.id   3WJ8
#
_cell.length_a   186.309
_cell.length_b   186.309
_cell.length_c   114.315
_cell.angle_alpha   90.00
_cell.angle_beta   90.00
_cell.angle_gamma   120.00
#
_symmetry.space_group_name_H-M   'P 63'
#
loop_
_entity.id
_entity.type
_entity.pdbx_description
1 polymer 'DL-2-haloacid dehalogenase'
2 non-polymer '2-bromo-2-methylpropanoic acid'
3 non-polymer GLYCEROL
4 water water
#
_entity_poly.entity_id   1
_entity_poly.type   'polypeptide(L)'
_entity_poly.pdbx_seq_one_letter_code
;MAHRSVLGSFPQVDHHQAKGQLAEVYDDIHNTMRVPWVAFGIRVMSQFPHFIPHAWAALKPNIETRYAEDGADLIRLNSI
VPGPVMPNPTPKLLRLGWTESKIEELKTALDLLNYGNPKYLILITAFNEAWHERDTGGRAPQKLRGRDAERIPYGLPNSV
EKFNLLDIEKASDRTQTVLRDIRDAFLHHGPASNYRVLGVWPDYLEIALRDSLAPVALSAEYDETARRIRKIAREHVKGF
DKPAGVAWRDMTEKLSAEQIAGLTGLLFMYNRFIADITIAIIRLKQAFSGPEDATANKYTN
;
_entity_poly.pdbx_strand_id   A,B,D,E,F,G
#
loop_
_chem_comp.id
_chem_comp.type
_chem_comp.name
_chem_comp.formula
B2P non-polymer '2-bromo-2-methylpropanoic acid' 'C4 H7 Br O2'
GOL non-polymer GLYCEROL 'C3 H8 O3'
#
# COMPACT_ATOMS: atom_id res chain seq x y z
N ARG A 4 -4.42 45.67 -9.57
CA ARG A 4 -5.32 44.66 -8.92
C ARG A 4 -4.58 43.80 -7.89
N SER A 5 -5.21 43.59 -6.73
CA SER A 5 -4.69 42.71 -5.67
C SER A 5 -4.38 41.33 -6.20
N VAL A 6 -3.40 40.63 -5.59
CA VAL A 6 -3.25 39.19 -5.85
C VAL A 6 -4.50 38.42 -5.38
N LEU A 7 -5.07 38.92 -4.28
CA LEU A 7 -6.16 38.26 -3.59
C LEU A 7 -7.32 39.20 -3.25
N GLY A 8 -8.49 38.94 -3.80
CA GLY A 8 -9.69 39.68 -3.44
C GLY A 8 -10.28 39.25 -2.10
N SER A 9 -11.50 39.69 -1.84
CA SER A 9 -12.16 39.31 -0.63
C SER A 9 -13.42 38.57 -1.04
N PHE A 10 -13.64 37.41 -0.45
CA PHE A 10 -14.75 36.56 -0.83
C PHE A 10 -16.12 37.03 -0.28
N PRO A 11 -17.22 36.81 -1.03
CA PRO A 11 -18.59 37.12 -0.54
C PRO A 11 -19.02 36.41 0.77
N GLN A 12 -19.35 37.21 1.78
CA GLN A 12 -19.60 36.72 3.13
C GLN A 12 -20.11 37.84 4.01
N VAL A 13 -21.07 37.48 4.87
CA VAL A 13 -21.44 38.31 6.01
C VAL A 13 -20.30 38.28 7.03
N ASP A 14 -19.51 39.37 7.09
CA ASP A 14 -18.43 39.56 8.08
C ASP A 14 -18.99 39.54 9.50
N HIS A 15 -18.10 39.41 10.49
CA HIS A 15 -18.55 39.45 11.87
C HIS A 15 -19.19 40.78 12.21
N HIS A 16 -18.62 41.87 11.68
CA HIS A 16 -19.21 43.20 11.91
C HIS A 16 -20.56 43.40 11.25
N GLN A 17 -20.83 42.62 10.19
CA GLN A 17 -22.04 42.78 9.37
C GLN A 17 -23.28 42.13 9.95
N ALA A 18 -23.08 41.07 10.76
CA ALA A 18 -24.18 40.31 11.37
C ALA A 18 -25.08 41.18 12.23
N LYS A 19 -26.31 41.40 11.79
CA LYS A 19 -27.24 42.24 12.53
C LYS A 19 -28.39 41.44 13.12
N GLY A 20 -28.89 41.93 14.25
CA GLY A 20 -30.10 41.44 14.94
C GLY A 20 -30.07 39.96 15.19
N GLN A 21 -31.19 39.32 14.86
CA GLN A 21 -31.33 37.87 14.97
C GLN A 21 -30.07 37.08 14.48
N LEU A 22 -29.43 37.54 13.41
CA LEU A 22 -28.24 36.84 12.92
C LEU A 22 -26.99 36.98 13.80
N ALA A 23 -26.81 38.14 14.41
CA ALA A 23 -25.65 38.35 15.28
C ALA A 23 -25.79 37.58 16.60
N GLU A 24 -27.03 37.26 16.98
CA GLU A 24 -27.25 36.42 18.16
C GLU A 24 -26.78 34.99 17.88
N VAL A 25 -26.91 34.59 16.62
CA VAL A 25 -26.59 33.23 16.17
C VAL A 25 -25.09 33.06 16.14
N TYR A 26 -24.39 34.06 15.62
CA TYR A 26 -22.95 34.02 15.60
C TYR A 26 -22.43 33.87 17.05
N ASP A 27 -23.01 34.61 17.98
CA ASP A 27 -22.68 34.43 19.37
C ASP A 27 -23.02 33.02 19.83
N ASP A 28 -24.26 32.59 19.60
CA ASP A 28 -24.64 31.28 20.03
C ASP A 28 -23.60 30.26 19.56
N ILE A 29 -23.16 30.36 18.30
CA ILE A 29 -22.12 29.47 17.75
C ILE A 29 -20.81 29.54 18.56
N HIS A 30 -20.29 30.76 18.73
CA HIS A 30 -19.10 31.00 19.53
C HIS A 30 -19.24 30.24 20.81
N ASN A 31 -20.32 30.52 21.52
CA ASN A 31 -20.47 30.04 22.89
C ASN A 31 -20.75 28.55 23.00
N THR A 32 -21.68 28.08 22.19
CA THR A 32 -21.98 26.68 22.20
C THR A 32 -20.74 25.87 21.86
N MET A 33 -19.93 26.34 20.92
CA MET A 33 -18.82 25.47 20.46
C MET A 33 -17.50 25.81 21.14
N ARG A 34 -17.54 26.89 21.90
CA ARG A 34 -16.45 27.33 22.75
C ARG A 34 -15.26 27.68 21.86
N VAL A 35 -15.60 28.32 20.72
CA VAL A 35 -14.63 28.65 19.66
C VAL A 35 -14.53 30.18 19.41
N PRO A 36 -13.29 30.70 19.31
CA PRO A 36 -13.08 32.15 19.18
C PRO A 36 -13.33 32.76 17.80
N TRP A 37 -14.00 32.05 16.88
CA TRP A 37 -14.37 32.62 15.58
C TRP A 37 -15.53 31.91 14.90
N VAL A 38 -16.34 32.64 14.16
CA VAL A 38 -17.36 31.97 13.36
C VAL A 38 -16.75 31.52 12.02
N ALA A 39 -17.10 30.29 11.61
CA ALA A 39 -16.47 29.61 10.48
C ALA A 39 -16.70 30.41 9.20
N PHE A 40 -15.64 30.48 8.39
CA PHE A 40 -15.71 31.15 7.10
C PHE A 40 -16.97 30.71 6.33
N GLY A 41 -17.23 29.41 6.24
CA GLY A 41 -18.42 28.88 5.58
C GLY A 41 -19.77 29.34 6.13
N ILE A 42 -19.85 29.54 7.45
CA ILE A 42 -21.07 30.00 8.09
C ILE A 42 -21.30 31.46 7.70
N ARG A 43 -20.25 32.26 7.83
CA ARG A 43 -20.24 33.65 7.35
C ARG A 43 -20.73 33.70 5.91
N VAL A 44 -20.13 32.89 5.03
CA VAL A 44 -20.51 32.83 3.61
C VAL A 44 -21.98 32.36 3.36
N MET A 45 -22.39 31.29 4.05
CA MET A 45 -23.73 30.74 3.83
C MET A 45 -24.81 31.61 4.43
N SER A 46 -24.41 32.58 5.24
CA SER A 46 -25.41 33.41 5.92
C SER A 46 -26.03 34.49 5.05
N GLN A 47 -25.49 34.72 3.84
CA GLN A 47 -26.13 35.72 2.99
C GLN A 47 -27.54 35.23 2.62
N PHE A 48 -27.66 33.94 2.37
CA PHE A 48 -28.96 33.34 2.06
C PHE A 48 -29.96 33.49 3.21
N PRO A 49 -31.22 33.88 2.91
CA PRO A 49 -32.19 33.95 3.99
C PRO A 49 -32.38 32.61 4.70
N HIS A 50 -32.74 32.64 5.98
CA HIS A 50 -33.31 31.47 6.63
C HIS A 50 -32.37 30.33 6.95
N PHE A 51 -31.56 29.91 5.98
CA PHE A 51 -30.87 28.64 6.14
C PHE A 51 -30.01 28.49 7.38
N ILE A 52 -29.00 29.34 7.52
CA ILE A 52 -28.09 29.22 8.67
C ILE A 52 -28.81 29.24 10.03
N PRO A 53 -29.60 30.28 10.31
CA PRO A 53 -30.41 30.26 11.52
C PRO A 53 -31.21 28.97 11.77
N HIS A 54 -31.80 28.41 10.71
CA HIS A 54 -32.61 27.22 10.88
C HIS A 54 -31.83 25.99 11.07
N ALA A 55 -30.70 25.88 10.39
CA ALA A 55 -29.88 24.69 10.47
C ALA A 55 -29.20 24.71 11.82
N TRP A 56 -28.72 25.88 12.20
CA TRP A 56 -28.18 26.04 13.53
C TRP A 56 -29.12 25.61 14.62
N ALA A 57 -30.36 26.11 14.59
CA ALA A 57 -31.34 25.77 15.64
C ALA A 57 -31.50 24.25 15.80
N ALA A 58 -31.47 23.52 14.68
CA ALA A 58 -31.61 22.06 14.69
C ALA A 58 -30.30 21.31 14.99
N LEU A 59 -29.14 21.99 14.93
CA LEU A 59 -27.82 21.41 15.27
C LEU A 59 -27.39 21.61 16.72
N LYS A 60 -27.78 22.76 17.28
CA LYS A 60 -27.36 23.18 18.61
C LYS A 60 -27.47 22.06 19.66
N PRO A 61 -28.70 21.52 19.87
CA PRO A 61 -28.92 20.59 20.98
C PRO A 61 -28.03 19.38 20.85
N ASN A 62 -27.65 19.05 19.60
CA ASN A 62 -26.76 17.91 19.36
C ASN A 62 -25.29 18.21 19.46
N ILE A 63 -24.88 19.45 19.16
CA ILE A 63 -23.44 19.71 19.19
C ILE A 63 -22.90 20.15 20.55
N GLU A 64 -23.79 20.50 21.48
CA GLU A 64 -23.34 20.90 22.84
C GLU A 64 -23.01 19.72 23.80
N THR A 65 -23.34 18.50 23.38
CA THR A 65 -23.16 17.35 24.25
C THR A 65 -21.71 16.87 24.32
N ARG A 66 -21.39 16.20 25.42
CA ARG A 66 -20.15 15.50 25.57
C ARG A 66 -20.06 14.44 24.49
N TYR A 67 -21.18 13.87 24.07
CA TYR A 67 -21.13 12.92 22.98
C TYR A 67 -20.41 13.50 21.75
N ALA A 68 -20.96 14.62 21.23
CA ALA A 68 -20.41 15.31 20.07
C ALA A 68 -18.96 15.72 20.28
N GLU A 69 -18.64 16.21 21.47
CA GLU A 69 -17.26 16.58 21.80
C GLU A 69 -16.29 15.38 21.64
N ASP A 70 -16.77 14.18 22.00
CA ASP A 70 -16.00 12.92 21.85
C ASP A 70 -15.78 12.58 20.38
N GLY A 71 -16.81 12.87 19.57
CA GLY A 71 -16.72 12.85 18.11
C GLY A 71 -15.69 13.82 17.54
N ALA A 72 -15.70 15.05 18.03
CA ALA A 72 -14.72 16.04 17.58
C ALA A 72 -13.32 15.58 17.94
N ASP A 73 -13.18 14.97 19.11
CA ASP A 73 -11.93 14.41 19.56
C ASP A 73 -11.44 13.29 18.63
N LEU A 74 -12.36 12.43 18.16
CA LEU A 74 -11.98 11.37 17.22
C LEU A 74 -11.38 11.95 15.93
N ILE A 75 -12.02 13.02 15.42
CA ILE A 75 -11.55 13.74 14.26
C ILE A 75 -10.15 14.24 14.50
N ARG A 76 -10.02 15.19 15.43
CA ARG A 76 -8.71 15.66 15.87
C ARG A 76 -7.67 14.52 15.99
N LEU A 77 -8.03 13.42 16.65
CA LEU A 77 -7.04 12.36 16.95
C LEU A 77 -6.48 11.69 15.70
N ASN A 78 -7.29 11.61 14.65
CA ASN A 78 -6.98 10.85 13.44
C ASN A 78 -6.62 11.73 12.23
N SER A 79 -6.45 13.03 12.47
CA SER A 79 -6.23 14.04 11.45
C SER A 79 -4.77 14.17 10.97
N ILE A 80 -3.89 13.33 11.53
CA ILE A 80 -2.46 13.29 11.22
C ILE A 80 -2.21 12.58 9.89
N VAL A 81 -1.27 13.12 9.10
CA VAL A 81 -0.99 12.65 7.73
C VAL A 81 0.25 11.80 7.78
N PRO A 82 0.15 10.55 7.28
CA PRO A 82 1.31 9.68 7.25
C PRO A 82 2.42 10.22 6.30
N GLY A 83 2.86 11.44 6.55
CA GLY A 83 3.66 12.15 5.56
C GLY A 83 5.15 12.16 5.84
N PRO A 84 5.89 13.00 5.10
CA PRO A 84 7.30 13.26 5.37
C PRO A 84 7.40 13.79 6.77
N VAL A 85 8.57 13.59 7.39
CA VAL A 85 8.83 14.16 8.72
C VAL A 85 9.27 15.61 8.55
N MET A 86 8.78 16.46 9.45
CA MET A 86 8.95 17.91 9.35
C MET A 86 9.91 18.54 10.34
N PRO A 87 10.69 19.53 9.91
CA PRO A 87 11.59 20.17 10.84
C PRO A 87 10.84 21.16 11.76
N ASN A 88 11.42 21.47 12.93
CA ASN A 88 10.81 22.43 13.84
C ASN A 88 10.95 23.81 13.20
N PRO A 89 9.89 24.65 13.31
CA PRO A 89 10.04 26.00 12.78
C PRO A 89 10.73 26.92 13.78
N THR A 90 10.67 26.56 15.06
CA THR A 90 11.28 27.31 16.18
C THR A 90 12.67 27.95 15.96
N PRO A 91 13.72 27.13 15.61
CA PRO A 91 15.02 27.74 15.30
C PRO A 91 14.93 28.86 14.26
N LYS A 92 14.13 28.68 13.20
CA LYS A 92 14.02 29.70 12.15
C LYS A 92 13.35 30.96 12.69
N LEU A 93 12.30 30.81 13.47
CA LEU A 93 11.68 31.98 14.12
C LEU A 93 12.63 32.74 15.04
N LEU A 94 13.40 32.03 15.87
CA LEU A 94 14.35 32.72 16.76
C LEU A 94 15.41 33.45 16.00
N ARG A 95 15.97 32.80 14.98
CA ARG A 95 16.99 33.44 14.19
C ARG A 95 16.46 34.66 13.43
N LEU A 96 15.22 34.59 12.96
CA LEU A 96 14.55 35.78 12.44
C LEU A 96 14.25 36.80 13.52
N GLY A 97 14.46 36.43 14.80
CA GLY A 97 14.36 37.39 15.89
C GLY A 97 13.05 37.47 16.65
N TRP A 98 12.10 36.60 16.34
CA TRP A 98 10.90 36.41 17.14
C TRP A 98 11.23 36.28 18.61
N THR A 99 10.37 36.82 19.47
CA THR A 99 10.53 36.58 20.92
C THR A 99 10.01 35.19 21.31
N GLU A 100 10.44 34.65 22.44
CA GLU A 100 9.85 33.41 22.98
C GLU A 100 8.37 33.65 23.13
N SER A 101 8.06 34.79 23.72
CA SER A 101 6.72 35.23 23.99
C SER A 101 5.86 35.32 22.73
N LYS A 102 6.44 35.83 21.64
CA LYS A 102 5.72 35.91 20.40
C LYS A 102 5.41 34.51 19.86
N ILE A 103 6.41 33.63 19.83
CA ILE A 103 6.23 32.25 19.38
C ILE A 103 5.11 31.58 20.16
N GLU A 104 5.04 31.87 21.47
CA GLU A 104 4.03 31.27 22.32
C GLU A 104 2.65 31.77 21.91
N GLU A 105 2.61 32.97 21.36
CA GLU A 105 1.35 33.55 20.96
C GLU A 105 0.86 32.87 19.69
N LEU A 106 1.81 32.58 18.79
CA LEU A 106 1.56 31.72 17.63
C LEU A 106 1.00 30.32 18.02
N LYS A 107 1.72 29.59 18.89
CA LYS A 107 1.30 28.26 19.32
C LYS A 107 -0.06 28.25 20.02
N THR A 108 -0.43 29.37 20.67
CA THR A 108 -1.73 29.45 21.32
C THR A 108 -2.77 29.57 20.22
N ALA A 109 -2.45 30.39 19.22
CA ALA A 109 -3.33 30.58 18.06
C ALA A 109 -3.65 29.21 17.36
N LEU A 110 -2.56 28.56 16.96
CA LEU A 110 -2.60 27.21 16.43
C LEU A 110 -3.44 26.34 17.34
N ASP A 111 -3.18 26.41 18.66
CA ASP A 111 -3.89 25.51 19.55
C ASP A 111 -5.38 25.76 19.52
N LEU A 112 -5.79 27.02 19.51
CA LEU A 112 -7.23 27.28 19.45
C LEU A 112 -7.81 26.87 18.11
N LEU A 113 -7.03 27.01 17.07
CA LEU A 113 -7.54 26.70 15.76
C LEU A 113 -7.80 25.20 15.67
N ASN A 114 -6.84 24.43 16.15
CA ASN A 114 -6.94 23.00 16.16
C ASN A 114 -8.05 22.52 17.12
N TYR A 115 -8.45 23.35 18.08
CA TYR A 115 -9.60 22.98 18.90
C TYR A 115 -10.91 23.09 18.11
N GLY A 116 -11.15 24.27 17.54
CA GLY A 116 -12.32 24.51 16.71
C GLY A 116 -12.52 23.70 15.40
N ASN A 117 -11.48 23.53 14.59
CA ASN A 117 -11.71 22.95 13.28
C ASN A 117 -12.50 21.64 13.33
N PRO A 118 -11.99 20.62 14.06
CA PRO A 118 -12.73 19.37 14.15
C PRO A 118 -14.19 19.51 14.58
N LYS A 119 -14.53 20.50 15.41
CA LYS A 119 -15.93 20.67 15.78
C LYS A 119 -16.71 21.19 14.58
N TYR A 120 -16.04 21.99 13.77
CA TYR A 120 -16.63 22.50 12.57
C TYR A 120 -16.74 21.38 11.51
N LEU A 121 -15.84 20.39 11.56
CA LEU A 121 -16.09 19.16 10.81
C LEU A 121 -17.43 18.47 11.20
N ILE A 122 -17.71 18.37 12.49
CA ILE A 122 -19.00 17.85 12.96
C ILE A 122 -20.11 18.75 12.37
N LEU A 123 -19.92 20.05 12.56
CA LEU A 123 -20.95 21.02 12.19
C LEU A 123 -21.37 20.87 10.75
N ILE A 124 -20.38 20.93 9.86
CA ILE A 124 -20.64 20.92 8.43
C ILE A 124 -21.22 19.59 8.00
N THR A 125 -20.67 18.47 8.51
CA THR A 125 -21.25 17.14 8.27
C THR A 125 -22.74 17.08 8.64
N ALA A 126 -23.11 17.66 9.78
CA ALA A 126 -24.53 17.72 10.11
C ALA A 126 -25.29 18.46 9.03
N PHE A 127 -24.91 19.71 8.79
CA PHE A 127 -25.63 20.59 7.89
C PHE A 127 -25.80 19.95 6.53
N ASN A 128 -24.70 19.37 6.01
CA ASN A 128 -24.67 18.78 4.68
C ASN A 128 -25.54 17.55 4.60
N GLU A 129 -25.23 16.54 5.39
CA GLU A 129 -25.98 15.34 5.39
C GLU A 129 -27.48 15.58 5.55
N ALA A 130 -27.87 16.44 6.49
CA ALA A 130 -29.27 16.73 6.69
C ALA A 130 -29.89 17.33 5.44
N TRP A 131 -29.14 18.18 4.76
CA TRP A 131 -29.64 18.84 3.57
C TRP A 131 -30.17 17.84 2.54
N HIS A 132 -29.45 16.72 2.41
CA HIS A 132 -29.82 15.62 1.49
C HIS A 132 -30.55 14.52 2.19
N GLU A 133 -31.32 14.89 3.19
CA GLU A 133 -32.13 13.95 3.95
C GLU A 133 -31.42 12.69 4.35
N ARG A 134 -30.11 12.72 4.58
CA ARG A 134 -29.45 11.51 5.10
C ARG A 134 -29.33 11.56 6.65
N ASP A 135 -28.81 10.49 7.23
CA ASP A 135 -28.83 10.29 8.66
C ASP A 135 -27.91 11.20 9.48
N THR A 136 -28.53 12.10 10.23
CA THR A 136 -27.82 12.99 11.15
C THR A 136 -28.47 13.01 12.56
N GLY A 137 -29.36 12.05 12.82
CA GLY A 137 -29.99 11.94 14.15
C GLY A 137 -31.34 11.25 14.25
N GLY A 138 -31.72 10.90 15.48
CA GLY A 138 -33.00 10.30 15.78
C GLY A 138 -33.33 9.04 15.00
N ARG A 139 -32.32 8.24 14.66
CA ARG A 139 -32.59 6.98 13.95
C ARG A 139 -32.21 5.74 14.75
N ALA A 140 -31.05 5.76 15.39
CA ALA A 140 -30.65 4.69 16.30
C ALA A 140 -31.80 4.36 17.28
N PRO A 141 -31.92 3.07 17.64
CA PRO A 141 -32.99 2.74 18.60
C PRO A 141 -32.63 3.33 19.99
N GLN A 142 -31.36 3.17 20.38
CA GLN A 142 -30.87 3.54 21.69
C GLN A 142 -30.54 5.03 21.69
N LYS A 143 -31.25 5.83 22.50
CA LYS A 143 -30.89 7.25 22.73
C LYS A 143 -29.53 7.42 23.42
N LEU A 144 -28.97 8.63 23.36
CA LEU A 144 -27.74 8.87 24.14
C LEU A 144 -28.09 8.72 25.61
N ARG A 145 -27.26 7.99 26.31
CA ARG A 145 -27.49 7.72 27.72
C ARG A 145 -26.27 8.04 28.57
N GLY A 146 -26.53 8.10 29.88
CA GLY A 146 -25.54 8.40 30.90
C GLY A 146 -25.00 9.76 30.56
N ARG A 147 -23.70 9.90 30.72
CA ARG A 147 -23.11 11.18 30.47
C ARG A 147 -22.84 11.54 29.00
N ASP A 148 -23.07 10.62 28.06
CA ASP A 148 -23.01 11.03 26.63
C ASP A 148 -23.93 12.24 26.36
N ALA A 149 -25.01 12.34 27.13
CA ALA A 149 -26.01 13.38 26.92
C ALA A 149 -25.72 14.71 27.66
N GLU A 150 -24.68 14.76 28.51
CA GLU A 150 -24.41 15.99 29.28
C GLU A 150 -23.90 17.18 28.42
N ARG A 151 -24.20 18.41 28.83
CA ARG A 151 -23.85 19.58 28.06
C ARG A 151 -22.46 20.05 28.46
N ILE A 152 -21.67 20.50 27.47
CA ILE A 152 -20.34 21.07 27.74
C ILE A 152 -20.55 22.50 28.24
N PRO A 153 -19.52 23.08 28.90
CA PRO A 153 -19.64 24.47 29.38
C PRO A 153 -19.99 25.43 28.24
N TYR A 154 -20.82 26.43 28.56
CA TYR A 154 -21.11 27.51 27.65
C TYR A 154 -20.02 28.57 27.69
N GLY A 155 -19.78 29.20 26.54
CA GLY A 155 -18.81 30.28 26.40
C GLY A 155 -17.40 29.82 26.09
N LEU A 156 -16.52 30.79 25.93
CA LEU A 156 -15.10 30.56 25.64
C LEU A 156 -14.35 30.13 26.90
N PRO A 157 -13.25 29.39 26.73
CA PRO A 157 -12.42 28.99 27.88
C PRO A 157 -11.81 30.19 28.54
N ASN A 158 -11.58 30.11 29.85
CA ASN A 158 -10.93 31.23 30.58
C ASN A 158 -9.72 31.80 29.86
N SER A 159 -9.76 33.09 29.60
CA SER A 159 -8.62 33.77 28.97
C SER A 159 -8.50 33.48 27.45
N VAL A 160 -9.61 33.12 26.81
CA VAL A 160 -9.66 33.05 25.36
C VAL A 160 -10.60 34.17 24.91
N GLU A 161 -10.07 35.15 24.18
CA GLU A 161 -10.90 36.18 23.51
C GLU A 161 -11.28 35.75 22.06
N LYS A 162 -12.36 36.32 21.52
CA LYS A 162 -12.70 36.16 20.10
C LYS A 162 -11.52 36.63 19.26
N PHE A 163 -11.28 35.98 18.13
CA PHE A 163 -10.22 36.41 17.24
C PHE A 163 -10.68 37.66 16.51
N ASN A 164 -9.71 38.43 16.02
CA ASN A 164 -9.95 39.50 15.08
C ASN A 164 -9.29 39.02 13.81
N LEU A 165 -10.07 38.78 12.76
CA LEU A 165 -9.48 38.37 11.47
C LEU A 165 -8.90 39.57 10.72
N LEU A 166 -7.76 39.41 10.02
CA LEU A 166 -7.22 40.51 9.21
C LEU A 166 -8.10 40.85 8.02
N ASP A 167 -8.23 42.15 7.77
CA ASP A 167 -8.90 42.68 6.59
C ASP A 167 -7.98 42.49 5.36
N ILE A 168 -8.44 41.73 4.35
CA ILE A 168 -7.56 41.35 3.24
C ILE A 168 -7.17 42.51 2.31
N GLU A 169 -8.13 43.39 2.02
CA GLU A 169 -7.89 44.66 1.33
C GLU A 169 -6.70 45.42 1.91
N LYS A 170 -6.72 45.66 3.21
CA LYS A 170 -5.72 46.49 3.88
C LYS A 170 -4.35 45.84 4.07
N ALA A 171 -4.26 44.56 3.77
CA ALA A 171 -3.05 43.80 4.13
C ALA A 171 -1.93 44.04 3.13
N SER A 172 -0.70 43.67 3.51
CA SER A 172 0.43 43.84 2.63
C SER A 172 0.42 42.87 1.44
N ASP A 173 1.25 43.16 0.45
CA ASP A 173 1.38 42.26 -0.70
C ASP A 173 1.85 40.90 -0.19
N ARG A 174 2.85 40.94 0.69
CA ARG A 174 3.45 39.75 1.25
C ARG A 174 2.38 38.85 1.84
N THR A 175 1.58 39.41 2.75
CA THR A 175 0.52 38.68 3.39
C THR A 175 -0.50 38.18 2.37
N GLN A 176 -1.01 39.09 1.54
CA GLN A 176 -1.92 38.68 0.46
C GLN A 176 -1.42 37.46 -0.32
N THR A 177 -0.16 37.52 -0.77
CA THR A 177 0.46 36.47 -1.58
C THR A 177 0.56 35.11 -0.87
N VAL A 178 0.99 35.11 0.40
CA VAL A 178 1.20 33.84 1.07
C VAL A 178 -0.15 33.18 1.25
N LEU A 179 -1.17 33.98 1.52
CA LEU A 179 -2.50 33.43 1.67
C LEU A 179 -3.02 32.87 0.35
N ARG A 180 -2.81 33.61 -0.74
CA ARG A 180 -3.16 33.16 -2.09
C ARG A 180 -2.48 31.83 -2.38
N ASP A 181 -1.18 31.81 -2.15
CA ASP A 181 -0.38 30.63 -2.33
C ASP A 181 -0.91 29.43 -1.55
N ILE A 182 -1.26 29.62 -0.28
CA ILE A 182 -1.76 28.52 0.56
C ILE A 182 -3.14 28.09 0.06
N ARG A 183 -3.94 29.07 -0.38
CA ARG A 183 -5.25 28.74 -0.97
C ARG A 183 -5.07 27.89 -2.24
N ASP A 184 -4.15 28.30 -3.11
CA ASP A 184 -3.97 27.65 -4.42
C ASP A 184 -3.24 26.32 -4.32
N ALA A 185 -2.33 26.18 -3.35
CA ALA A 185 -1.68 24.89 -3.12
C ALA A 185 -2.71 23.80 -2.87
N PHE A 186 -3.86 24.16 -2.30
CA PHE A 186 -4.83 23.14 -1.96
C PHE A 186 -6.04 23.11 -2.89
N LEU A 187 -5.96 23.92 -3.94
CA LEU A 187 -7.07 24.15 -4.87
C LEU A 187 -8.30 24.63 -4.17
N HIS A 188 -8.16 25.59 -3.24
CA HIS A 188 -9.30 26.10 -2.52
C HIS A 188 -9.82 27.42 -3.08
N HIS A 189 -10.98 27.85 -2.57
CA HIS A 189 -11.62 29.09 -2.96
C HIS A 189 -11.16 30.32 -2.24
N GLY A 190 -10.82 30.19 -0.97
CA GLY A 190 -10.48 31.38 -0.19
C GLY A 190 -9.48 31.11 0.90
N PRO A 191 -9.03 32.17 1.58
CA PRO A 191 -8.22 31.92 2.78
C PRO A 191 -9.13 31.54 3.93
N ALA A 192 -8.74 30.54 4.71
CA ALA A 192 -9.53 30.10 5.86
C ALA A 192 -9.60 31.25 6.82
N SER A 193 -10.57 31.26 7.72
CA SER A 193 -10.47 32.18 8.82
C SER A 193 -9.14 31.86 9.53
N ASN A 194 -8.82 30.57 9.59
CA ASN A 194 -7.59 30.11 10.22
C ASN A 194 -6.41 30.99 9.81
N TYR A 195 -6.29 31.21 8.49
CA TYR A 195 -5.17 31.96 7.90
C TYR A 195 -5.37 33.47 7.98
N ARG A 196 -6.61 33.93 8.11
CA ARG A 196 -6.82 35.35 8.33
C ARG A 196 -6.46 35.72 9.79
N VAL A 197 -6.32 34.69 10.63
CA VAL A 197 -5.72 34.84 11.95
C VAL A 197 -4.21 34.68 11.81
N LEU A 198 -3.78 33.57 11.21
CA LEU A 198 -2.35 33.30 11.09
C LEU A 198 -1.60 34.22 10.11
N GLY A 199 -2.36 34.95 9.31
CA GLY A 199 -1.83 35.81 8.27
C GLY A 199 -1.04 37.00 8.77
N VAL A 200 -1.40 37.52 9.94
CA VAL A 200 -0.66 38.65 10.52
C VAL A 200 0.82 38.28 10.74
N TRP A 201 1.20 37.04 10.43
CA TRP A 201 2.60 36.59 10.55
C TRP A 201 3.07 35.98 9.26
N PRO A 202 2.98 36.74 8.14
CA PRO A 202 3.27 36.19 6.83
C PRO A 202 4.60 35.45 6.77
N ASP A 203 5.57 35.89 7.59
CA ASP A 203 6.91 35.28 7.54
C ASP A 203 6.90 33.84 8.02
N TYR A 204 6.02 33.57 8.99
CA TYR A 204 5.84 32.21 9.46
C TYR A 204 5.10 31.40 8.40
N LEU A 205 3.99 31.94 7.91
CA LEU A 205 3.24 31.17 6.91
C LEU A 205 4.14 30.75 5.75
N GLU A 206 5.04 31.62 5.31
CA GLU A 206 5.93 31.26 4.18
C GLU A 206 6.73 29.99 4.48
N ILE A 207 7.13 29.85 5.75
CA ILE A 207 7.93 28.73 6.23
C ILE A 207 6.99 27.55 6.40
N ALA A 208 5.84 27.82 7.00
CA ALA A 208 4.78 26.84 7.16
C ALA A 208 4.50 26.07 5.84
N LEU A 209 4.38 26.87 4.77
CA LEU A 209 4.00 26.39 3.47
C LEU A 209 5.11 25.55 2.85
N ARG A 210 6.35 26.00 3.01
CA ARG A 210 7.48 25.29 2.49
C ARG A 210 7.78 24.02 3.27
N ASP A 211 7.52 24.02 4.58
CA ASP A 211 8.00 22.91 5.39
C ASP A 211 6.87 21.98 5.70
N SER A 212 5.72 22.53 6.03
CA SER A 212 4.64 21.67 6.46
C SER A 212 3.57 21.32 5.41
N LEU A 213 3.09 22.30 4.63
CA LEU A 213 1.90 22.09 3.78
C LEU A 213 2.13 21.74 2.28
N ALA A 214 2.99 22.50 1.61
CA ALA A 214 3.30 22.24 0.19
C ALA A 214 3.75 20.81 -0.10
N PRO A 215 4.53 20.18 0.80
CA PRO A 215 4.95 18.84 0.41
C PRO A 215 3.87 17.77 0.55
N VAL A 216 2.75 18.06 1.18
CA VAL A 216 1.70 17.06 1.27
C VAL A 216 0.44 17.45 0.51
N ALA A 217 0.37 18.72 0.12
CA ALA A 217 -0.76 19.23 -0.68
C ALA A 217 -1.09 18.35 -1.91
N LEU A 218 -2.39 18.02 -2.07
CA LEU A 218 -2.92 17.24 -3.21
C LEU A 218 -2.44 15.78 -3.24
N SER A 219 -1.87 15.31 -2.15
CA SER A 219 -1.30 13.98 -2.16
C SER A 219 -2.27 12.93 -1.71
N ALA A 220 -2.04 11.72 -2.20
CA ALA A 220 -2.76 10.52 -1.76
C ALA A 220 -2.90 10.54 -0.26
N GLU A 221 -1.75 10.68 0.43
CA GLU A 221 -1.70 10.57 1.88
C GLU A 221 -2.61 11.60 2.55
N TYR A 222 -2.60 12.83 2.01
CA TYR A 222 -3.37 13.90 2.60
C TYR A 222 -4.85 13.65 2.31
N ASP A 223 -5.21 13.39 1.06
CA ASP A 223 -6.66 13.19 0.77
C ASP A 223 -7.22 11.95 1.48
N GLU A 224 -6.41 10.87 1.57
CA GLU A 224 -6.83 9.71 2.34
C GLU A 224 -7.10 10.06 3.82
N THR A 225 -6.34 11.02 4.35
CA THR A 225 -6.50 11.45 5.72
C THR A 225 -7.71 12.34 5.82
N ALA A 226 -8.05 13.09 4.77
CA ALA A 226 -9.37 13.71 4.70
C ALA A 226 -10.50 12.65 4.62
N ARG A 227 -10.35 11.66 3.75
CA ARG A 227 -11.42 10.70 3.64
C ARG A 227 -11.74 10.14 5.06
N ARG A 228 -10.68 9.82 5.82
CA ARG A 228 -10.82 9.11 7.09
C ARG A 228 -11.57 9.97 8.11
N ILE A 229 -11.14 11.22 8.21
CA ILE A 229 -11.76 12.08 9.20
C ILE A 229 -13.18 12.46 8.81
N ARG A 230 -13.44 12.68 7.52
CA ARG A 230 -14.83 12.93 7.06
C ARG A 230 -15.73 11.75 7.43
N LYS A 231 -15.20 10.55 7.28
CA LYS A 231 -15.95 9.34 7.60
C LYS A 231 -16.25 9.25 9.10
N ILE A 232 -15.25 9.58 9.92
CA ILE A 232 -15.47 9.56 11.35
C ILE A 232 -16.61 10.53 11.61
N ALA A 233 -16.52 11.73 11.08
CA ALA A 233 -17.56 12.73 11.32
C ALA A 233 -18.92 12.24 10.84
N ARG A 234 -18.97 11.61 9.68
CA ARG A 234 -20.24 11.18 9.11
C ARG A 234 -20.88 10.06 9.94
N GLU A 235 -20.07 9.10 10.39
CA GLU A 235 -20.59 8.03 11.24
CA GLU A 235 -20.59 8.03 11.24
C GLU A 235 -21.00 8.57 12.60
N HIS A 236 -20.19 9.48 13.15
CA HIS A 236 -20.50 10.00 14.46
C HIS A 236 -21.82 10.64 14.51
N VAL A 237 -22.21 11.42 13.49
CA VAL A 237 -23.42 12.22 13.67
C VAL A 237 -24.68 11.38 13.71
N LYS A 238 -24.61 10.12 13.30
CA LYS A 238 -25.81 9.26 13.32
C LYS A 238 -26.17 8.91 14.78
N GLY A 239 -25.19 9.07 15.67
CA GLY A 239 -25.43 8.94 17.09
C GLY A 239 -26.32 10.02 17.67
N PHE A 240 -26.53 11.10 16.93
CA PHE A 240 -27.36 12.19 17.44
C PHE A 240 -28.78 11.75 17.76
N ASP A 241 -29.35 12.43 18.76
CA ASP A 241 -30.65 12.11 19.28
C ASP A 241 -31.78 12.61 18.40
N LYS A 242 -31.62 13.81 17.84
CA LYS A 242 -32.59 14.39 16.90
C LYS A 242 -31.76 14.86 15.72
N PRO A 243 -32.34 14.87 14.50
CA PRO A 243 -31.71 15.41 13.28
C PRO A 243 -31.07 16.79 13.50
N ALA A 244 -29.86 16.95 12.97
CA ALA A 244 -29.05 18.10 13.34
C ALA A 244 -28.86 19.13 12.19
N GLY A 245 -29.86 19.20 11.30
CA GLY A 245 -29.90 20.25 10.29
C GLY A 245 -31.23 20.26 9.56
N VAL A 246 -31.40 21.16 8.60
CA VAL A 246 -32.63 21.18 7.83
C VAL A 246 -32.47 20.39 6.51
N ALA A 247 -33.56 20.14 5.79
CA ALA A 247 -33.46 19.44 4.52
C ALA A 247 -34.00 20.36 3.45
N TRP A 248 -33.30 20.48 2.33
CA TRP A 248 -33.66 21.47 1.28
C TRP A 248 -35.09 21.36 0.78
N ARG A 249 -35.60 20.14 0.77
CA ARG A 249 -37.00 19.95 0.46
C ARG A 249 -37.95 20.63 1.45
N ASP A 250 -37.51 20.84 2.70
CA ASP A 250 -38.33 21.54 3.66
C ASP A 250 -38.07 23.03 3.63
N MET A 251 -37.41 23.50 2.59
CA MET A 251 -37.00 24.90 2.55
C MET A 251 -37.53 25.69 1.33
N THR A 252 -38.50 25.11 0.64
CA THR A 252 -38.84 25.57 -0.72
C THR A 252 -39.77 26.78 -0.72
N GLU A 253 -40.33 27.04 0.46
CA GLU A 253 -41.01 28.30 0.79
C GLU A 253 -39.98 29.31 1.24
N LYS A 254 -38.80 28.84 1.65
CA LYS A 254 -37.83 29.77 2.22
C LYS A 254 -36.74 30.27 1.27
N LEU A 255 -36.30 29.41 0.36
CA LEU A 255 -35.22 29.74 -0.57
C LEU A 255 -35.74 29.61 -2.00
N SER A 256 -35.12 30.32 -2.95
CA SER A 256 -35.45 30.12 -4.39
C SER A 256 -34.70 28.94 -4.96
N ALA A 257 -35.06 28.57 -6.18
CA ALA A 257 -34.44 27.43 -6.87
C ALA A 257 -32.94 27.68 -7.06
N GLU A 258 -32.61 28.89 -7.48
CA GLU A 258 -31.23 29.35 -7.58
C GLU A 258 -30.50 29.22 -6.23
N GLN A 259 -31.22 29.52 -5.16
CA GLN A 259 -30.60 29.59 -3.87
C GLN A 259 -30.32 28.21 -3.37
N ILE A 260 -31.20 27.27 -3.66
CA ILE A 260 -31.04 25.91 -3.13
C ILE A 260 -29.85 25.28 -3.81
N ALA A 261 -29.77 25.55 -5.10
CA ALA A 261 -28.60 25.23 -5.91
C ALA A 261 -27.32 25.70 -5.21
N GLY A 262 -27.23 27.02 -5.01
CA GLY A 262 -26.06 27.65 -4.39
C GLY A 262 -25.70 26.93 -3.08
N LEU A 263 -26.69 26.80 -2.21
CA LEU A 263 -26.42 26.22 -0.91
C LEU A 263 -25.99 24.76 -1.00
N THR A 264 -26.58 24.00 -1.93
CA THR A 264 -26.14 22.62 -2.14
C THR A 264 -24.65 22.48 -2.44
N GLY A 265 -24.15 23.35 -3.33
CA GLY A 265 -22.73 23.32 -3.71
C GLY A 265 -21.85 23.83 -2.59
N LEU A 266 -22.30 24.91 -1.96
CA LEU A 266 -21.62 25.50 -0.82
C LEU A 266 -21.38 24.52 0.33
N LEU A 267 -22.42 23.78 0.72
CA LEU A 267 -22.32 22.76 1.76
C LEU A 267 -21.35 21.65 1.38
N PHE A 268 -21.43 21.13 0.14
CA PHE A 268 -20.51 20.09 -0.32
C PHE A 268 -19.09 20.63 -0.26
N MET A 269 -18.91 21.82 -0.81
CA MET A 269 -17.59 22.44 -0.80
C MET A 269 -17.00 22.62 0.63
N TYR A 270 -17.80 23.10 1.56
CA TYR A 270 -17.29 23.35 2.88
C TYR A 270 -17.02 22.07 3.68
N ASN A 271 -17.70 20.98 3.33
CA ASN A 271 -17.49 19.67 3.94
C ASN A 271 -16.12 19.16 3.49
N ARG A 272 -15.63 19.64 2.35
CA ARG A 272 -14.24 19.29 1.98
C ARG A 272 -13.23 20.28 2.55
N PHE A 273 -13.61 21.55 2.54
CA PHE A 273 -12.70 22.61 2.88
C PHE A 273 -12.29 22.44 4.32
N ILE A 274 -13.29 22.26 5.21
CA ILE A 274 -13.09 22.20 6.65
C ILE A 274 -12.21 21.04 7.01
N ALA A 275 -12.49 19.88 6.41
CA ALA A 275 -11.63 18.72 6.60
C ALA A 275 -10.18 19.04 6.21
N ASP A 276 -9.97 19.65 5.04
CA ASP A 276 -8.63 20.00 4.59
C ASP A 276 -7.92 20.93 5.57
N ILE A 277 -8.62 21.97 5.98
CA ILE A 277 -8.08 22.94 6.92
C ILE A 277 -7.78 22.29 8.28
N THR A 278 -8.72 21.50 8.81
CA THR A 278 -8.46 20.73 10.04
C THR A 278 -7.08 20.03 10.02
N ILE A 279 -6.86 19.19 9.00
CA ILE A 279 -5.60 18.50 8.82
C ILE A 279 -4.42 19.46 8.78
N ALA A 280 -4.57 20.50 7.94
CA ALA A 280 -3.53 21.48 7.69
C ALA A 280 -2.96 22.07 8.99
N ILE A 281 -3.84 22.61 9.82
CA ILE A 281 -3.39 23.42 10.93
C ILE A 281 -2.81 22.51 12.02
N ILE A 282 -3.43 21.35 12.27
CA ILE A 282 -2.84 20.33 13.15
C ILE A 282 -1.42 20.00 12.67
N ARG A 283 -1.26 19.86 11.35
CA ARG A 283 0.09 19.55 10.83
C ARG A 283 1.13 20.65 11.17
N LEU A 284 0.73 21.92 11.05
CA LEU A 284 1.52 23.04 11.53
C LEU A 284 1.94 22.87 12.99
N LYS A 285 0.99 22.62 13.90
CA LYS A 285 1.35 22.45 15.30
C LYS A 285 2.11 21.15 15.57
N GLN A 286 2.04 20.19 14.65
CA GLN A 286 2.89 19.02 14.70
C GLN A 286 4.36 19.36 14.41
N ALA A 287 4.59 20.38 13.59
CA ALA A 287 5.94 20.78 13.24
C ALA A 287 6.64 21.33 14.47
N PHE A 288 5.89 22.01 15.34
CA PHE A 288 6.39 22.56 16.59
C PHE A 288 6.64 21.47 17.59
N SER A 289 5.54 20.87 18.05
CA SER A 289 5.57 19.83 19.07
C SER A 289 5.64 18.42 18.44
N GLY A 290 4.48 17.77 18.33
CA GLY A 290 4.36 16.42 17.75
C GLY A 290 2.89 15.99 17.62
N PRO A 291 2.66 14.78 17.09
CA PRO A 291 1.27 14.37 16.81
C PRO A 291 0.37 14.28 18.08
N GLU A 292 0.94 13.93 19.23
CA GLU A 292 0.14 13.82 20.44
C GLU A 292 -0.38 15.17 20.96
N ASP A 293 0.53 16.13 21.12
CA ASP A 293 0.16 17.50 21.55
C ASP A 293 -0.72 18.24 20.55
N ALA A 294 -0.45 18.00 19.28
CA ALA A 294 -1.13 18.68 18.19
C ALA A 294 -2.58 18.26 18.04
N THR A 295 -2.91 17.02 18.42
CA THR A 295 -4.27 16.48 18.28
C THR A 295 -4.96 16.30 19.61
N ALA A 296 -4.36 16.83 20.67
CA ALA A 296 -5.00 16.82 21.98
C ALA A 296 -6.20 17.79 22.06
N ASN A 297 -7.25 17.37 22.78
CA ASN A 297 -8.30 18.30 23.27
C ASN A 297 -7.79 19.05 24.50
N LYS A 298 -7.38 20.29 24.29
CA LYS A 298 -6.82 21.13 25.36
C LYS A 298 -7.85 22.04 26.04
N TYR A 299 -9.14 21.86 25.79
CA TYR A 299 -10.12 22.88 26.24
C TYR A 299 -11.38 22.44 26.95
N THR A 300 -11.96 21.34 26.50
CA THR A 300 -13.19 20.87 27.08
C THR A 300 -12.93 19.44 27.47
N ASN A 301 -12.59 19.27 28.75
CA ASN A 301 -12.23 17.95 29.26
C ASN A 301 -13.07 17.60 30.41
N ARG B 4 -44.96 11.87 0.92
CA ARG B 4 -43.89 12.62 0.19
C ARG B 4 -43.15 11.74 -0.80
N SER B 5 -42.88 12.30 -1.99
CA SER B 5 -42.05 11.66 -3.01
C SER B 5 -40.71 11.15 -2.47
N VAL B 6 -40.28 9.98 -2.93
CA VAL B 6 -39.04 9.35 -2.44
C VAL B 6 -37.76 10.10 -2.89
N LEU B 7 -37.84 10.70 -4.08
CA LEU B 7 -36.85 11.65 -4.61
C LEU B 7 -37.61 12.66 -5.48
N GLY B 8 -37.23 13.93 -5.36
CA GLY B 8 -37.80 14.98 -6.23
C GLY B 8 -36.74 15.59 -7.12
N SER B 9 -37.18 16.32 -8.14
CA SER B 9 -36.27 16.89 -9.14
C SER B 9 -35.44 18.03 -8.58
N PHE B 10 -34.16 18.06 -8.94
CA PHE B 10 -33.26 19.13 -8.51
C PHE B 10 -33.47 20.34 -9.41
N PRO B 11 -33.44 21.56 -8.83
CA PRO B 11 -33.67 22.81 -9.57
C PRO B 11 -32.64 23.09 -10.67
N GLN B 12 -33.13 23.30 -11.91
CA GLN B 12 -32.25 23.47 -13.08
C GLN B 12 -32.99 23.97 -14.30
N VAL B 13 -32.27 24.56 -15.26
CA VAL B 13 -32.84 24.82 -16.59
C VAL B 13 -32.81 23.53 -17.43
N ASP B 14 -33.88 22.74 -17.30
CA ASP B 14 -34.14 21.55 -18.13
C ASP B 14 -33.87 21.85 -19.60
N HIS B 15 -33.53 20.80 -20.34
CA HIS B 15 -33.25 20.96 -21.76
C HIS B 15 -34.30 21.80 -22.45
N HIS B 16 -35.55 21.31 -22.46
CA HIS B 16 -36.66 22.03 -23.13
C HIS B 16 -36.83 23.49 -22.76
N GLN B 17 -36.42 23.86 -21.54
CA GLN B 17 -36.66 25.20 -20.99
C GLN B 17 -35.72 26.28 -21.48
N ALA B 18 -34.57 25.86 -22.02
CA ALA B 18 -33.62 26.84 -22.51
C ALA B 18 -34.27 27.50 -23.69
N LYS B 19 -34.35 28.81 -23.63
CA LYS B 19 -34.91 29.58 -24.72
C LYS B 19 -33.78 30.37 -25.35
N GLY B 20 -33.98 30.71 -26.63
CA GLY B 20 -33.10 31.63 -27.36
C GLY B 20 -31.60 31.49 -27.17
N GLN B 21 -30.98 32.48 -26.53
CA GLN B 21 -29.50 32.61 -26.56
C GLN B 21 -28.79 31.52 -25.75
N LEU B 22 -29.33 31.19 -24.58
CA LEU B 22 -28.94 30.00 -23.82
C LEU B 22 -29.24 28.70 -24.61
N ALA B 23 -30.31 28.68 -25.40
CA ALA B 23 -30.62 27.49 -26.22
C ALA B 23 -29.55 27.26 -27.29
N GLU B 24 -28.97 28.33 -27.82
CA GLU B 24 -27.91 28.16 -28.81
C GLU B 24 -26.69 27.62 -28.12
N VAL B 25 -26.48 28.06 -26.89
CA VAL B 25 -25.37 27.59 -26.08
C VAL B 25 -25.43 26.05 -25.80
N TYR B 26 -26.58 25.56 -25.35
CA TYR B 26 -26.80 24.14 -25.11
C TYR B 26 -26.47 23.32 -26.35
N ASP B 27 -26.74 23.90 -27.51
CA ASP B 27 -26.48 23.22 -28.79
C ASP B 27 -25.01 23.22 -29.17
N ASP B 28 -24.45 24.41 -29.28
CA ASP B 28 -23.04 24.56 -29.48
C ASP B 28 -22.22 23.66 -28.52
N ILE B 29 -22.76 23.35 -27.33
CA ILE B 29 -22.16 22.35 -26.41
C ILE B 29 -22.32 20.92 -26.97
N HIS B 30 -23.55 20.40 -27.02
CA HIS B 30 -23.88 19.19 -27.76
C HIS B 30 -22.90 18.91 -28.89
N ASN B 31 -22.92 19.79 -29.91
CA ASN B 31 -22.17 19.62 -31.14
C ASN B 31 -20.66 19.76 -31.02
N THR B 32 -20.17 20.79 -30.32
CA THR B 32 -18.74 20.98 -30.17
C THR B 32 -18.14 19.79 -29.47
N MET B 33 -18.85 19.23 -28.51
CA MET B 33 -18.31 18.10 -27.72
C MET B 33 -18.70 16.72 -28.25
N ARG B 34 -19.62 16.72 -29.21
CA ARG B 34 -20.03 15.51 -29.87
C ARG B 34 -20.68 14.62 -28.83
N VAL B 35 -21.50 15.22 -27.98
CA VAL B 35 -22.18 14.51 -26.89
C VAL B 35 -23.70 14.70 -26.96
N PRO B 36 -24.45 13.62 -26.68
CA PRO B 36 -25.90 13.55 -26.81
C PRO B 36 -26.68 13.93 -25.53
N TRP B 37 -26.06 14.77 -24.69
CA TRP B 37 -26.72 15.39 -23.52
C TRP B 37 -25.93 16.52 -22.96
N VAL B 38 -26.63 17.57 -22.55
CA VAL B 38 -26.01 18.68 -21.84
C VAL B 38 -25.86 18.34 -20.36
N ALA B 39 -24.66 18.50 -19.81
CA ALA B 39 -24.39 18.02 -18.46
C ALA B 39 -25.37 18.62 -17.47
N PHE B 40 -25.77 17.81 -16.50
CA PHE B 40 -26.49 18.27 -15.30
C PHE B 40 -25.98 19.59 -14.74
N GLY B 41 -24.68 19.63 -14.44
CA GLY B 41 -24.02 20.78 -13.82
C GLY B 41 -24.14 22.08 -14.59
N ILE B 42 -24.15 22.01 -15.93
CA ILE B 42 -24.42 23.19 -16.75
C ILE B 42 -25.91 23.52 -16.58
N ARG B 43 -26.78 22.53 -16.56
CA ARG B 43 -28.21 22.83 -16.52
C ARG B 43 -28.50 23.61 -15.24
N VAL B 44 -28.28 22.98 -14.10
CA VAL B 44 -28.29 23.65 -12.81
C VAL B 44 -27.56 24.97 -12.89
N MET B 45 -26.35 24.99 -13.41
CA MET B 45 -25.56 26.21 -13.30
C MET B 45 -26.03 27.32 -14.22
N SER B 46 -26.96 27.00 -15.12
CA SER B 46 -27.35 27.91 -16.21
C SER B 46 -28.36 28.90 -15.72
N GLN B 47 -29.03 28.52 -14.63
CA GLN B 47 -30.06 29.36 -14.05
C GLN B 47 -29.49 30.67 -13.54
N PHE B 48 -28.17 30.73 -13.36
CA PHE B 48 -27.48 31.98 -13.01
C PHE B 48 -27.25 32.80 -14.26
N PRO B 49 -27.45 34.13 -14.18
CA PRO B 49 -27.27 34.90 -15.40
C PRO B 49 -25.82 34.84 -15.89
N HIS B 50 -25.61 35.00 -17.20
CA HIS B 50 -24.30 35.31 -17.78
C HIS B 50 -23.24 34.22 -17.74
N PHE B 51 -23.15 33.45 -16.66
CA PHE B 51 -21.97 32.60 -16.44
C PHE B 51 -21.74 31.43 -17.40
N ILE B 52 -22.70 30.52 -17.53
CA ILE B 52 -22.53 29.42 -18.49
C ILE B 52 -22.21 29.94 -19.91
N PRO B 53 -22.98 30.95 -20.42
CA PRO B 53 -22.65 31.48 -21.76
C PRO B 53 -21.24 32.04 -21.88
N HIS B 54 -20.65 32.38 -20.76
CA HIS B 54 -19.44 33.15 -20.76
C HIS B 54 -18.25 32.36 -20.55
N ALA B 55 -18.45 31.37 -19.70
CA ALA B 55 -17.45 30.43 -19.41
C ALA B 55 -17.40 29.58 -20.65
N TRP B 56 -18.54 29.27 -21.24
CA TRP B 56 -18.53 28.45 -22.45
C TRP B 56 -17.80 29.07 -23.63
N ALA B 57 -17.99 30.37 -23.84
CA ALA B 57 -17.27 31.07 -24.90
C ALA B 57 -15.75 30.96 -24.72
N ALA B 58 -15.27 30.86 -23.48
CA ALA B 58 -13.82 30.80 -23.32
C ALA B 58 -13.32 29.36 -23.45
N LEU B 59 -14.16 28.39 -23.09
CA LEU B 59 -13.81 26.99 -23.22
C LEU B 59 -13.78 26.55 -24.67
N LYS B 60 -14.70 27.12 -25.46
CA LYS B 60 -15.05 26.64 -26.82
C LYS B 60 -13.85 26.28 -27.69
N PRO B 61 -13.02 27.27 -28.07
CA PRO B 61 -11.86 26.99 -28.93
C PRO B 61 -10.82 26.08 -28.30
N ASN B 62 -10.81 25.96 -26.98
CA ASN B 62 -9.89 25.05 -26.28
C ASN B 62 -10.36 23.59 -26.24
N ILE B 63 -11.65 23.35 -26.01
CA ILE B 63 -12.13 21.98 -25.83
C ILE B 63 -12.38 21.29 -27.17
N GLU B 64 -12.32 22.08 -28.24
CA GLU B 64 -12.66 21.60 -29.54
C GLU B 64 -11.43 21.03 -30.24
N THR B 65 -10.25 21.31 -29.69
CA THR B 65 -8.97 20.86 -30.25
C THR B 65 -8.70 19.39 -30.00
N ARG B 66 -7.88 18.81 -30.86
CA ARG B 66 -7.45 17.41 -30.76
C ARG B 66 -6.69 17.17 -29.46
N TYR B 67 -6.07 18.24 -28.96
CA TYR B 67 -5.27 18.22 -27.74
C TYR B 67 -6.18 17.94 -26.57
N ALA B 68 -7.26 18.71 -26.50
CA ALA B 68 -8.27 18.50 -25.49
C ALA B 68 -8.90 17.12 -25.63
N GLU B 69 -9.03 16.61 -26.86
CA GLU B 69 -9.56 15.25 -27.00
C GLU B 69 -8.57 14.23 -26.40
N ASP B 70 -7.27 14.43 -26.58
CA ASP B 70 -6.27 13.53 -25.92
C ASP B 70 -6.39 13.51 -24.39
N GLY B 71 -6.64 14.73 -23.83
CA GLY B 71 -6.95 14.96 -22.43
C GLY B 71 -8.07 14.07 -21.94
N ALA B 72 -9.21 14.18 -22.61
CA ALA B 72 -10.36 13.32 -22.32
C ALA B 72 -9.95 11.84 -22.37
N ASP B 73 -9.24 11.44 -23.42
CA ASP B 73 -8.83 10.05 -23.54
C ASP B 73 -7.96 9.59 -22.34
N LEU B 74 -7.13 10.47 -21.79
CA LEU B 74 -6.24 10.11 -20.69
C LEU B 74 -7.01 9.82 -19.40
N ILE B 75 -7.92 10.74 -19.11
CA ILE B 75 -8.86 10.60 -18.02
C ILE B 75 -9.61 9.29 -18.17
N ARG B 76 -10.13 9.04 -19.37
CA ARG B 76 -10.96 7.85 -19.60
C ARG B 76 -10.09 6.63 -19.32
N LEU B 77 -8.83 6.70 -19.74
CA LEU B 77 -7.96 5.52 -19.69
C LEU B 77 -7.59 5.21 -18.25
N ASN B 78 -7.58 6.25 -17.43
CA ASN B 78 -7.09 6.12 -16.07
C ASN B 78 -8.21 6.09 -15.03
N SER B 79 -9.45 5.93 -15.50
CA SER B 79 -10.60 5.91 -14.64
C SER B 79 -10.93 4.56 -13.99
N ILE B 80 -10.12 3.52 -14.24
CA ILE B 80 -10.41 2.17 -13.68
C ILE B 80 -10.04 2.02 -12.19
N VAL B 81 -10.99 1.55 -11.40
CA VAL B 81 -10.71 1.34 -9.98
C VAL B 81 -10.02 -0.01 -9.70
N PRO B 82 -8.98 0.01 -8.87
CA PRO B 82 -8.40 -1.28 -8.58
C PRO B 82 -9.15 -2.02 -7.49
N GLY B 83 -10.47 -2.20 -7.66
CA GLY B 83 -11.33 -2.89 -6.67
C GLY B 83 -11.64 -4.35 -6.97
N PRO B 84 -12.63 -4.94 -6.27
CA PRO B 84 -13.04 -6.34 -6.53
C PRO B 84 -13.33 -6.65 -8.01
N VAL B 85 -13.21 -7.92 -8.40
CA VAL B 85 -13.59 -8.31 -9.76
C VAL B 85 -15.09 -8.51 -9.81
N MET B 86 -15.75 -7.89 -10.78
CA MET B 86 -17.23 -7.89 -10.88
C MET B 86 -17.73 -9.00 -11.81
N PRO B 87 -18.88 -9.67 -11.49
CA PRO B 87 -19.47 -10.63 -12.41
C PRO B 87 -20.10 -9.90 -13.59
N ASN B 88 -20.27 -10.59 -14.73
CA ASN B 88 -20.93 -10.01 -15.91
C ASN B 88 -22.41 -9.99 -15.62
N PRO B 89 -23.10 -8.86 -15.92
CA PRO B 89 -24.56 -8.86 -15.70
C PRO B 89 -25.40 -9.44 -16.90
N THR B 90 -24.77 -9.62 -18.06
CA THR B 90 -25.42 -10.21 -19.22
C THR B 90 -26.23 -11.46 -18.87
N PRO B 91 -25.65 -12.47 -18.16
CA PRO B 91 -26.55 -13.57 -17.80
C PRO B 91 -27.74 -13.09 -16.95
N LYS B 92 -27.48 -12.14 -16.05
CA LYS B 92 -28.54 -11.69 -15.20
C LYS B 92 -29.69 -11.10 -16.03
N LEU B 93 -29.38 -10.25 -16.99
CA LEU B 93 -30.42 -9.57 -17.77
C LEU B 93 -31.17 -10.49 -18.72
N LEU B 94 -30.46 -11.49 -19.25
CA LEU B 94 -31.08 -12.58 -20.04
C LEU B 94 -32.10 -13.31 -19.21
N ARG B 95 -31.82 -13.49 -17.93
CA ARG B 95 -32.70 -14.24 -17.05
C ARG B 95 -33.93 -13.40 -16.73
N LEU B 96 -33.85 -12.10 -17.00
CA LEU B 96 -35.01 -11.24 -16.90
C LEU B 96 -35.67 -11.09 -18.27
N GLY B 97 -35.32 -11.98 -19.20
CA GLY B 97 -35.87 -11.94 -20.55
C GLY B 97 -35.44 -10.81 -21.45
N TRP B 98 -34.42 -10.04 -21.07
CA TRP B 98 -33.88 -9.03 -21.99
C TRP B 98 -33.37 -9.70 -23.21
N THR B 99 -33.67 -9.16 -24.38
CA THR B 99 -33.08 -9.73 -25.59
C THR B 99 -31.69 -9.16 -25.79
N GLU B 100 -30.80 -9.91 -26.46
CA GLU B 100 -29.46 -9.41 -26.75
C GLU B 100 -29.53 -8.02 -27.35
N SER B 101 -30.54 -7.82 -28.15
CA SER B 101 -30.74 -6.56 -28.81
C SER B 101 -30.98 -5.42 -27.77
N LYS B 102 -31.84 -5.68 -26.77
CA LYS B 102 -32.09 -4.71 -25.69
C LYS B 102 -30.83 -4.46 -24.86
N ILE B 103 -30.17 -5.56 -24.48
CA ILE B 103 -28.87 -5.52 -23.84
C ILE B 103 -27.86 -4.68 -24.63
N GLU B 104 -27.84 -4.84 -25.96
CA GLU B 104 -26.90 -4.08 -26.80
C GLU B 104 -27.27 -2.61 -26.80
N GLU B 105 -28.55 -2.32 -26.61
CA GLU B 105 -29.02 -0.94 -26.44
C GLU B 105 -28.49 -0.25 -25.16
N LEU B 106 -28.48 -1.00 -24.06
CA LEU B 106 -27.87 -0.57 -22.82
C LEU B 106 -26.34 -0.30 -22.93
N LYS B 107 -25.62 -1.22 -23.58
CA LYS B 107 -24.20 -1.05 -23.76
C LYS B 107 -23.84 0.14 -24.65
N THR B 108 -24.61 0.36 -25.72
CA THR B 108 -24.41 1.54 -26.54
C THR B 108 -24.55 2.78 -25.67
N ALA B 109 -25.57 2.79 -24.79
CA ALA B 109 -25.85 3.97 -23.98
C ALA B 109 -24.70 4.20 -23.02
N LEU B 110 -24.27 3.12 -22.35
CA LEU B 110 -23.08 3.11 -21.53
C LEU B 110 -21.91 3.64 -22.33
N ASP B 111 -21.66 3.13 -23.54
CA ASP B 111 -20.58 3.71 -24.34
C ASP B 111 -20.73 5.22 -24.49
N LEU B 112 -21.94 5.71 -24.72
CA LEU B 112 -22.10 7.16 -24.98
C LEU B 112 -21.86 7.99 -23.74
N LEU B 113 -22.34 7.49 -22.61
CA LEU B 113 -22.06 8.14 -21.35
C LEU B 113 -20.55 8.16 -21.07
N ASN B 114 -19.91 7.00 -21.28
CA ASN B 114 -18.47 6.87 -21.16
C ASN B 114 -17.70 7.70 -22.17
N TYR B 115 -18.22 7.89 -23.40
CA TYR B 115 -17.53 8.81 -24.29
C TYR B 115 -17.51 10.19 -23.64
N GLY B 116 -18.69 10.69 -23.24
CA GLY B 116 -18.86 12.08 -22.75
C GLY B 116 -18.44 12.53 -21.34
N ASN B 117 -18.53 11.65 -20.35
CA ASN B 117 -18.16 12.04 -18.96
C ASN B 117 -16.72 12.57 -18.84
N PRO B 118 -15.71 11.87 -19.43
CA PRO B 118 -14.35 12.38 -19.48
C PRO B 118 -14.25 13.76 -20.12
N LYS B 119 -14.91 14.00 -21.24
CA LYS B 119 -14.85 15.36 -21.80
C LYS B 119 -15.40 16.41 -20.79
N TYR B 120 -16.47 16.00 -20.07
CA TYR B 120 -17.13 16.91 -19.12
C TYR B 120 -16.26 17.24 -17.92
N LEU B 121 -15.38 16.29 -17.58
CA LEU B 121 -14.49 16.48 -16.47
C LEU B 121 -13.53 17.55 -16.88
N ILE B 122 -13.22 17.58 -18.18
CA ILE B 122 -12.33 18.60 -18.72
C ILE B 122 -13.03 19.92 -18.62
N LEU B 123 -14.27 19.96 -19.07
CA LEU B 123 -15.07 21.19 -19.00
C LEU B 123 -15.07 21.78 -17.57
N ILE B 124 -15.46 20.96 -16.60
CA ILE B 124 -15.69 21.42 -15.26
C ILE B 124 -14.37 21.85 -14.60
N THR B 125 -13.27 21.20 -14.99
CA THR B 125 -11.94 21.58 -14.52
C THR B 125 -11.57 22.96 -15.05
N ALA B 126 -11.83 23.19 -16.33
CA ALA B 126 -11.54 24.50 -16.90
C ALA B 126 -12.39 25.55 -16.18
N PHE B 127 -13.70 25.33 -16.08
CA PHE B 127 -14.53 26.28 -15.40
C PHE B 127 -14.03 26.50 -13.98
N ASN B 128 -13.79 25.44 -13.21
CA ASN B 128 -13.44 25.62 -11.78
C ASN B 128 -12.14 26.34 -11.61
N GLU B 129 -11.12 25.94 -12.35
CA GLU B 129 -9.83 26.57 -12.19
C GLU B 129 -9.79 28.04 -12.60
N ALA B 130 -10.43 28.36 -13.73
CA ALA B 130 -10.39 29.72 -14.32
C ALA B 130 -11.02 30.75 -13.39
N TRP B 131 -12.08 30.29 -12.72
CA TRP B 131 -12.88 31.01 -11.76
C TRP B 131 -12.01 31.55 -10.64
N HIS B 132 -11.06 30.74 -10.18
CA HIS B 132 -10.10 31.11 -9.14
C HIS B 132 -8.81 31.63 -9.69
N GLU B 133 -8.84 32.02 -10.97
CA GLU B 133 -7.69 32.58 -11.66
C GLU B 133 -6.50 31.66 -11.67
N ARG B 134 -6.73 30.36 -11.46
CA ARG B 134 -5.62 29.43 -11.57
C ARG B 134 -5.43 29.05 -13.05
N ASP B 135 -4.33 28.35 -13.32
CA ASP B 135 -3.86 28.11 -14.66
C ASP B 135 -4.76 27.17 -15.51
N THR B 136 -5.37 27.74 -16.55
CA THR B 136 -6.13 27.00 -17.57
C THR B 136 -5.80 27.38 -19.01
N GLY B 137 -4.75 28.18 -19.22
CA GLY B 137 -4.37 28.50 -20.59
C GLY B 137 -3.66 29.81 -20.74
N GLY B 138 -2.81 29.87 -21.77
CA GLY B 138 -2.04 31.09 -22.08
C GLY B 138 -0.68 31.26 -21.40
N ARG B 139 -0.39 30.44 -20.42
CA ARG B 139 0.85 30.64 -19.66
C ARG B 139 2.03 29.91 -20.29
N ALA B 140 1.72 28.94 -21.13
CA ALA B 140 2.72 28.04 -21.71
C ALA B 140 3.70 28.82 -22.58
N PRO B 141 4.92 28.27 -22.77
CA PRO B 141 5.86 29.00 -23.65
C PRO B 141 5.33 29.14 -25.11
N GLN B 142 5.27 28.05 -25.87
CA GLN B 142 4.71 28.10 -27.23
C GLN B 142 3.31 27.46 -27.32
N LYS B 143 2.55 27.94 -28.29
CA LYS B 143 1.18 27.48 -28.54
C LYS B 143 1.08 26.06 -29.16
N LEU B 144 -0.12 25.50 -29.07
CA LEU B 144 -0.47 24.25 -29.75
C LEU B 144 -0.05 24.26 -31.22
N ARG B 145 0.53 23.15 -31.65
CA ARG B 145 1.16 23.04 -32.96
C ARG B 145 0.80 21.67 -33.51
N GLY B 146 0.70 21.57 -34.84
CA GLY B 146 0.52 20.28 -35.48
C GLY B 146 -0.83 19.65 -35.22
N ARG B 147 -0.82 18.33 -35.08
CA ARG B 147 -2.01 17.56 -34.77
C ARG B 147 -2.84 18.16 -33.61
N ASP B 148 -2.16 18.61 -32.56
CA ASP B 148 -2.79 19.26 -31.40
C ASP B 148 -3.82 20.35 -31.75
N ALA B 149 -3.46 21.29 -32.62
CA ALA B 149 -4.31 22.46 -32.86
C ALA B 149 -5.60 22.19 -33.66
N GLU B 150 -5.71 21.03 -34.29
CA GLU B 150 -6.80 20.83 -35.23
C GLU B 150 -8.17 20.75 -34.54
N ARG B 151 -9.23 21.22 -35.19
CA ARG B 151 -10.58 21.00 -34.66
C ARG B 151 -11.05 19.56 -34.93
N ILE B 152 -11.54 18.92 -33.89
CA ILE B 152 -12.23 17.64 -33.97
C ILE B 152 -13.52 17.87 -34.81
N PRO B 153 -14.24 16.80 -35.19
CA PRO B 153 -15.46 17.06 -35.96
C PRO B 153 -16.54 17.84 -35.17
N TYR B 154 -17.30 18.71 -35.84
CA TYR B 154 -18.48 19.33 -35.22
C TYR B 154 -19.70 18.41 -35.38
N GLY B 155 -20.63 18.46 -34.44
CA GLY B 155 -21.83 17.60 -34.50
C GLY B 155 -21.70 16.25 -33.79
N LEU B 156 -22.85 15.66 -33.50
CA LEU B 156 -22.90 14.34 -32.91
C LEU B 156 -22.34 13.33 -33.89
N PRO B 157 -21.78 12.21 -33.39
CA PRO B 157 -21.28 11.18 -34.31
C PRO B 157 -22.42 10.60 -35.12
N ASN B 158 -22.08 9.82 -36.15
CA ASN B 158 -23.09 9.22 -37.03
C ASN B 158 -24.01 8.27 -36.28
N SER B 159 -25.32 8.50 -36.44
CA SER B 159 -26.36 7.63 -35.85
C SER B 159 -26.47 7.81 -34.33
N VAL B 160 -25.98 8.93 -33.84
CA VAL B 160 -26.10 9.22 -32.43
C VAL B 160 -27.22 10.26 -32.23
N GLU B 161 -28.31 9.82 -31.63
CA GLU B 161 -29.45 10.70 -31.34
C GLU B 161 -29.24 11.30 -29.96
N LYS B 162 -29.70 12.54 -29.76
CA LYS B 162 -29.78 13.18 -28.44
C LYS B 162 -30.60 12.36 -27.44
N PHE B 163 -30.06 12.19 -26.24
CA PHE B 163 -30.79 11.55 -25.14
C PHE B 163 -31.97 12.40 -24.66
N ASN B 164 -33.01 11.73 -24.16
CA ASN B 164 -34.03 12.39 -23.37
C ASN B 164 -33.94 11.86 -21.94
N LEU B 165 -33.68 12.77 -21.02
CA LEU B 165 -33.68 12.45 -19.61
C LEU B 165 -35.08 11.98 -19.21
N LEU B 166 -35.19 10.97 -18.37
CA LEU B 166 -36.49 10.58 -17.80
C LEU B 166 -36.98 11.61 -16.75
N ASP B 167 -38.27 11.91 -16.78
CA ASP B 167 -38.96 12.78 -15.81
C ASP B 167 -38.96 12.07 -14.46
N ILE B 168 -38.32 12.66 -13.46
CA ILE B 168 -38.24 11.99 -12.14
C ILE B 168 -39.57 11.97 -11.38
N GLU B 169 -40.22 13.14 -11.32
CA GLU B 169 -41.57 13.27 -10.75
C GLU B 169 -42.49 12.18 -11.25
N LYS B 170 -42.58 12.03 -12.58
CA LYS B 170 -43.51 11.08 -13.20
C LYS B 170 -43.15 9.59 -13.02
N ALA B 171 -41.85 9.31 -12.94
CA ALA B 171 -41.28 7.95 -12.82
C ALA B 171 -41.80 7.10 -11.65
N SER B 172 -41.62 5.78 -11.73
CA SER B 172 -42.10 4.86 -10.68
C SER B 172 -41.45 5.10 -9.32
N ASP B 173 -41.95 4.41 -8.29
CA ASP B 173 -41.22 4.30 -7.03
C ASP B 173 -39.86 3.58 -7.21
N ARG B 174 -39.85 2.56 -8.07
CA ARG B 174 -38.70 1.68 -8.24
C ARG B 174 -37.57 2.43 -8.93
N THR B 175 -37.84 3.10 -10.05
CA THR B 175 -36.91 4.03 -10.66
C THR B 175 -36.37 5.03 -9.62
N GLN B 176 -37.27 5.58 -8.80
CA GLN B 176 -36.90 6.59 -7.82
C GLN B 176 -36.06 5.97 -6.74
N THR B 177 -36.46 4.81 -6.23
CA THR B 177 -35.69 4.17 -5.13
C THR B 177 -34.26 3.95 -5.59
N VAL B 178 -34.09 3.23 -6.70
CA VAL B 178 -32.76 2.83 -7.15
C VAL B 178 -31.88 4.06 -7.47
N LEU B 179 -32.47 5.10 -8.04
CA LEU B 179 -31.70 6.31 -8.32
C LEU B 179 -31.26 7.00 -7.02
N ARG B 180 -32.18 7.12 -6.08
CA ARG B 180 -31.95 7.71 -4.78
C ARG B 180 -30.88 6.92 -4.04
N ASP B 181 -31.02 5.61 -3.98
CA ASP B 181 -29.98 4.75 -3.44
C ASP B 181 -28.58 5.00 -4.04
N ILE B 182 -28.56 5.26 -5.36
CA ILE B 182 -27.32 5.49 -6.12
C ILE B 182 -26.74 6.86 -5.78
N ARG B 183 -27.60 7.88 -5.78
CA ARG B 183 -27.19 9.16 -5.28
C ARG B 183 -26.57 9.06 -3.87
N ASP B 184 -27.27 8.44 -2.93
CA ASP B 184 -26.81 8.46 -1.56
C ASP B 184 -25.65 7.56 -1.30
N ALA B 185 -25.51 6.50 -2.07
CA ALA B 185 -24.36 5.62 -1.88
C ALA B 185 -23.03 6.37 -2.06
N PHE B 186 -23.01 7.46 -2.83
CA PHE B 186 -21.79 8.20 -3.05
C PHE B 186 -21.78 9.55 -2.32
N LEU B 187 -22.85 9.83 -1.58
CA LEU B 187 -23.01 11.12 -0.89
C LEU B 187 -23.24 12.28 -1.88
N HIS B 188 -23.96 12.01 -2.95
CA HIS B 188 -24.07 12.98 -4.00
C HIS B 188 -25.30 13.77 -3.80
N HIS B 189 -25.54 14.75 -4.66
CA HIS B 189 -26.64 15.70 -4.47
C HIS B 189 -27.89 15.36 -5.21
N GLY B 190 -27.74 14.67 -6.32
CA GLY B 190 -28.86 14.24 -7.14
C GLY B 190 -28.40 13.14 -8.07
N PRO B 191 -29.33 12.57 -8.86
CA PRO B 191 -28.83 11.57 -9.81
C PRO B 191 -28.26 12.28 -11.04
N ALA B 192 -27.20 11.70 -11.58
CA ALA B 192 -26.58 12.20 -12.80
C ALA B 192 -27.55 12.07 -13.98
N SER B 193 -27.46 13.00 -14.93
CA SER B 193 -28.07 12.77 -16.24
C SER B 193 -27.91 11.30 -16.56
N ASN B 194 -26.73 10.77 -16.26
CA ASN B 194 -26.41 9.40 -16.65
C ASN B 194 -27.49 8.45 -16.18
N TYR B 195 -27.90 8.61 -14.93
CA TYR B 195 -28.91 7.76 -14.35
C TYR B 195 -30.36 8.15 -14.70
N ARG B 196 -30.56 9.40 -15.10
CA ARG B 196 -31.83 9.76 -15.73
C ARG B 196 -31.89 9.18 -17.17
N VAL B 197 -30.75 8.72 -17.72
CA VAL B 197 -30.78 7.96 -18.98
C VAL B 197 -31.00 6.48 -18.66
N LEU B 198 -30.11 5.94 -17.86
CA LEU B 198 -30.11 4.54 -17.51
C LEU B 198 -31.35 4.12 -16.70
N GLY B 199 -31.98 5.08 -16.06
CA GLY B 199 -33.13 4.77 -15.22
C GLY B 199 -34.47 4.40 -15.89
N VAL B 200 -34.51 4.36 -17.23
CA VAL B 200 -35.58 3.69 -17.98
C VAL B 200 -35.49 2.19 -17.69
N TRP B 201 -34.38 1.76 -17.09
CA TRP B 201 -34.09 0.35 -16.88
C TRP B 201 -33.80 0.06 -15.45
N PRO B 202 -34.78 0.29 -14.57
CA PRO B 202 -34.34 0.21 -13.16
C PRO B 202 -33.94 -1.19 -12.71
N ASP B 203 -34.40 -2.23 -13.41
CA ASP B 203 -33.98 -3.60 -13.03
C ASP B 203 -32.48 -3.81 -13.16
N TYR B 204 -31.89 -3.15 -14.15
CA TYR B 204 -30.49 -3.21 -14.37
C TYR B 204 -29.74 -2.38 -13.36
N LEU B 205 -30.19 -1.14 -13.16
CA LEU B 205 -29.50 -0.21 -12.26
C LEU B 205 -29.41 -0.89 -10.90
N GLU B 206 -30.48 -1.58 -10.54
CA GLU B 206 -30.47 -2.35 -9.31
C GLU B 206 -29.31 -3.33 -9.27
N ILE B 207 -29.12 -4.09 -10.35
CA ILE B 207 -28.00 -5.03 -10.45
C ILE B 207 -26.69 -4.24 -10.42
N ALA B 208 -26.61 -3.23 -11.28
CA ALA B 208 -25.47 -2.33 -11.33
C ALA B 208 -25.02 -1.90 -9.90
N LEU B 209 -25.89 -1.20 -9.15
CA LEU B 209 -25.59 -0.87 -7.74
C LEU B 209 -25.10 -2.04 -6.85
N ARG B 210 -25.79 -3.17 -6.88
CA ARG B 210 -25.37 -4.27 -6.01
CA ARG B 210 -25.44 -4.31 -6.05
C ARG B 210 -24.07 -4.89 -6.47
N ASP B 211 -23.90 -5.05 -7.77
CA ASP B 211 -22.69 -5.66 -8.34
C ASP B 211 -21.46 -4.74 -8.48
N SER B 212 -21.69 -3.53 -8.95
CA SER B 212 -20.58 -2.74 -9.39
C SER B 212 -20.30 -1.51 -8.53
N LEU B 213 -21.35 -0.81 -8.11
CA LEU B 213 -21.14 0.49 -7.47
C LEU B 213 -21.02 0.43 -5.94
N ALA B 214 -21.96 -0.24 -5.29
CA ALA B 214 -21.96 -0.26 -3.83
C ALA B 214 -20.72 -0.96 -3.20
N PRO B 215 -20.10 -1.91 -3.92
CA PRO B 215 -18.97 -2.49 -3.17
C PRO B 215 -17.74 -1.58 -3.19
N VAL B 216 -17.74 -0.56 -4.06
CA VAL B 216 -16.60 0.40 -4.10
C VAL B 216 -16.92 1.81 -3.67
N ALA B 217 -18.20 2.11 -3.43
CA ALA B 217 -18.56 3.47 -2.98
C ALA B 217 -17.80 3.91 -1.69
N LEU B 218 -17.23 5.11 -1.79
CA LEU B 218 -16.50 5.76 -0.73
C LEU B 218 -15.29 5.01 -0.27
N SER B 219 -14.77 4.06 -1.04
CA SER B 219 -13.54 3.37 -0.62
C SER B 219 -12.32 4.19 -0.97
N ALA B 220 -11.20 3.89 -0.32
CA ALA B 220 -9.93 4.50 -0.64
C ALA B 220 -9.64 4.36 -2.13
N GLU B 221 -9.78 3.16 -2.68
CA GLU B 221 -9.49 2.87 -4.11
C GLU B 221 -10.36 3.67 -5.05
N TYR B 222 -11.65 3.78 -4.75
CA TYR B 222 -12.51 4.63 -5.56
C TYR B 222 -12.09 6.10 -5.41
N ASP B 223 -11.83 6.57 -4.19
CA ASP B 223 -11.50 8.00 -4.01
C ASP B 223 -10.11 8.41 -4.59
N GLU B 224 -9.14 7.49 -4.52
CA GLU B 224 -7.81 7.67 -5.07
C GLU B 224 -7.89 7.72 -6.58
N THR B 225 -8.73 6.85 -7.16
CA THR B 225 -8.96 6.86 -8.62
C THR B 225 -9.47 8.25 -9.06
N ALA B 226 -10.48 8.77 -8.37
CA ALA B 226 -10.93 10.17 -8.57
C ALA B 226 -9.85 11.26 -8.48
N ARG B 227 -8.94 11.16 -7.49
CA ARG B 227 -7.83 12.10 -7.35
C ARG B 227 -6.94 12.03 -8.59
N ARG B 228 -6.68 10.79 -9.01
CA ARG B 228 -5.82 10.48 -10.15
C ARG B 228 -6.40 11.07 -11.41
N ILE B 229 -7.67 10.81 -11.66
CA ILE B 229 -8.22 11.38 -12.84
C ILE B 229 -8.35 12.88 -12.72
N ARG B 230 -8.82 13.40 -11.59
CA ARG B 230 -8.92 14.87 -11.44
C ARG B 230 -7.58 15.54 -11.71
N LYS B 231 -6.49 14.84 -11.34
CA LYS B 231 -5.16 15.38 -11.54
C LYS B 231 -4.77 15.44 -13.00
N ILE B 232 -4.95 14.34 -13.71
CA ILE B 232 -4.72 14.35 -15.14
C ILE B 232 -5.39 15.57 -15.77
N ALA B 233 -6.66 15.77 -15.44
CA ALA B 233 -7.46 16.87 -15.97
C ALA B 233 -6.93 18.25 -15.57
N ARG B 234 -6.42 18.37 -14.36
CA ARG B 234 -5.92 19.67 -13.92
C ARG B 234 -4.61 20.03 -14.65
N GLU B 235 -3.71 19.04 -14.85
CA GLU B 235 -2.46 19.19 -15.63
CA GLU B 235 -2.48 19.28 -15.61
C GLU B 235 -2.73 19.46 -17.12
N HIS B 236 -3.79 18.87 -17.67
CA HIS B 236 -4.02 18.96 -19.10
C HIS B 236 -4.48 20.32 -19.55
N VAL B 237 -5.38 20.93 -18.81
CA VAL B 237 -5.90 22.22 -19.22
C VAL B 237 -4.80 23.29 -19.19
N LYS B 238 -3.69 23.01 -18.51
CA LYS B 238 -2.56 23.96 -18.50
C LYS B 238 -1.92 24.15 -19.88
N GLY B 239 -2.16 23.20 -20.79
CA GLY B 239 -1.61 23.27 -22.15
C GLY B 239 -2.48 24.01 -23.17
N PHE B 240 -3.63 24.54 -22.74
CA PHE B 240 -4.47 25.36 -23.60
C PHE B 240 -3.79 26.65 -24.11
N ASP B 241 -4.19 27.13 -25.28
CA ASP B 241 -3.55 28.32 -25.85
C ASP B 241 -3.93 29.62 -25.15
N LYS B 242 -5.10 29.62 -24.50
CA LYS B 242 -5.60 30.76 -23.72
C LYS B 242 -6.61 30.28 -22.65
N PRO B 243 -6.89 31.10 -21.62
CA PRO B 243 -7.76 30.67 -20.54
C PRO B 243 -9.04 30.05 -21.05
N ALA B 244 -9.48 28.98 -20.41
CA ALA B 244 -10.63 28.21 -20.85
C ALA B 244 -11.86 28.41 -19.93
N GLY B 245 -11.96 29.61 -19.36
CA GLY B 245 -13.09 29.89 -18.48
C GLY B 245 -13.09 31.32 -18.02
N VAL B 246 -13.92 31.65 -17.03
CA VAL B 246 -13.93 33.02 -16.48
C VAL B 246 -13.71 33.10 -14.98
N ALA B 247 -13.08 34.19 -14.57
CA ALA B 247 -12.67 34.46 -13.20
C ALA B 247 -13.79 35.17 -12.48
N TRP B 248 -14.10 34.78 -11.25
CA TRP B 248 -15.21 35.45 -10.55
C TRP B 248 -14.98 36.90 -10.36
N ARG B 249 -13.71 37.30 -10.24
CA ARG B 249 -13.38 38.73 -10.09
C ARG B 249 -13.75 39.56 -11.31
N ASP B 250 -13.86 38.94 -12.46
CA ASP B 250 -14.18 39.71 -13.65
C ASP B 250 -15.68 39.77 -13.89
N MET B 251 -16.42 39.02 -13.06
CA MET B 251 -17.83 38.79 -13.26
C MET B 251 -18.66 39.63 -12.31
N THR B 252 -18.03 40.54 -11.57
CA THR B 252 -18.72 41.25 -10.48
C THR B 252 -19.76 42.26 -10.94
N GLU B 253 -19.62 42.81 -12.13
CA GLU B 253 -20.72 43.59 -12.69
C GLU B 253 -21.88 42.66 -13.01
N LYS B 254 -21.60 41.39 -13.31
CA LYS B 254 -22.62 40.51 -13.88
C LYS B 254 -23.31 39.58 -12.91
N LEU B 255 -22.79 39.50 -11.70
CA LEU B 255 -23.28 38.58 -10.66
C LEU B 255 -23.30 39.18 -9.24
N SER B 256 -24.36 38.92 -8.50
CA SER B 256 -24.40 39.43 -7.13
C SER B 256 -23.48 38.57 -6.28
N ALA B 257 -22.87 39.18 -5.27
CA ALA B 257 -22.20 38.43 -4.19
C ALA B 257 -22.78 37.03 -3.91
N GLU B 258 -24.08 36.97 -3.66
CA GLU B 258 -24.76 35.72 -3.32
C GLU B 258 -24.55 34.66 -4.38
N GLN B 259 -24.64 35.06 -5.64
CA GLN B 259 -24.54 34.10 -6.73
C GLN B 259 -23.09 33.71 -6.97
N ILE B 260 -22.17 34.67 -6.89
CA ILE B 260 -20.77 34.36 -6.97
C ILE B 260 -20.40 33.27 -5.97
N ALA B 261 -20.96 33.38 -4.76
CA ALA B 261 -20.81 32.37 -3.70
C ALA B 261 -21.48 31.02 -4.08
N GLY B 262 -22.76 31.08 -4.44
CA GLY B 262 -23.46 29.88 -4.92
C GLY B 262 -22.72 29.14 -6.03
N LEU B 263 -22.13 29.88 -6.96
CA LEU B 263 -21.41 29.28 -8.08
C LEU B 263 -20.05 28.68 -7.70
N THR B 264 -19.26 29.43 -6.93
CA THR B 264 -18.05 28.92 -6.29
C THR B 264 -18.28 27.50 -5.75
N GLY B 265 -19.40 27.34 -5.06
CA GLY B 265 -19.75 26.06 -4.46
C GLY B 265 -20.10 25.02 -5.50
N LEU B 266 -21.05 25.36 -6.38
CA LEU B 266 -21.51 24.44 -7.43
C LEU B 266 -20.35 23.98 -8.32
N LEU B 267 -19.43 24.91 -8.61
CA LEU B 267 -18.28 24.59 -9.43
C LEU B 267 -17.48 23.51 -8.71
N PHE B 268 -17.04 23.77 -7.48
CA PHE B 268 -16.32 22.77 -6.73
C PHE B 268 -17.07 21.44 -6.70
N MET B 269 -18.34 21.50 -6.32
CA MET B 269 -19.18 20.30 -6.19
C MET B 269 -19.26 19.48 -7.49
N TYR B 270 -19.52 20.11 -8.62
CA TYR B 270 -19.52 19.38 -9.90
C TYR B 270 -18.15 18.89 -10.37
N ASN B 271 -17.08 19.58 -9.99
CA ASN B 271 -15.76 19.10 -10.30
C ASN B 271 -15.56 17.75 -9.62
N ARG B 272 -16.08 17.58 -8.42
CA ARG B 272 -15.98 16.28 -7.74
C ARG B 272 -17.01 15.32 -8.32
N PHE B 273 -18.22 15.83 -8.52
CA PHE B 273 -19.34 15.02 -8.95
C PHE B 273 -19.02 14.37 -10.28
N ILE B 274 -18.70 15.18 -11.30
CA ILE B 274 -18.43 14.69 -12.65
C ILE B 274 -17.37 13.61 -12.67
N ALA B 275 -16.32 13.82 -11.88
CA ALA B 275 -15.23 12.86 -11.73
C ALA B 275 -15.72 11.55 -11.13
N ASP B 276 -16.56 11.61 -10.11
CA ASP B 276 -17.08 10.38 -9.50
C ASP B 276 -17.92 9.56 -10.49
N ILE B 277 -18.72 10.26 -11.30
CA ILE B 277 -19.64 9.66 -12.25
C ILE B 277 -18.90 9.07 -13.49
N THR B 278 -17.92 9.81 -13.98
CA THR B 278 -17.04 9.31 -15.02
C THR B 278 -16.54 7.92 -14.69
N ILE B 279 -16.06 7.77 -13.45
CA ILE B 279 -15.55 6.52 -12.94
C ILE B 279 -16.68 5.52 -12.81
N ALA B 280 -17.87 5.98 -12.43
CA ALA B 280 -18.95 5.01 -12.13
C ALA B 280 -19.40 4.31 -13.38
N ILE B 281 -19.75 5.12 -14.37
CA ILE B 281 -20.31 4.59 -15.57
C ILE B 281 -19.28 3.79 -16.35
N ILE B 282 -18.01 4.21 -16.28
CA ILE B 282 -16.96 3.35 -16.83
C ILE B 282 -16.99 1.99 -16.11
N ARG B 283 -17.01 2.01 -14.78
CA ARG B 283 -17.05 0.76 -14.04
C ARG B 283 -18.21 -0.10 -14.52
N LEU B 284 -19.36 0.54 -14.69
CA LEU B 284 -20.56 -0.13 -15.16
C LEU B 284 -20.34 -0.91 -16.48
N LYS B 285 -19.61 -0.32 -17.44
CA LYS B 285 -19.33 -0.98 -18.73
C LYS B 285 -18.25 -2.04 -18.56
N GLN B 286 -17.25 -1.72 -17.74
CA GLN B 286 -16.17 -2.65 -17.42
C GLN B 286 -16.71 -4.01 -17.01
N ALA B 287 -17.86 -4.06 -16.34
CA ALA B 287 -18.42 -5.34 -15.93
C ALA B 287 -19.01 -6.14 -17.10
N PHE B 288 -19.46 -5.44 -18.13
CA PHE B 288 -19.96 -6.11 -19.29
C PHE B 288 -18.81 -6.67 -20.11
N SER B 289 -17.70 -5.91 -20.19
CA SER B 289 -16.71 -6.15 -21.26
C SER B 289 -15.25 -5.79 -20.97
N GLY B 290 -14.83 -5.85 -19.72
CA GLY B 290 -13.48 -5.45 -19.36
C GLY B 290 -12.99 -4.02 -19.55
N PRO B 291 -11.80 -3.71 -18.97
CA PRO B 291 -11.22 -2.35 -18.86
C PRO B 291 -10.87 -1.69 -20.19
N GLU B 292 -10.28 -2.45 -21.10
CA GLU B 292 -9.86 -1.87 -22.37
C GLU B 292 -11.05 -1.33 -23.19
N ASP B 293 -12.11 -2.13 -23.24
CA ASP B 293 -13.34 -1.72 -23.89
C ASP B 293 -13.94 -0.50 -23.23
N ALA B 294 -14.22 -0.65 -21.94
CA ALA B 294 -14.82 0.40 -21.13
C ALA B 294 -14.12 1.74 -21.29
N THR B 295 -12.82 1.76 -21.58
CA THR B 295 -12.11 3.05 -21.61
C THR B 295 -11.74 3.57 -23.01
N ALA B 296 -12.10 2.84 -24.06
CA ALA B 296 -11.75 3.28 -25.42
C ALA B 296 -12.47 4.57 -25.83
N ASN B 297 -11.83 5.33 -26.75
CA ASN B 297 -12.52 6.37 -27.52
C ASN B 297 -13.18 5.76 -28.76
N LYS B 298 -14.49 5.61 -28.73
CA LYS B 298 -15.19 4.93 -29.81
C LYS B 298 -15.81 5.91 -30.77
N TYR B 299 -15.41 7.18 -30.71
CA TYR B 299 -16.19 8.20 -31.44
C TYR B 299 -15.40 9.33 -32.11
N THR B 300 -14.19 9.59 -31.65
CA THR B 300 -13.47 10.70 -32.21
C THR B 300 -12.04 10.27 -32.37
N ASN B 301 -11.78 9.46 -33.39
CA ASN B 301 -10.45 8.89 -33.58
C ASN B 301 -9.57 9.46 -34.69
N ARG C 4 42.74 -18.36 1.91
CA ARG C 4 42.60 -16.88 1.86
C ARG C 4 41.94 -16.43 3.16
N SER C 5 41.80 -15.11 3.36
CA SER C 5 41.07 -14.56 4.53
C SER C 5 39.69 -13.99 4.13
N VAL C 6 38.91 -13.61 5.13
CA VAL C 6 37.47 -13.38 4.96
C VAL C 6 37.08 -12.12 4.16
N LEU C 7 37.84 -11.04 4.36
CA LEU C 7 37.49 -9.74 3.82
C LEU C 7 38.77 -9.01 3.48
N GLY C 8 38.81 -8.45 2.27
CA GLY C 8 39.95 -7.62 1.85
C GLY C 8 39.84 -6.12 2.11
N SER C 9 40.99 -5.49 2.29
CA SER C 9 41.05 -4.02 2.19
C SER C 9 40.80 -3.54 0.75
N PHE C 10 39.78 -2.71 0.61
CA PHE C 10 39.42 -2.15 -0.67
C PHE C 10 40.30 -0.93 -0.96
N PRO C 11 40.93 -0.85 -2.16
CA PRO C 11 41.74 0.27 -2.66
C PRO C 11 41.26 1.67 -2.31
N GLN C 12 42.06 2.38 -1.51
CA GLN C 12 41.73 3.74 -1.08
C GLN C 12 42.98 4.48 -0.63
N VAL C 13 42.89 5.82 -0.60
CA VAL C 13 43.87 6.65 0.07
C VAL C 13 43.40 6.76 1.52
N ASP C 14 43.72 5.74 2.32
CA ASP C 14 43.50 5.76 3.80
C ASP C 14 43.93 7.09 4.42
N HIS C 15 43.30 7.48 5.52
CA HIS C 15 43.65 8.75 6.18
C HIS C 15 45.14 9.04 6.17
N HIS C 16 45.96 8.15 6.73
CA HIS C 16 47.42 8.37 6.87
C HIS C 16 48.24 8.41 5.58
N GLN C 17 47.71 7.85 4.49
CA GLN C 17 48.37 7.93 3.17
C GLN C 17 48.22 9.30 2.50
N ALA C 18 47.34 10.13 3.05
CA ALA C 18 47.06 11.44 2.49
C ALA C 18 48.27 12.32 2.67
N LYS C 19 48.91 12.70 1.58
CA LYS C 19 49.99 13.67 1.71
C LYS C 19 49.75 14.94 0.91
N GLY C 20 50.40 16.03 1.33
CA GLY C 20 50.41 17.28 0.57
C GLY C 20 49.11 18.05 0.57
N GLN C 21 48.66 18.42 -0.63
CA GLN C 21 47.45 19.22 -0.83
C GLN C 21 46.22 18.41 -0.44
N LEU C 22 46.29 17.12 -0.76
CA LEU C 22 45.21 16.18 -0.47
C LEU C 22 44.99 16.00 1.04
N ALA C 23 46.07 16.11 1.82
CA ALA C 23 45.94 15.98 3.27
C ALA C 23 45.23 17.19 3.90
N GLU C 24 45.45 18.39 3.38
CA GLU C 24 44.74 19.58 3.85
C GLU C 24 43.27 19.53 3.47
N VAL C 25 42.99 18.99 2.29
CA VAL C 25 41.61 18.83 1.84
C VAL C 25 40.83 17.92 2.78
N TYR C 26 41.38 16.74 3.03
CA TYR C 26 40.82 15.81 4.01
C TYR C 26 40.50 16.56 5.29
N ASP C 27 41.44 17.39 5.75
CA ASP C 27 41.26 18.13 7.01
C ASP C 27 40.22 19.21 6.84
N ASP C 28 40.24 19.89 5.70
CA ASP C 28 39.27 20.94 5.48
C ASP C 28 37.88 20.29 5.55
N ILE C 29 37.77 19.06 5.03
CA ILE C 29 36.52 18.30 5.09
C ILE C 29 36.14 18.03 6.56
N HIS C 30 37.08 17.51 7.36
CA HIS C 30 36.81 17.29 8.79
C HIS C 30 36.15 18.48 9.41
N ASN C 31 36.75 19.64 9.18
CA ASN C 31 36.45 20.86 9.90
C ASN C 31 35.28 21.62 9.32
N THR C 32 35.07 21.49 8.01
CA THR C 32 33.99 22.21 7.36
C THR C 32 32.70 21.48 7.69
N MET C 33 32.73 20.15 7.56
CA MET C 33 31.54 19.32 7.85
C MET C 33 31.40 18.94 9.33
N ARG C 34 32.47 19.19 10.10
CA ARG C 34 32.44 18.94 11.53
C ARG C 34 32.22 17.44 11.85
N VAL C 35 32.93 16.59 11.12
CA VAL C 35 32.74 15.16 11.21
C VAL C 35 34.07 14.48 11.53
N PRO C 36 34.05 13.51 12.48
CA PRO C 36 35.31 12.92 12.88
C PRO C 36 35.91 11.91 11.91
N TRP C 37 35.37 11.82 10.70
CA TRP C 37 35.99 10.92 9.69
C TRP C 37 35.91 11.43 8.29
N VAL C 38 36.81 10.96 7.43
CA VAL C 38 36.71 11.30 6.01
C VAL C 38 36.03 10.17 5.23
N ALA C 39 34.95 10.51 4.54
CA ALA C 39 34.02 9.50 4.01
C ALA C 39 34.69 8.46 3.15
N PHE C 40 34.38 7.20 3.45
CA PHE C 40 34.95 6.07 2.70
C PHE C 40 35.09 6.38 1.22
N GLY C 41 34.00 6.84 0.62
CA GLY C 41 33.98 7.11 -0.82
C GLY C 41 35.02 8.12 -1.28
N ILE C 42 35.13 9.22 -0.52
CA ILE C 42 36.14 10.23 -0.79
C ILE C 42 37.51 9.58 -0.80
N ARG C 43 37.78 8.68 0.16
CA ARG C 43 39.09 8.04 0.25
C ARG C 43 39.38 7.24 -1.03
N VAL C 44 38.42 6.43 -1.47
CA VAL C 44 38.55 5.66 -2.70
C VAL C 44 38.76 6.56 -3.91
N MET C 45 37.91 7.56 -4.07
CA MET C 45 37.94 8.40 -5.24
C MET C 45 39.17 9.33 -5.26
N SER C 46 39.70 9.69 -4.09
CA SER C 46 40.93 10.48 -3.99
C SER C 46 42.13 9.81 -4.61
N GLN C 47 42.01 8.53 -4.96
CA GLN C 47 42.99 7.87 -5.85
C GLN C 47 43.20 8.66 -7.14
N PHE C 48 42.11 9.19 -7.66
CA PHE C 48 42.10 9.81 -8.96
C PHE C 48 42.71 11.21 -8.87
N PRO C 49 43.49 11.61 -9.90
CA PRO C 49 43.92 12.98 -10.07
C PRO C 49 42.77 13.97 -10.00
N HIS C 50 43.03 15.11 -9.35
CA HIS C 50 42.27 16.36 -9.51
C HIS C 50 40.85 16.37 -9.02
N PHE C 51 40.11 15.31 -9.33
CA PHE C 51 38.69 15.26 -8.98
C PHE C 51 38.33 15.78 -7.57
N ILE C 52 38.70 15.02 -6.52
CA ILE C 52 38.30 15.32 -5.12
C ILE C 52 38.64 16.76 -4.69
N PRO C 53 39.91 17.19 -4.89
CA PRO C 53 40.26 18.58 -4.68
C PRO C 53 39.35 19.58 -5.37
N HIS C 54 38.96 19.31 -6.62
CA HIS C 54 38.07 20.26 -7.31
C HIS C 54 36.68 20.22 -6.94
N ALA C 55 36.24 19.01 -6.61
CA ALA C 55 34.88 18.83 -6.28
C ALA C 55 34.74 19.52 -4.94
N TRP C 56 35.70 19.24 -4.06
CA TRP C 56 35.61 19.78 -2.72
C TRP C 56 35.65 21.27 -2.74
N ALA C 57 36.52 21.78 -3.61
CA ALA C 57 36.61 23.21 -3.91
C ALA C 57 35.22 23.79 -4.13
N ALA C 58 34.46 23.29 -5.11
CA ALA C 58 33.16 23.90 -5.43
C ALA C 58 32.11 23.60 -4.35
N LEU C 59 32.28 22.47 -3.66
CA LEU C 59 31.32 22.08 -2.64
C LEU C 59 31.38 22.94 -1.37
N LYS C 60 32.59 23.34 -0.97
CA LYS C 60 32.84 23.95 0.36
C LYS C 60 31.93 25.13 0.72
N PRO C 61 31.91 26.17 -0.12
CA PRO C 61 31.04 27.31 0.20
C PRO C 61 29.57 26.96 0.23
N ASN C 62 29.17 25.90 -0.45
CA ASN C 62 27.77 25.52 -0.40
C ASN C 62 27.44 24.69 0.81
N ILE C 63 28.37 23.83 1.23
CA ILE C 63 28.09 22.80 2.28
C ILE C 63 28.25 23.34 3.69
N GLU C 64 28.96 24.44 3.77
CA GLU C 64 29.27 25.06 5.04
C GLU C 64 28.12 25.92 5.51
N THR C 65 27.07 26.03 4.68
CA THR C 65 25.92 26.87 5.03
C THR C 65 24.92 26.23 6.02
N ARG C 66 24.24 27.09 6.76
CA ARG C 66 23.13 26.70 7.61
C ARG C 66 22.05 26.03 6.76
N TYR C 67 21.79 26.58 5.57
CA TYR C 67 20.88 25.99 4.59
C TYR C 67 21.25 24.56 4.32
N ALA C 68 22.52 24.32 3.98
CA ALA C 68 23.00 22.96 3.79
C ALA C 68 22.75 22.08 5.03
N GLU C 69 23.01 22.60 6.24
CA GLU C 69 22.74 21.86 7.50
C GLU C 69 21.25 21.48 7.66
N ASP C 70 20.33 22.38 7.33
CA ASP C 70 18.88 22.06 7.31
C ASP C 70 18.58 20.89 6.37
N GLY C 71 19.26 20.84 5.22
CA GLY C 71 19.14 19.75 4.30
C GLY C 71 19.59 18.42 4.89
N ALA C 72 20.74 18.41 5.57
CA ALA C 72 21.19 17.16 6.19
C ALA C 72 20.19 16.75 7.29
N ASP C 73 19.69 17.73 8.05
CA ASP C 73 18.69 17.47 9.06
C ASP C 73 17.48 16.89 8.40
N LEU C 74 17.02 17.48 7.29
CA LEU C 74 15.87 16.97 6.58
C LEU C 74 16.03 15.48 6.22
N ILE C 75 17.22 15.09 5.81
CA ILE C 75 17.49 13.73 5.38
C ILE C 75 17.49 12.84 6.62
N ARG C 76 18.16 13.30 7.68
CA ARG C 76 18.23 12.56 8.93
C ARG C 76 16.82 12.36 9.45
N LEU C 77 16.06 13.43 9.55
CA LEU C 77 14.72 13.31 10.06
C LEU C 77 13.91 12.24 9.32
N ASN C 78 14.24 12.01 8.04
CA ASN C 78 13.41 11.14 7.17
C ASN C 78 13.96 9.74 6.91
N SER C 79 14.87 9.30 7.77
CA SER C 79 15.51 7.99 7.59
C SER C 79 14.94 6.79 8.39
N ILE C 80 13.77 6.94 8.98
CA ILE C 80 13.25 5.79 9.68
C ILE C 80 12.63 4.76 8.75
N VAL C 81 13.14 3.53 8.76
CA VAL C 81 12.46 2.50 7.98
C VAL C 81 11.15 2.06 8.63
N PRO C 82 9.99 2.24 7.95
CA PRO C 82 8.75 1.84 8.65
C PRO C 82 8.67 0.32 8.65
N GLY C 83 9.45 -0.31 9.51
CA GLY C 83 9.72 -1.76 9.44
C GLY C 83 9.28 -2.45 10.71
N PRO C 84 9.91 -3.58 11.04
CA PRO C 84 9.47 -4.18 12.32
C PRO C 84 10.01 -3.36 13.48
N VAL C 85 9.35 -3.45 14.63
CA VAL C 85 9.86 -2.88 15.87
C VAL C 85 11.01 -3.74 16.34
N MET C 86 12.10 -3.09 16.74
CA MET C 86 13.31 -3.79 17.19
C MET C 86 13.42 -3.87 18.72
N PRO C 87 14.03 -4.96 19.23
CA PRO C 87 14.22 -5.02 20.66
C PRO C 87 15.46 -4.22 21.06
N ASN C 88 15.50 -3.74 22.29
CA ASN C 88 16.63 -2.94 22.73
C ASN C 88 17.92 -3.79 22.88
N PRO C 89 19.05 -3.33 22.33
CA PRO C 89 20.26 -4.16 22.52
C PRO C 89 20.84 -4.10 23.93
N THR C 90 20.41 -3.11 24.72
CA THR C 90 21.00 -2.83 26.04
C THR C 90 21.00 -4.03 27.00
N PRO C 91 19.85 -4.74 27.18
CA PRO C 91 19.91 -5.87 28.09
C PRO C 91 20.88 -6.95 27.59
N LYS C 92 20.89 -7.27 26.31
CA LYS C 92 21.83 -8.29 25.82
C LYS C 92 23.29 -7.88 26.10
N LEU C 93 23.54 -6.58 26.01
CA LEU C 93 24.88 -6.05 26.21
C LEU C 93 25.23 -6.08 27.69
N LEU C 94 24.29 -5.67 28.54
CA LEU C 94 24.56 -5.70 29.96
C LEU C 94 24.85 -7.11 30.43
N ARG C 95 24.14 -8.09 29.84
CA ARG C 95 24.23 -9.48 30.23
C ARG C 95 25.47 -10.12 29.65
N LEU C 96 26.13 -9.40 28.75
CA LEU C 96 27.44 -9.77 28.18
C LEU C 96 28.60 -9.12 28.92
N GLY C 97 28.28 -8.36 29.96
CA GLY C 97 29.29 -7.77 30.79
C GLY C 97 29.76 -6.40 30.37
N TRP C 98 29.24 -5.88 29.25
CA TRP C 98 29.47 -4.48 28.87
C TRP C 98 29.11 -3.66 30.05
N THR C 99 29.92 -2.65 30.39
CA THR C 99 29.56 -1.74 31.47
C THR C 99 28.57 -0.68 30.94
N GLU C 100 28.21 0.30 31.75
CA GLU C 100 27.43 1.43 31.25
C GLU C 100 28.27 2.41 30.47
N SER C 101 29.51 2.65 30.90
CA SER C 101 30.41 3.57 30.19
C SER C 101 30.76 3.13 28.78
N LYS C 102 30.99 1.84 28.61
CA LYS C 102 31.21 1.24 27.29
C LYS C 102 29.94 1.37 26.40
N ILE C 103 28.76 1.12 26.98
CA ILE C 103 27.53 1.21 26.24
C ILE C 103 27.41 2.65 25.77
N GLU C 104 27.59 3.61 26.69
CA GLU C 104 27.54 5.04 26.32
C GLU C 104 28.59 5.38 25.24
N GLU C 105 29.76 4.80 25.34
CA GLU C 105 30.78 5.00 24.34
C GLU C 105 30.33 4.59 22.93
N LEU C 106 29.59 3.48 22.83
CA LEU C 106 28.97 3.03 21.58
C LEU C 106 27.85 3.99 21.09
N LYS C 107 26.95 4.34 21.99
CA LYS C 107 25.87 5.24 21.67
C LYS C 107 26.41 6.58 21.20
N THR C 108 27.47 7.06 21.84
CA THR C 108 28.14 8.28 21.42
C THR C 108 28.68 8.09 20.02
N ALA C 109 29.27 6.92 19.78
CA ALA C 109 29.84 6.66 18.48
C ALA C 109 28.78 6.67 17.37
N LEU C 110 27.66 5.95 17.57
CA LEU C 110 26.55 5.97 16.58
C LEU C 110 26.09 7.39 16.41
N ASP C 111 25.91 8.07 17.54
CA ASP C 111 25.49 9.44 17.53
C ASP C 111 26.32 10.32 16.60
N LEU C 112 27.63 10.12 16.59
CA LEU C 112 28.48 10.89 15.68
C LEU C 112 28.20 10.44 14.26
N LEU C 113 28.31 9.15 13.99
CA LEU C 113 28.10 8.65 12.63
C LEU C 113 26.76 9.14 12.03
N ASN C 114 25.71 9.14 12.85
CA ASN C 114 24.41 9.56 12.42
C ASN C 114 24.37 11.04 12.13
N TYR C 115 25.35 11.78 12.67
CA TYR C 115 25.43 13.19 12.41
C TYR C 115 26.02 13.39 11.03
N GLY C 116 27.16 12.79 10.75
CA GLY C 116 27.80 12.97 9.43
C GLY C 116 27.14 12.34 8.19
N ASN C 117 26.62 11.11 8.36
CA ASN C 117 26.15 10.37 7.19
C ASN C 117 25.18 11.17 6.37
N PRO C 118 24.21 11.84 7.04
CA PRO C 118 23.30 12.72 6.29
C PRO C 118 24.03 13.79 5.50
N LYS C 119 24.98 14.47 6.14
CA LYS C 119 25.76 15.50 5.45
C LYS C 119 26.59 14.89 4.31
N TYR C 120 27.14 13.70 4.54
CA TYR C 120 27.76 12.97 3.44
C TYR C 120 26.79 12.67 2.29
N LEU C 121 25.49 12.55 2.59
CA LEU C 121 24.51 12.35 1.53
C LEU C 121 24.38 13.61 0.67
N ILE C 122 24.44 14.79 1.29
CA ILE C 122 24.49 16.02 0.53
C ILE C 122 25.73 16.01 -0.35
N LEU C 123 26.87 15.69 0.27
CA LEU C 123 28.15 15.68 -0.44
C LEU C 123 28.09 14.88 -1.75
N ILE C 124 27.75 13.61 -1.62
CA ILE C 124 27.89 12.70 -2.72
C ILE C 124 26.87 13.00 -3.81
N THR C 125 25.77 13.63 -3.43
CA THR C 125 24.73 14.05 -4.34
C THR C 125 25.11 15.32 -5.10
N ALA C 126 25.81 16.24 -4.45
CA ALA C 126 26.27 17.41 -5.20
C ALA C 126 27.30 16.89 -6.19
N PHE C 127 28.27 16.15 -5.68
CA PHE C 127 29.30 15.64 -6.52
C PHE C 127 28.68 14.92 -7.70
N ASN C 128 27.71 14.06 -7.42
CA ASN C 128 27.15 13.22 -8.47
C ASN C 128 26.32 14.00 -9.48
N GLU C 129 25.40 14.83 -9.00
CA GLU C 129 24.61 15.60 -9.92
C GLU C 129 25.46 16.50 -10.83
N ALA C 130 26.47 17.16 -10.24
CA ALA C 130 27.36 18.08 -10.99
C ALA C 130 28.14 17.37 -12.10
N TRP C 131 28.63 16.18 -11.77
CA TRP C 131 29.39 15.34 -12.70
C TRP C 131 28.65 15.24 -14.01
N HIS C 132 27.34 14.98 -13.91
CA HIS C 132 26.47 14.87 -15.07
C HIS C 132 25.84 16.17 -15.51
N GLU C 133 26.11 17.27 -14.79
CA GLU C 133 25.72 18.62 -15.16
C GLU C 133 24.30 18.99 -14.81
N ARG C 134 23.63 18.16 -14.02
CA ARG C 134 22.26 18.47 -13.54
C ARG C 134 22.35 19.54 -12.44
N ASP C 135 21.21 20.01 -11.93
CA ASP C 135 21.17 21.16 -11.05
C ASP C 135 21.77 20.86 -9.67
N THR C 136 22.84 21.59 -9.30
CA THR C 136 23.39 21.58 -7.92
C THR C 136 23.66 23.03 -7.44
N GLY C 137 22.84 23.94 -7.90
CA GLY C 137 23.01 25.34 -7.56
C GLY C 137 23.27 26.28 -8.73
N GLY C 138 22.76 27.51 -8.59
CA GLY C 138 23.09 28.61 -9.48
C GLY C 138 22.03 28.92 -10.50
N ARG C 139 20.85 28.34 -10.33
CA ARG C 139 19.80 28.55 -11.31
C ARG C 139 18.68 29.32 -10.67
N ALA C 140 18.43 29.03 -9.40
CA ALA C 140 17.39 29.69 -8.60
C ALA C 140 17.51 31.21 -8.66
N PRO C 141 16.35 31.92 -8.66
CA PRO C 141 16.37 33.38 -8.74
C PRO C 141 17.04 34.04 -7.52
N GLN C 142 16.54 33.73 -6.31
CA GLN C 142 17.19 34.17 -5.06
C GLN C 142 18.55 33.54 -4.79
N LYS C 143 19.55 34.39 -4.52
CA LYS C 143 20.71 34.00 -3.71
C LYS C 143 20.19 33.64 -2.33
N LEU C 144 20.87 32.71 -1.67
CA LEU C 144 20.54 32.45 -0.28
C LEU C 144 20.69 33.74 0.55
N ARG C 145 19.56 34.28 1.02
CA ARG C 145 19.57 35.45 1.90
C ARG C 145 19.54 34.95 3.34
N GLY C 146 19.44 35.88 4.30
CA GLY C 146 19.11 35.66 5.71
C GLY C 146 19.89 34.57 6.42
N ARG C 147 19.21 33.95 7.37
CA ARG C 147 19.76 32.81 8.12
C ARG C 147 20.43 31.76 7.21
N ASP C 148 19.79 31.46 6.08
CA ASP C 148 20.31 30.45 5.14
C ASP C 148 21.80 30.61 4.82
N ALA C 149 22.28 31.84 4.64
CA ALA C 149 23.63 32.06 4.09
C ALA C 149 24.76 31.85 5.09
N GLU C 150 24.42 31.92 6.38
CA GLU C 150 25.42 31.93 7.43
C GLU C 150 26.21 30.63 7.49
N ARG C 151 27.52 30.74 7.70
CA ARG C 151 28.34 29.55 7.86
C ARG C 151 28.10 28.91 9.25
N ILE C 152 28.28 27.59 9.34
CA ILE C 152 28.21 26.85 10.60
C ILE C 152 29.62 26.95 11.18
N PRO C 153 29.79 26.63 12.48
CA PRO C 153 31.11 26.69 13.10
C PRO C 153 32.03 25.77 12.36
N TYR C 154 33.33 26.05 12.45
CA TYR C 154 34.35 25.26 11.76
C TYR C 154 35.07 24.39 12.83
N GLY C 155 35.69 23.29 12.40
CA GLY C 155 36.23 22.29 13.35
C GLY C 155 35.17 21.39 14.00
N LEU C 156 35.64 20.32 14.65
CA LEU C 156 34.79 19.36 15.34
C LEU C 156 34.03 20.03 16.49
N PRO C 157 32.87 19.47 16.91
CA PRO C 157 32.20 20.01 18.08
C PRO C 157 33.02 19.87 19.35
N ASN C 158 32.57 20.54 20.40
CA ASN C 158 33.25 20.48 21.70
C ASN C 158 33.50 19.05 22.07
N SER C 159 34.77 18.68 22.22
CA SER C 159 35.13 17.38 22.80
C SER C 159 35.14 16.25 21.79
N VAL C 160 34.76 16.51 20.56
CA VAL C 160 34.72 15.42 19.63
C VAL C 160 36.12 15.25 19.06
N GLU C 161 36.50 14.01 18.75
CA GLU C 161 37.82 13.73 18.19
C GLU C 161 37.76 12.83 16.97
N LYS C 162 38.76 12.97 16.10
CA LYS C 162 38.84 12.12 14.92
C LYS C 162 38.69 10.63 15.26
N PHE C 163 38.17 9.84 14.33
CA PHE C 163 37.97 8.41 14.55
C PHE C 163 39.19 7.58 14.17
N ASN C 164 39.48 6.56 14.97
CA ASN C 164 40.42 5.52 14.55
C ASN C 164 39.65 4.41 13.78
N LEU C 165 40.05 4.20 12.53
CA LEU C 165 39.40 3.19 11.71
C LEU C 165 40.18 1.91 11.86
N LEU C 166 39.51 0.80 12.11
CA LEU C 166 40.24 -0.44 12.34
C LEU C 166 40.92 -0.93 11.05
N ASP C 167 42.13 -1.46 11.18
CA ASP C 167 42.84 -2.05 10.07
C ASP C 167 42.27 -3.45 9.81
N ILE C 168 41.62 -3.58 8.67
CA ILE C 168 40.93 -4.82 8.26
C ILE C 168 41.84 -6.07 8.15
N GLU C 169 43.03 -5.93 7.58
CA GLU C 169 43.94 -7.07 7.49
C GLU C 169 44.29 -7.58 8.89
N LYS C 170 44.46 -6.67 9.83
CA LYS C 170 44.87 -7.06 11.19
C LYS C 170 43.77 -7.47 12.17
N ALA C 171 42.52 -7.26 11.78
CA ALA C 171 41.39 -7.62 12.61
C ALA C 171 41.15 -9.15 12.67
N SER C 172 40.57 -9.58 13.79
CA SER C 172 40.12 -10.96 13.98
C SER C 172 39.24 -11.50 12.85
N ASP C 173 39.29 -12.80 12.64
CA ASP C 173 38.30 -13.48 11.81
C ASP C 173 36.89 -13.08 12.22
N ARG C 174 36.67 -12.93 13.52
CA ARG C 174 35.34 -12.61 14.02
C ARG C 174 34.86 -11.24 13.53
N THR C 175 35.78 -10.29 13.50
CA THR C 175 35.50 -8.94 13.11
C THR C 175 35.33 -8.92 11.61
N GLN C 176 36.30 -9.50 10.92
CA GLN C 176 36.24 -9.64 9.45
C GLN C 176 34.89 -10.24 8.99
N THR C 177 34.38 -11.25 9.70
CA THR C 177 33.17 -11.96 9.31
C THR C 177 31.92 -11.08 9.40
N VAL C 178 31.69 -10.41 10.54
CA VAL C 178 30.49 -9.56 10.65
C VAL C 178 30.51 -8.31 9.73
N LEU C 179 31.69 -7.76 9.50
CA LEU C 179 31.82 -6.73 8.47
C LEU C 179 31.43 -7.29 7.06
N ARG C 180 31.84 -8.52 6.76
CA ARG C 180 31.57 -9.15 5.49
C ARG C 180 30.08 -9.52 5.40
N ASP C 181 29.53 -10.13 6.44
CA ASP C 181 28.10 -10.38 6.43
C ASP C 181 27.32 -9.08 6.28
N ILE C 182 27.71 -8.04 7.03
CA ILE C 182 27.02 -6.76 6.96
C ILE C 182 27.12 -6.10 5.57
N ARG C 183 28.30 -6.19 4.96
CA ARG C 183 28.49 -5.71 3.60
C ARG C 183 27.51 -6.45 2.66
N ASP C 184 27.57 -7.79 2.67
CA ASP C 184 26.83 -8.61 1.72
C ASP C 184 25.34 -8.53 1.93
N ALA C 185 24.91 -8.43 3.19
CA ALA C 185 23.48 -8.38 3.43
C ALA C 185 22.82 -7.21 2.68
N PHE C 186 23.54 -6.15 2.35
CA PHE C 186 22.97 -5.06 1.54
C PHE C 186 23.53 -4.99 0.13
N LEU C 187 24.21 -6.06 -0.28
CA LEU C 187 24.88 -6.16 -1.58
C LEU C 187 25.88 -5.02 -1.83
N HIS C 188 26.65 -4.66 -0.81
CA HIS C 188 27.59 -3.54 -0.89
C HIS C 188 28.95 -4.00 -1.33
N HIS C 189 29.87 -3.05 -1.53
CA HIS C 189 31.18 -3.37 -2.05
C HIS C 189 32.20 -3.59 -0.99
N GLY C 190 32.03 -2.94 0.14
CA GLY C 190 32.97 -3.05 1.25
C GLY C 190 32.31 -2.44 2.46
N PRO C 191 32.93 -2.57 3.66
CA PRO C 191 32.29 -2.03 4.88
C PRO C 191 32.44 -0.53 4.96
N ALA C 192 31.38 0.17 5.36
CA ALA C 192 31.39 1.62 5.53
C ALA C 192 32.41 1.94 6.57
N SER C 193 33.14 3.05 6.42
CA SER C 193 33.94 3.54 7.54
C SER C 193 33.16 3.40 8.85
N ASN C 194 31.82 3.51 8.80
CA ASN C 194 30.99 3.34 9.99
C ASN C 194 31.26 2.03 10.75
N TYR C 195 31.33 0.94 9.99
CA TYR C 195 31.55 -0.35 10.58
C TYR C 195 32.98 -0.55 10.97
N ARG C 196 33.92 0.12 10.29
CA ARG C 196 35.31 0.10 10.76
C ARG C 196 35.50 0.85 12.11
N VAL C 197 34.61 1.79 12.42
CA VAL C 197 34.52 2.37 13.75
C VAL C 197 33.89 1.30 14.61
N LEU C 198 32.62 0.97 14.34
CA LEU C 198 31.83 0.08 15.20
C LEU C 198 32.42 -1.31 15.41
N GLY C 199 33.20 -1.77 14.44
CA GLY C 199 33.74 -3.14 14.41
C GLY C 199 34.76 -3.51 15.49
N VAL C 200 35.20 -2.52 16.25
CA VAL C 200 35.98 -2.82 17.45
C VAL C 200 35.09 -3.50 18.47
N TRP C 201 33.78 -3.51 18.22
CA TRP C 201 32.85 -4.31 19.03
C TRP C 201 32.07 -5.26 18.17
N PRO C 202 32.73 -6.31 17.66
CA PRO C 202 32.06 -7.32 16.85
C PRO C 202 30.84 -7.94 17.54
N ASP C 203 30.87 -8.05 18.87
CA ASP C 203 29.79 -8.69 19.61
C ASP C 203 28.52 -7.86 19.48
N TYR C 204 28.67 -6.55 19.59
CA TYR C 204 27.58 -5.68 19.30
C TYR C 204 27.13 -5.81 17.84
N LEU C 205 28.06 -5.71 16.88
CA LEU C 205 27.70 -5.75 15.48
C LEU C 205 26.88 -7.01 15.06
N GLU C 206 27.20 -8.16 15.66
CA GLU C 206 26.42 -9.39 15.46
C GLU C 206 24.98 -9.24 15.95
N ILE C 207 24.81 -8.56 17.07
CA ILE C 207 23.47 -8.28 17.52
C ILE C 207 22.83 -7.26 16.57
N ALA C 208 23.61 -6.26 16.15
CA ALA C 208 23.09 -5.22 15.26
C ALA C 208 22.50 -5.89 14.01
N LEU C 209 23.36 -6.55 13.22
CA LEU C 209 22.94 -7.32 12.07
C LEU C 209 21.63 -8.12 12.25
N ARG C 210 21.62 -9.05 13.21
CA ARG C 210 20.50 -9.91 13.44
C ARG C 210 19.25 -9.15 13.93
N ASP C 211 19.36 -8.34 14.96
CA ASP C 211 18.19 -7.65 15.47
C ASP C 211 17.64 -6.51 14.59
N SER C 212 18.51 -5.86 13.82
CA SER C 212 18.17 -4.59 13.21
C SER C 212 18.31 -4.49 11.70
N LEU C 213 19.35 -5.11 11.13
CA LEU C 213 19.69 -4.87 9.72
C LEU C 213 19.18 -5.96 8.80
N ALA C 214 19.44 -7.20 9.15
CA ALA C 214 19.05 -8.32 8.29
C ALA C 214 17.54 -8.43 8.02
N PRO C 215 16.66 -8.09 8.99
CA PRO C 215 15.25 -8.18 8.65
C PRO C 215 14.75 -7.05 7.74
N VAL C 216 15.58 -6.07 7.40
CA VAL C 216 15.10 -5.00 6.51
C VAL C 216 15.92 -4.94 5.25
N ALA C 217 17.10 -5.57 5.29
CA ALA C 217 18.01 -5.61 4.15
C ALA C 217 17.26 -5.96 2.91
N LEU C 218 17.40 -5.14 1.87
CA LEU C 218 16.83 -5.36 0.55
C LEU C 218 15.30 -5.41 0.53
N SER C 219 14.63 -4.90 1.55
CA SER C 219 13.16 -4.83 1.48
C SER C 219 12.72 -3.62 0.65
N ALA C 220 11.48 -3.66 0.17
CA ALA C 220 10.79 -2.48 -0.35
C ALA C 220 10.91 -1.28 0.57
N GLU C 221 10.60 -1.47 1.86
CA GLU C 221 10.54 -0.37 2.84
C GLU C 221 11.89 0.29 2.98
N TYR C 222 12.93 -0.55 3.05
CA TYR C 222 14.29 -0.04 3.18
C TYR C 222 14.63 0.72 1.92
N ASP C 223 14.46 0.10 0.76
CA ASP C 223 14.75 0.81 -0.51
C ASP C 223 13.88 2.07 -0.78
N GLU C 224 12.62 2.03 -0.34
CA GLU C 224 11.73 3.20 -0.43
C GLU C 224 12.16 4.34 0.47
N THR C 225 12.68 3.99 1.66
CA THR C 225 13.21 5.00 2.57
C THR C 225 14.37 5.68 1.90
N ALA C 226 15.27 4.85 1.37
CA ALA C 226 16.42 5.31 0.60
C ALA C 226 16.04 6.18 -0.61
N ARG C 227 14.97 5.85 -1.32
CA ARG C 227 14.54 6.69 -2.42
C ARG C 227 14.09 8.05 -1.90
N ARG C 228 13.26 8.03 -0.85
CA ARG C 228 12.77 9.26 -0.27
C ARG C 228 13.93 10.20 0.19
N ILE C 229 14.93 9.65 0.89
CA ILE C 229 16.02 10.51 1.39
C ILE C 229 16.94 10.98 0.26
N ARG C 230 17.25 10.08 -0.69
CA ARG C 230 18.06 10.48 -1.84
C ARG C 230 17.40 11.67 -2.54
N LYS C 231 16.08 11.65 -2.61
CA LYS C 231 15.33 12.72 -3.23
C LYS C 231 15.37 14.00 -2.40
N ILE C 232 15.38 13.91 -1.08
CA ILE C 232 15.45 15.13 -0.31
C ILE C 232 16.71 15.86 -0.69
N ALA C 233 17.82 15.14 -0.72
CA ALA C 233 19.13 15.69 -1.00
C ALA C 233 19.15 16.31 -2.39
N ARG C 234 18.61 15.57 -3.34
CA ARG C 234 18.68 15.93 -4.74
C ARG C 234 17.92 17.21 -4.96
N GLU C 235 16.78 17.37 -4.27
CA GLU C 235 16.04 18.63 -4.36
C GLU C 235 16.77 19.74 -3.58
N HIS C 236 17.33 19.39 -2.42
CA HIS C 236 17.88 20.39 -1.53
C HIS C 236 19.07 21.10 -2.11
N VAL C 237 19.94 20.34 -2.79
CA VAL C 237 21.13 20.91 -3.40
C VAL C 237 20.80 21.89 -4.53
N LYS C 238 19.55 21.92 -4.99
CA LYS C 238 19.13 22.86 -6.01
C LYS C 238 19.07 24.29 -5.53
N GLY C 239 19.17 24.52 -4.22
CA GLY C 239 19.08 25.89 -3.68
C GLY C 239 20.45 26.50 -3.39
N PHE C 240 21.50 25.74 -3.67
CA PHE C 240 22.86 26.21 -3.47
C PHE C 240 23.10 27.40 -4.36
N ASP C 241 24.06 28.25 -3.98
CA ASP C 241 24.25 29.51 -4.69
C ASP C 241 25.09 29.33 -5.93
N LYS C 242 25.95 28.32 -5.93
CA LYS C 242 26.72 27.98 -7.13
C LYS C 242 26.99 26.47 -7.23
N PRO C 243 27.11 25.94 -8.46
CA PRO C 243 27.25 24.49 -8.67
C PRO C 243 28.27 23.91 -7.69
N ALA C 244 27.86 22.90 -6.95
CA ALA C 244 28.66 22.37 -5.87
C ALA C 244 29.51 21.18 -6.34
N GLY C 245 29.95 21.29 -7.58
CA GLY C 245 30.68 20.21 -8.18
C GLY C 245 31.30 20.58 -9.50
N VAL C 246 31.76 19.55 -10.21
CA VAL C 246 32.43 19.68 -11.50
C VAL C 246 31.83 18.68 -12.49
N ALA C 247 31.74 19.09 -13.75
CA ALA C 247 31.24 18.24 -14.82
C ALA C 247 32.37 17.36 -15.31
N TRP C 248 32.11 16.12 -15.67
CA TRP C 248 33.17 15.31 -16.27
C TRP C 248 33.73 15.96 -17.50
N ARG C 249 32.85 16.57 -18.31
CA ARG C 249 33.27 17.30 -19.50
C ARG C 249 34.35 18.36 -19.27
N ASP C 250 34.38 19.03 -18.11
CA ASP C 250 35.43 20.04 -17.82
C ASP C 250 36.73 19.45 -17.25
N MET C 251 36.76 18.13 -17.19
CA MET C 251 37.86 17.42 -16.58
C MET C 251 38.63 16.58 -17.59
N THR C 252 38.26 16.65 -18.86
CA THR C 252 38.87 15.77 -19.88
C THR C 252 40.37 16.04 -20.05
N GLU C 253 40.81 17.20 -19.58
CA GLU C 253 42.22 17.53 -19.56
C GLU C 253 42.92 16.84 -18.41
N LYS C 254 42.16 16.60 -17.32
CA LYS C 254 42.73 16.11 -16.04
C LYS C 254 42.57 14.61 -15.82
N LEU C 255 41.54 14.04 -16.43
CA LEU C 255 41.25 12.62 -16.26
C LEU C 255 41.18 11.90 -17.59
N SER C 256 41.80 10.72 -17.70
CA SER C 256 41.71 9.94 -18.93
C SER C 256 40.28 9.39 -19.18
N ALA C 257 40.06 8.82 -20.36
CA ALA C 257 38.76 8.21 -20.67
C ALA C 257 38.41 7.13 -19.66
N GLU C 258 39.39 6.28 -19.34
CA GLU C 258 39.24 5.15 -18.45
C GLU C 258 38.93 5.60 -17.02
N GLN C 259 39.55 6.70 -16.61
CA GLN C 259 39.38 7.24 -15.28
C GLN C 259 38.02 7.89 -15.18
N ILE C 260 37.55 8.43 -16.29
CA ILE C 260 36.28 9.14 -16.29
C ILE C 260 35.17 8.10 -16.09
N ALA C 261 35.22 7.04 -16.90
CA ALA C 261 34.34 5.90 -16.75
C ALA C 261 34.28 5.41 -15.29
N GLY C 262 35.45 5.16 -14.71
CA GLY C 262 35.55 4.69 -13.34
C GLY C 262 34.85 5.57 -12.33
N LEU C 263 35.21 6.85 -12.31
CA LEU C 263 34.64 7.79 -11.38
C LEU C 263 33.12 7.92 -11.58
N THR C 264 32.68 7.75 -12.82
CA THR C 264 31.27 7.91 -13.17
C THR C 264 30.48 6.86 -12.41
N GLY C 265 31.09 5.67 -12.29
CA GLY C 265 30.48 4.51 -11.65
C GLY C 265 30.57 4.62 -10.14
N LEU C 266 31.73 5.08 -9.68
CA LEU C 266 32.02 5.24 -8.26
C LEU C 266 31.09 6.29 -7.66
N LEU C 267 30.83 7.37 -8.41
CA LEU C 267 29.97 8.45 -7.92
C LEU C 267 28.53 8.00 -7.81
N PHE C 268 28.09 7.19 -8.77
CA PHE C 268 26.76 6.63 -8.71
C PHE C 268 26.68 5.59 -7.59
N MET C 269 27.74 4.80 -7.39
CA MET C 269 27.71 3.75 -6.38
C MET C 269 27.65 4.38 -4.99
N TYR C 270 28.41 5.46 -4.83
CA TYR C 270 28.50 6.05 -3.51
C TYR C 270 27.21 6.73 -3.16
N ASN C 271 26.59 7.39 -4.13
CA ASN C 271 25.29 7.98 -3.91
C ASN C 271 24.23 6.95 -3.44
N ARG C 272 24.39 5.69 -3.81
CA ARG C 272 23.56 4.67 -3.25
C ARG C 272 24.05 4.27 -1.86
N PHE C 273 25.30 3.85 -1.80
CA PHE C 273 25.93 3.38 -0.58
C PHE C 273 25.65 4.32 0.59
N ILE C 274 25.89 5.62 0.39
CA ILE C 274 25.74 6.59 1.48
C ILE C 274 24.35 6.63 2.07
N ALA C 275 23.33 6.67 1.21
CA ALA C 275 21.97 6.59 1.69
C ALA C 275 21.74 5.28 2.48
N ASP C 276 22.11 4.16 1.89
CA ASP C 276 21.95 2.92 2.64
C ASP C 276 22.55 3.00 4.06
N ILE C 277 23.81 3.46 4.16
CA ILE C 277 24.47 3.58 5.44
C ILE C 277 23.87 4.64 6.39
N THR C 278 23.42 5.77 5.84
CA THR C 278 22.69 6.75 6.63
C THR C 278 21.54 6.06 7.35
N ILE C 279 20.79 5.28 6.59
CA ILE C 279 19.63 4.56 7.09
C ILE C 279 20.08 3.52 8.12
N ALA C 280 21.08 2.71 7.77
CA ALA C 280 21.48 1.63 8.65
C ALA C 280 21.84 2.15 10.04
N ILE C 281 22.73 3.12 10.10
CA ILE C 281 23.25 3.55 11.40
C ILE C 281 22.24 4.34 12.24
N ILE C 282 21.32 5.05 11.59
CA ILE C 282 20.20 5.62 12.29
C ILE C 282 19.37 4.50 12.91
N ARG C 283 19.07 3.45 12.13
CA ARG C 283 18.20 2.39 12.60
C ARG C 283 18.82 1.75 13.86
N LEU C 284 20.15 1.56 13.83
CA LEU C 284 20.86 0.98 14.95
C LEU C 284 20.63 1.78 16.19
N LYS C 285 20.78 3.10 16.12
CA LYS C 285 20.47 3.94 17.29
C LYS C 285 19.01 3.92 17.72
N GLN C 286 18.10 3.89 16.74
CA GLN C 286 16.66 3.76 17.02
C GLN C 286 16.35 2.59 17.97
N ALA C 287 17.10 1.51 17.87
CA ALA C 287 16.94 0.37 18.79
C ALA C 287 17.37 0.69 20.21
N PHE C 288 18.31 1.62 20.38
CA PHE C 288 18.70 2.05 21.71
C PHE C 288 17.67 2.99 22.29
N SER C 289 17.23 3.98 21.52
CA SER C 289 16.13 4.82 22.01
C SER C 289 14.93 4.76 21.08
N GLY C 290 14.81 5.77 20.24
CA GLY C 290 13.78 5.73 19.24
C GLY C 290 14.00 6.74 18.15
N PRO C 291 12.95 6.96 17.34
CA PRO C 291 13.13 7.73 16.11
C PRO C 291 13.49 9.21 16.37
N GLU C 292 12.91 9.83 17.41
CA GLU C 292 13.24 11.23 17.72
C GLU C 292 14.73 11.46 17.93
N ASP C 293 15.28 10.68 18.86
CA ASP C 293 16.65 10.79 19.33
C ASP C 293 17.63 10.36 18.26
N ALA C 294 17.29 9.26 17.59
CA ALA C 294 18.15 8.71 16.58
C ALA C 294 18.25 9.66 15.38
N THR C 295 17.24 10.51 15.17
CA THR C 295 17.27 11.35 13.98
C THR C 295 17.52 12.80 14.32
N ALA C 296 17.67 13.08 15.61
CA ALA C 296 17.95 14.43 16.12
C ALA C 296 19.23 15.01 15.50
N ASN C 297 19.33 16.34 15.48
CA ASN C 297 20.63 16.98 15.25
C ASN C 297 21.27 17.27 16.60
N LYS C 298 22.30 16.50 16.93
CA LYS C 298 22.96 16.64 18.24
C LYS C 298 24.14 17.62 18.30
N TYR C 299 24.66 18.05 17.16
CA TYR C 299 25.99 18.67 17.13
C TYR C 299 26.07 20.11 16.63
N THR C 300 25.10 20.59 15.86
CA THR C 300 25.22 21.89 15.21
C THR C 300 23.88 22.60 15.16
N ASN C 301 23.35 23.04 16.30
CA ASN C 301 22.08 23.78 16.31
C ASN C 301 22.30 25.27 16.63
N ARG D 4 29.65 24.81 -26.68
CA ARG D 4 29.59 23.34 -26.42
C ARG D 4 28.16 22.83 -26.70
N SER D 5 28.07 21.63 -27.28
CA SER D 5 26.80 20.97 -27.56
C SER D 5 26.13 20.38 -26.31
N VAL D 6 24.89 19.93 -26.48
CA VAL D 6 24.11 19.48 -25.35
C VAL D 6 24.67 18.16 -24.79
N LEU D 7 25.12 17.30 -25.69
CA LEU D 7 25.47 15.95 -25.30
C LEU D 7 26.78 15.52 -25.90
N GLY D 8 27.73 15.12 -25.04
CA GLY D 8 28.97 14.48 -25.49
C GLY D 8 28.78 12.98 -25.65
N SER D 9 29.75 12.32 -26.28
CA SER D 9 29.83 10.86 -26.23
C SER D 9 30.55 10.38 -24.94
N PHE D 10 30.15 9.22 -24.45
CA PHE D 10 30.71 8.68 -23.23
C PHE D 10 31.87 7.75 -23.56
N PRO D 11 32.95 7.82 -22.75
CA PRO D 11 34.14 6.94 -22.77
C PRO D 11 33.91 5.44 -22.94
N GLN D 12 34.04 4.94 -24.18
CA GLN D 12 33.81 3.50 -24.47
C GLN D 12 34.61 2.95 -25.66
N VAL D 13 34.61 1.62 -25.78
CA VAL D 13 35.14 0.89 -26.93
C VAL D 13 33.95 0.60 -27.85
N ASP D 14 33.81 1.39 -28.92
CA ASP D 14 32.69 1.30 -29.86
C ASP D 14 32.75 0.05 -30.70
N HIS D 15 31.58 -0.47 -31.10
CA HIS D 15 31.49 -1.73 -31.85
C HIS D 15 32.64 -1.86 -32.81
N HIS D 16 33.02 -0.77 -33.49
CA HIS D 16 34.10 -0.80 -34.52
C HIS D 16 35.53 -0.77 -34.02
N GLN D 17 35.75 -0.15 -32.86
CA GLN D 17 37.09 0.02 -32.27
C GLN D 17 37.70 -1.28 -31.69
N ALA D 18 36.88 -2.32 -31.53
CA ALA D 18 37.29 -3.58 -30.90
C ALA D 18 38.27 -4.36 -31.76
N LYS D 19 39.31 -4.93 -31.16
CA LYS D 19 40.38 -5.62 -31.91
C LYS D 19 40.64 -7.07 -31.46
N GLY D 20 40.97 -7.92 -32.43
CA GLY D 20 41.40 -9.30 -32.16
C GLY D 20 40.58 -10.11 -31.17
N GLN D 21 41.20 -10.39 -30.02
CA GLN D 21 40.58 -11.16 -28.92
C GLN D 21 39.25 -10.55 -28.53
N LEU D 22 39.29 -9.26 -28.15
CA LEU D 22 38.11 -8.51 -27.75
C LEU D 22 37.03 -8.45 -28.84
N ALA D 23 37.40 -8.06 -30.06
CA ALA D 23 36.49 -8.03 -31.19
C ALA D 23 35.82 -9.35 -31.40
N GLU D 24 36.53 -10.45 -31.12
CA GLU D 24 35.98 -11.81 -31.22
C GLU D 24 35.00 -12.10 -30.10
N VAL D 25 35.21 -11.39 -28.98
CA VAL D 25 34.39 -11.54 -27.78
C VAL D 25 33.05 -10.77 -27.89
N TYR D 26 33.10 -9.54 -28.39
CA TYR D 26 31.89 -8.81 -28.82
C TYR D 26 30.94 -9.73 -29.61
N ASP D 27 31.45 -10.31 -30.69
CA ASP D 27 30.67 -11.21 -31.56
C ASP D 27 30.17 -12.39 -30.79
N ASP D 28 31.02 -12.94 -29.93
CA ASP D 28 30.62 -14.05 -29.10
C ASP D 28 29.45 -13.66 -28.18
N ILE D 29 29.44 -12.40 -27.74
CA ILE D 29 28.30 -11.88 -27.00
C ILE D 29 27.07 -11.83 -27.91
N HIS D 30 27.12 -11.01 -28.98
CA HIS D 30 26.12 -11.05 -30.05
C HIS D 30 25.51 -12.41 -30.22
N ASN D 31 26.37 -13.43 -30.34
CA ASN D 31 25.90 -14.71 -30.85
C ASN D 31 25.43 -15.69 -29.80
N THR D 32 25.91 -15.52 -28.59
CA THR D 32 25.59 -16.50 -27.56
C THR D 32 24.24 -16.12 -27.05
N MET D 33 24.09 -14.81 -26.86
CA MET D 33 22.92 -14.20 -26.23
C MET D 33 21.82 -13.92 -27.27
N ARG D 34 22.19 -14.14 -28.53
CA ARG D 34 21.36 -13.89 -29.69
C ARG D 34 20.84 -12.45 -29.72
N VAL D 35 21.71 -11.51 -29.37
CA VAL D 35 21.32 -10.11 -29.31
C VAL D 35 22.06 -9.23 -30.34
N PRO D 36 21.31 -8.31 -31.01
CA PRO D 36 21.85 -7.47 -32.09
C PRO D 36 22.66 -6.25 -31.68
N TRP D 37 23.04 -6.13 -30.42
CA TRP D 37 24.03 -5.09 -30.05
C TRP D 37 24.81 -5.52 -28.88
N VAL D 38 25.92 -4.81 -28.65
CA VAL D 38 26.73 -5.08 -27.47
C VAL D 38 26.53 -4.04 -26.40
N ALA D 39 25.82 -4.47 -25.36
CA ALA D 39 25.56 -3.70 -24.17
C ALA D 39 26.58 -2.57 -24.00
N PHE D 40 26.05 -1.36 -23.94
CA PHE D 40 26.79 -0.15 -23.64
C PHE D 40 27.77 -0.43 -22.55
N GLY D 41 27.33 -1.17 -21.55
CA GLY D 41 28.10 -1.41 -20.35
C GLY D 41 29.35 -2.21 -20.64
N ILE D 42 29.19 -3.25 -21.45
CA ILE D 42 30.32 -4.06 -21.85
C ILE D 42 31.30 -3.15 -22.56
N ARG D 43 30.81 -2.29 -23.45
CA ARG D 43 31.66 -1.38 -24.25
C ARG D 43 32.48 -0.42 -23.36
N VAL D 44 31.85 0.16 -22.33
CA VAL D 44 32.57 1.05 -21.41
C VAL D 44 33.62 0.29 -20.58
N MET D 45 33.24 -0.88 -20.07
CA MET D 45 34.10 -1.68 -19.20
C MET D 45 35.14 -2.43 -20.00
N SER D 46 35.00 -2.41 -21.31
CA SER D 46 35.95 -3.10 -22.15
C SER D 46 37.29 -2.38 -22.16
N GLN D 47 37.27 -1.07 -22.00
CA GLN D 47 38.49 -0.28 -22.08
C GLN D 47 39.52 -0.59 -20.95
N PHE D 48 39.14 -1.39 -19.96
CA PHE D 48 40.07 -1.90 -18.95
C PHE D 48 40.56 -3.25 -19.44
N PRO D 49 41.81 -3.62 -19.12
CA PRO D 49 42.30 -4.89 -19.63
C PRO D 49 41.69 -6.06 -18.89
N HIS D 50 41.73 -7.23 -19.48
CA HIS D 50 41.30 -8.49 -18.86
C HIS D 50 39.87 -8.67 -18.44
N PHE D 51 39.26 -7.65 -17.83
CA PHE D 51 38.05 -7.93 -17.11
C PHE D 51 36.93 -8.46 -17.97
N ILE D 52 36.60 -7.74 -19.04
CA ILE D 52 35.48 -8.17 -19.88
C ILE D 52 35.71 -9.59 -20.43
N PRO D 53 36.90 -9.83 -21.02
CA PRO D 53 37.17 -11.20 -21.56
C PRO D 53 37.12 -12.34 -20.54
N HIS D 54 37.53 -12.07 -19.31
CA HIS D 54 37.44 -13.07 -18.25
C HIS D 54 36.09 -13.27 -17.68
N ALA D 55 35.44 -12.14 -17.39
CA ALA D 55 34.09 -12.14 -16.92
C ALA D 55 33.31 -12.98 -17.91
N TRP D 56 33.48 -12.68 -19.20
CA TRP D 56 32.70 -13.32 -20.25
C TRP D 56 32.94 -14.79 -20.35
N ALA D 57 34.22 -15.16 -20.23
CA ALA D 57 34.65 -16.56 -20.28
C ALA D 57 33.87 -17.40 -19.29
N ALA D 58 33.72 -16.87 -18.07
CA ALA D 58 33.01 -17.55 -16.98
C ALA D 58 31.48 -17.53 -17.19
N LEU D 59 30.97 -16.44 -17.77
CA LEU D 59 29.55 -16.29 -17.97
C LEU D 59 29.07 -17.25 -19.03
N LYS D 60 29.77 -17.25 -20.17
CA LYS D 60 29.32 -17.97 -21.36
C LYS D 60 28.57 -19.30 -21.13
N PRO D 61 29.25 -20.31 -20.52
CA PRO D 61 28.56 -21.60 -20.52
C PRO D 61 27.29 -21.52 -19.71
N ASN D 62 27.23 -20.54 -18.83
CA ASN D 62 26.09 -20.42 -17.95
C ASN D 62 24.90 -19.73 -18.60
N ILE D 63 25.19 -18.74 -19.44
CA ILE D 63 24.19 -17.87 -19.98
C ILE D 63 23.59 -18.41 -21.27
N GLU D 64 24.28 -19.34 -21.91
CA GLU D 64 23.78 -19.96 -23.16
C GLU D 64 22.78 -21.09 -22.90
N THR D 65 22.32 -21.25 -21.65
CA THR D 65 21.37 -22.32 -21.33
C THR D 65 19.91 -21.87 -21.41
N ARG D 66 19.06 -22.86 -21.66
CA ARG D 66 17.63 -22.70 -21.62
C ARG D 66 17.26 -22.27 -20.20
N TYR D 67 17.95 -22.82 -19.20
CA TYR D 67 17.81 -22.31 -17.82
C TYR D 67 18.08 -20.81 -17.72
N ALA D 68 19.17 -20.34 -18.31
CA ALA D 68 19.45 -18.94 -18.25
C ALA D 68 18.36 -18.18 -18.99
N GLU D 69 17.82 -18.78 -20.06
CA GLU D 69 16.80 -18.11 -20.87
C GLU D 69 15.50 -17.85 -20.08
N ASP D 70 15.14 -18.82 -19.24
CA ASP D 70 13.94 -18.81 -18.42
C ASP D 70 13.98 -17.75 -17.35
N GLY D 71 15.22 -17.46 -16.93
CA GLY D 71 15.54 -16.40 -15.99
C GLY D 71 15.31 -15.07 -16.67
N ALA D 72 15.82 -14.91 -17.89
CA ALA D 72 15.55 -13.71 -18.68
C ALA D 72 14.03 -13.53 -18.97
N ASP D 73 13.35 -14.65 -19.20
CA ASP D 73 11.91 -14.63 -19.35
C ASP D 73 11.21 -14.18 -18.09
N LEU D 74 11.66 -14.69 -16.94
CA LEU D 74 11.11 -14.30 -15.61
C LEU D 74 11.23 -12.82 -15.30
N ILE D 75 12.37 -12.21 -15.68
CA ILE D 75 12.60 -10.77 -15.59
C ILE D 75 11.64 -10.05 -16.49
N ARG D 76 11.58 -10.46 -17.77
CA ARG D 76 10.78 -9.73 -18.74
C ARG D 76 9.33 -9.70 -18.27
N LEU D 77 8.81 -10.86 -17.92
CA LEU D 77 7.44 -10.99 -17.47
C LEU D 77 7.14 -10.10 -16.28
N ASN D 78 8.16 -9.75 -15.49
CA ASN D 78 7.89 -9.02 -14.26
C ASN D 78 8.18 -7.52 -14.29
N SER D 79 8.60 -7.05 -15.47
CA SER D 79 9.05 -5.69 -15.72
C SER D 79 7.94 -4.65 -16.00
N ILE D 80 6.68 -5.02 -15.85
CA ILE D 80 5.61 -4.01 -16.04
C ILE D 80 5.53 -3.04 -14.86
N VAL D 81 5.33 -1.75 -15.13
CA VAL D 81 5.14 -0.78 -14.04
C VAL D 81 3.68 -0.57 -13.67
N PRO D 82 3.30 -0.85 -12.42
CA PRO D 82 1.92 -0.57 -11.99
C PRO D 82 1.67 0.94 -11.90
N GLY D 83 1.45 1.55 -13.06
CA GLY D 83 1.35 3.00 -13.11
C GLY D 83 0.22 3.47 -14.00
N PRO D 84 0.27 4.75 -14.40
CA PRO D 84 -0.74 5.36 -15.25
C PRO D 84 -0.91 4.56 -16.52
N VAL D 85 -2.13 4.47 -17.01
CA VAL D 85 -2.40 3.79 -18.29
C VAL D 85 -2.05 4.77 -19.39
N MET D 86 -1.33 4.28 -20.40
CA MET D 86 -0.76 5.18 -21.45
C MET D 86 -1.58 5.21 -22.73
N PRO D 87 -1.58 6.34 -23.45
CA PRO D 87 -2.22 6.34 -24.76
C PRO D 87 -1.30 5.69 -25.82
N ASN D 88 -1.91 5.24 -26.90
CA ASN D 88 -1.22 4.59 -27.98
C ASN D 88 -0.60 5.67 -28.85
N PRO D 89 0.72 5.61 -29.13
CA PRO D 89 1.30 6.71 -29.92
C PRO D 89 1.04 6.60 -31.45
N THR D 90 0.48 5.48 -31.89
CA THR D 90 0.17 5.29 -33.30
C THR D 90 -0.63 6.45 -33.94
N PRO D 91 -1.80 6.86 -33.34
CA PRO D 91 -2.55 7.91 -34.03
C PRO D 91 -1.65 9.11 -34.19
N LYS D 92 -0.89 9.40 -33.12
CA LYS D 92 0.07 10.50 -33.09
C LYS D 92 1.12 10.41 -34.19
N LEU D 93 1.63 9.21 -34.46
CA LEU D 93 2.66 9.01 -35.49
C LEU D 93 2.07 9.07 -36.90
N LEU D 94 0.99 8.32 -37.11
CA LEU D 94 0.26 8.36 -38.38
C LEU D 94 -0.04 9.78 -38.78
N ARG D 95 -0.46 10.56 -37.81
CA ARG D 95 -0.83 11.93 -38.07
C ARG D 95 0.38 12.81 -38.43
N LEU D 96 1.59 12.37 -38.05
CA LEU D 96 2.84 13.00 -38.48
C LEU D 96 3.33 12.47 -39.84
N GLY D 97 2.58 11.57 -40.45
CA GLY D 97 2.93 11.11 -41.78
C GLY D 97 3.83 9.90 -41.78
N TRP D 98 4.08 9.31 -40.62
CA TRP D 98 4.81 8.04 -40.57
C TRP D 98 4.02 7.03 -41.36
N THR D 99 4.66 6.32 -42.28
CA THR D 99 3.97 5.25 -42.95
C THR D 99 3.81 4.13 -41.93
N GLU D 100 2.89 3.21 -42.24
CA GLU D 100 2.64 2.02 -41.41
C GLU D 100 3.88 1.20 -41.30
N SER D 101 4.47 0.97 -42.46
CA SER D 101 5.70 0.26 -42.63
C SER D 101 6.81 0.72 -41.64
N LYS D 102 7.02 2.04 -41.58
CA LYS D 102 7.96 2.66 -40.64
C LYS D 102 7.59 2.39 -39.17
N ILE D 103 6.30 2.48 -38.85
CA ILE D 103 5.83 2.21 -37.50
C ILE D 103 6.22 0.80 -37.18
N GLU D 104 5.98 -0.10 -38.14
CA GLU D 104 6.31 -1.52 -37.94
C GLU D 104 7.81 -1.81 -37.78
N GLU D 105 8.62 -0.93 -38.36
CA GLU D 105 10.07 -0.99 -38.27
C GLU D 105 10.43 -0.65 -36.82
N LEU D 106 9.77 0.39 -36.30
CA LEU D 106 9.93 0.86 -34.94
C LEU D 106 9.54 -0.17 -33.89
N LYS D 107 8.47 -0.92 -34.14
CA LYS D 107 8.02 -1.89 -33.16
C LYS D 107 8.86 -3.16 -33.23
N THR D 108 9.55 -3.35 -34.35
CA THR D 108 10.51 -4.41 -34.45
C THR D 108 11.75 -4.07 -33.63
N ALA D 109 12.16 -2.80 -33.71
CA ALA D 109 13.25 -2.30 -32.94
C ALA D 109 12.99 -2.50 -31.42
N LEU D 110 11.92 -1.88 -30.91
CA LEU D 110 11.55 -2.07 -29.52
C LEU D 110 11.50 -3.56 -29.18
N ASP D 111 10.99 -4.38 -30.09
CA ASP D 111 10.92 -5.81 -29.82
C ASP D 111 12.29 -6.44 -29.59
N LEU D 112 13.23 -6.08 -30.46
CA LEU D 112 14.61 -6.54 -30.37
C LEU D 112 15.23 -6.11 -29.05
N LEU D 113 15.03 -4.83 -28.73
CA LEU D 113 15.53 -4.27 -27.47
C LEU D 113 14.97 -4.99 -26.23
N ASN D 114 13.70 -5.39 -26.28
CA ASN D 114 13.11 -6.00 -25.09
C ASN D 114 13.44 -7.49 -25.02
N TYR D 115 14.01 -8.01 -26.11
CA TYR D 115 14.55 -9.35 -26.06
C TYR D 115 15.84 -9.32 -25.24
N GLY D 116 16.77 -8.46 -25.65
CA GLY D 116 18.10 -8.42 -25.05
C GLY D 116 18.22 -7.96 -23.59
N ASN D 117 17.59 -6.82 -23.24
CA ASN D 117 17.77 -6.21 -21.91
C ASN D 117 17.58 -7.19 -20.74
N PRO D 118 16.50 -7.97 -20.73
CA PRO D 118 16.51 -8.97 -19.66
C PRO D 118 17.75 -9.88 -19.68
N LYS D 119 18.14 -10.35 -20.86
CA LYS D 119 19.32 -11.18 -20.96
C LYS D 119 20.47 -10.40 -20.35
N TYR D 120 20.58 -9.12 -20.71
CA TYR D 120 21.68 -8.26 -20.23
C TYR D 120 21.60 -7.93 -18.72
N LEU D 121 20.42 -8.06 -18.15
CA LEU D 121 20.30 -8.03 -16.72
C LEU D 121 20.83 -9.31 -16.08
N ILE D 122 20.80 -10.43 -16.78
CA ILE D 122 21.39 -11.65 -16.25
C ILE D 122 22.90 -11.46 -16.32
N LEU D 123 23.38 -10.94 -17.45
CA LEU D 123 24.82 -10.65 -17.60
C LEU D 123 25.40 -9.89 -16.40
N ILE D 124 24.89 -8.66 -16.22
CA ILE D 124 25.42 -7.70 -15.27
C ILE D 124 25.31 -8.18 -13.81
N THR D 125 24.26 -8.93 -13.50
CA THR D 125 24.12 -9.50 -12.17
C THR D 125 25.20 -10.56 -11.91
N ALA D 126 25.43 -11.45 -12.88
CA ALA D 126 26.50 -12.42 -12.73
C ALA D 126 27.85 -11.72 -12.49
N PHE D 127 28.23 -10.78 -13.36
CA PHE D 127 29.42 -9.93 -13.16
C PHE D 127 29.43 -9.23 -11.79
N ASN D 128 28.37 -8.52 -11.42
CA ASN D 128 28.45 -7.76 -10.19
C ASN D 128 28.57 -8.65 -8.96
N GLU D 129 27.73 -9.67 -8.89
CA GLU D 129 27.78 -10.55 -7.75
C GLU D 129 29.06 -11.37 -7.67
N ALA D 130 29.56 -11.84 -8.81
CA ALA D 130 30.78 -12.64 -8.80
C ALA D 130 31.91 -11.80 -8.27
N TRP D 131 31.93 -10.53 -8.71
CA TRP D 131 32.97 -9.58 -8.33
C TRP D 131 33.21 -9.62 -6.84
N HIS D 132 32.12 -9.65 -6.08
CA HIS D 132 32.18 -9.60 -4.61
C HIS D 132 32.12 -10.95 -4.03
N GLU D 133 32.46 -11.96 -4.81
CA GLU D 133 32.47 -13.35 -4.36
C GLU D 133 31.14 -13.86 -3.83
N ARG D 134 30.04 -13.19 -4.17
CA ARG D 134 28.72 -13.69 -3.82
C ARG D 134 28.23 -14.71 -4.86
N ASP D 135 27.07 -15.31 -4.59
CA ASP D 135 26.70 -16.52 -5.30
C ASP D 135 26.27 -16.26 -6.76
N THR D 136 27.00 -16.85 -7.71
CA THR D 136 26.60 -16.84 -9.11
C THR D 136 26.77 -18.24 -9.70
N GLY D 137 26.87 -19.25 -8.84
CA GLY D 137 26.75 -20.62 -9.30
C GLY D 137 27.74 -21.59 -8.69
N GLY D 138 27.48 -22.87 -8.83
CA GLY D 138 28.43 -23.85 -8.37
C GLY D 138 28.27 -24.21 -6.92
N ARG D 139 27.27 -23.64 -6.25
CA ARG D 139 27.05 -23.95 -4.82
C ARG D 139 25.82 -24.82 -4.56
N ALA D 140 24.81 -24.65 -5.41
CA ALA D 140 23.57 -25.43 -5.37
C ALA D 140 23.82 -26.91 -5.12
N PRO D 141 22.94 -27.54 -4.31
CA PRO D 141 23.08 -28.95 -4.00
C PRO D 141 22.97 -29.80 -5.27
N GLN D 142 21.92 -29.55 -6.06
CA GLN D 142 21.67 -30.31 -7.29
C GLN D 142 22.23 -29.53 -8.49
N LYS D 143 22.99 -30.22 -9.34
CA LYS D 143 23.38 -29.68 -10.67
C LYS D 143 22.15 -29.45 -11.59
N LEU D 144 22.33 -28.72 -12.69
CA LEU D 144 21.29 -28.55 -13.71
C LEU D 144 21.03 -29.86 -14.44
N ARG D 145 19.76 -30.16 -14.67
CA ARG D 145 19.37 -31.43 -15.28
C ARG D 145 18.19 -31.30 -16.27
N GLY D 146 17.94 -32.40 -17.00
CA GLY D 146 16.97 -32.38 -18.07
C GLY D 146 17.41 -31.34 -19.07
N ARG D 147 16.46 -30.58 -19.56
CA ARG D 147 16.76 -29.63 -20.58
C ARG D 147 17.04 -28.21 -20.07
N ASP D 148 17.06 -28.07 -18.76
CA ASP D 148 17.56 -26.84 -18.16
C ASP D 148 19.02 -26.61 -18.59
N ALA D 149 19.72 -27.72 -18.79
CA ALA D 149 21.13 -27.71 -19.10
C ALA D 149 21.38 -27.44 -20.58
N GLU D 150 20.36 -27.56 -21.44
CA GLU D 150 20.59 -27.49 -22.87
C GLU D 150 21.02 -26.11 -23.37
N ARG D 151 21.67 -26.07 -24.52
CA ARG D 151 22.06 -24.79 -25.09
C ARG D 151 20.96 -24.29 -26.01
N ILE D 152 20.78 -22.96 -26.05
CA ILE D 152 19.91 -22.30 -27.03
C ILE D 152 20.70 -22.11 -28.34
N PRO D 153 20.00 -21.89 -29.47
CA PRO D 153 20.71 -21.65 -30.74
C PRO D 153 21.79 -20.55 -30.64
N TYR D 154 22.84 -20.67 -31.46
CA TYR D 154 23.88 -19.65 -31.61
C TYR D 154 23.55 -18.82 -32.85
N GLY D 155 23.85 -17.54 -32.84
CA GLY D 155 23.46 -16.69 -33.93
C GLY D 155 22.41 -15.66 -33.57
N LEU D 156 22.45 -14.50 -34.24
CA LEU D 156 21.30 -13.60 -34.29
C LEU D 156 20.06 -14.40 -34.75
N PRO D 157 18.85 -14.10 -34.21
CA PRO D 157 17.74 -14.91 -34.71
C PRO D 157 17.54 -14.58 -36.17
N ASN D 158 16.93 -15.53 -36.89
CA ASN D 158 16.96 -15.47 -38.34
C ASN D 158 16.18 -14.24 -38.86
N SER D 159 16.80 -13.51 -39.78
CA SER D 159 16.32 -12.19 -40.27
C SER D 159 16.46 -11.00 -39.29
N VAL D 160 17.21 -11.20 -38.21
CA VAL D 160 17.72 -10.07 -37.41
C VAL D 160 19.14 -9.67 -37.89
N GLU D 161 19.44 -8.37 -37.89
CA GLU D 161 20.79 -7.87 -38.17
C GLU D 161 21.34 -6.92 -37.06
N LYS D 162 22.65 -6.85 -36.92
CA LYS D 162 23.25 -6.04 -35.89
C LYS D 162 22.74 -4.59 -36.02
N PHE D 163 22.49 -3.92 -34.91
CA PHE D 163 22.09 -2.52 -34.95
C PHE D 163 23.25 -1.61 -35.39
N ASN D 164 22.92 -0.38 -35.79
CA ASN D 164 23.96 0.59 -36.11
C ASN D 164 23.72 1.81 -35.25
N LEU D 165 24.30 1.83 -34.05
CA LEU D 165 24.11 2.95 -33.11
C LEU D 165 24.37 4.28 -33.79
N LEU D 166 23.56 5.31 -33.49
CA LEU D 166 23.86 6.62 -34.03
C LEU D 166 25.16 7.20 -33.42
N ASP D 167 25.85 8.04 -34.19
CA ASP D 167 26.96 8.82 -33.69
C ASP D 167 26.36 10.09 -33.05
N ILE D 168 26.67 10.28 -31.77
CA ILE D 168 26.06 11.35 -31.00
C ILE D 168 26.62 12.71 -31.39
N GLU D 169 27.92 12.76 -31.70
CA GLU D 169 28.49 14.02 -32.17
C GLU D 169 27.90 14.45 -33.52
N LYS D 170 27.65 13.49 -34.41
CA LYS D 170 27.11 13.82 -35.72
C LYS D 170 25.61 14.16 -35.67
N ALA D 171 24.98 14.00 -34.52
CA ALA D 171 23.50 14.07 -34.40
C ALA D 171 22.91 15.47 -34.25
N SER D 172 21.67 15.66 -34.72
CA SER D 172 20.93 16.92 -34.55
C SER D 172 20.75 17.34 -33.08
N ASP D 173 20.69 18.66 -32.83
CA ASP D 173 20.32 19.18 -31.51
C ASP D 173 19.06 18.52 -30.97
N ARG D 174 18.05 18.35 -31.83
CA ARG D 174 16.80 17.71 -31.42
C ARG D 174 17.07 16.31 -30.86
N THR D 175 17.74 15.45 -31.64
CA THR D 175 18.11 14.12 -31.18
C THR D 175 18.98 14.20 -29.93
N GLN D 176 19.77 15.26 -29.85
CA GLN D 176 20.72 15.31 -28.79
C GLN D 176 20.02 15.72 -27.51
N THR D 177 18.95 16.50 -27.66
CA THR D 177 18.25 17.05 -26.55
C THR D 177 17.42 15.94 -25.98
N VAL D 178 16.75 15.19 -26.84
CA VAL D 178 15.81 14.19 -26.37
C VAL D 178 16.56 13.06 -25.65
N LEU D 179 17.70 12.67 -26.21
CA LEU D 179 18.49 11.61 -25.63
C LEU D 179 18.95 12.01 -24.22
N ARG D 180 19.52 13.21 -24.15
CA ARG D 180 19.86 13.94 -22.94
C ARG D 180 18.73 13.96 -21.92
N ASP D 181 17.55 14.36 -22.37
CA ASP D 181 16.38 14.47 -21.49
C ASP D 181 15.99 13.13 -20.85
N ILE D 182 15.97 12.06 -21.65
CA ILE D 182 15.71 10.71 -21.14
C ILE D 182 16.81 10.24 -20.18
N ARG D 183 18.04 10.66 -20.44
CA ARG D 183 19.17 10.32 -19.56
C ARG D 183 18.79 10.86 -18.19
N ASP D 184 18.54 12.18 -18.16
CA ASP D 184 18.45 12.98 -16.95
C ASP D 184 17.17 12.74 -16.17
N ALA D 185 16.08 12.44 -16.88
CA ALA D 185 14.81 12.12 -16.23
C ALA D 185 14.97 10.86 -15.38
N PHE D 186 15.94 10.01 -15.69
CA PHE D 186 16.15 8.83 -14.85
C PHE D 186 17.39 8.94 -13.98
N LEU D 187 18.02 10.11 -13.99
CA LEU D 187 19.33 10.37 -13.38
C LEU D 187 20.39 9.40 -13.83
N HIS D 188 20.42 9.11 -15.14
CA HIS D 188 21.41 8.22 -15.73
C HIS D 188 22.67 8.95 -16.21
N HIS D 189 23.65 8.18 -16.71
CA HIS D 189 24.98 8.72 -17.10
C HIS D 189 25.19 9.00 -18.55
N GLY D 190 24.39 8.38 -19.40
CA GLY D 190 24.41 8.64 -20.83
C GLY D 190 23.28 7.87 -21.50
N PRO D 191 23.15 8.01 -22.82
CA PRO D 191 22.13 7.28 -23.58
C PRO D 191 22.46 5.79 -23.66
N ALA D 192 21.49 4.96 -23.31
CA ALA D 192 21.65 3.54 -23.50
C ALA D 192 21.70 3.33 -24.97
N SER D 193 22.46 2.32 -25.41
CA SER D 193 22.36 1.82 -26.79
C SER D 193 20.91 1.84 -27.30
N ASN D 194 19.96 1.46 -26.44
CA ASN D 194 18.55 1.50 -26.77
C ASN D 194 18.11 2.85 -27.34
N TYR D 195 18.58 3.95 -26.74
CA TYR D 195 18.20 5.24 -27.27
C TYR D 195 19.04 5.64 -28.46
N ARG D 196 20.19 5.02 -28.62
CA ARG D 196 21.03 5.32 -29.79
C ARG D 196 20.51 4.55 -30.99
N VAL D 197 19.78 3.48 -30.72
CA VAL D 197 19.07 2.81 -31.75
C VAL D 197 17.79 3.62 -32.04
N LEU D 198 16.98 3.88 -31.03
CA LEU D 198 15.70 4.59 -31.22
C LEU D 198 15.84 6.07 -31.61
N GLY D 199 17.02 6.65 -31.44
CA GLY D 199 17.19 8.10 -31.63
C GLY D 199 17.25 8.56 -33.07
N VAL D 200 17.26 7.62 -34.00
CA VAL D 200 17.22 8.01 -35.40
C VAL D 200 15.88 8.64 -35.61
N TRP D 201 14.97 8.39 -34.66
CA TRP D 201 13.59 8.85 -34.68
C TRP D 201 13.28 9.86 -33.61
N PRO D 202 13.95 11.02 -33.62
CA PRO D 202 13.79 11.84 -32.43
C PRO D 202 12.34 12.12 -32.08
N ASP D 203 11.48 12.23 -33.09
CA ASP D 203 10.10 12.65 -32.87
C ASP D 203 9.31 11.64 -32.03
N TYR D 204 9.44 10.36 -32.35
CA TYR D 204 8.88 9.31 -31.53
C TYR D 204 9.33 9.39 -30.05
N LEU D 205 10.63 9.48 -29.82
CA LEU D 205 11.10 9.48 -28.45
C LEU D 205 10.52 10.65 -27.65
N GLU D 206 10.40 11.82 -28.27
CA GLU D 206 9.79 12.96 -27.59
C GLU D 206 8.40 12.59 -27.07
N ILE D 207 7.60 11.91 -27.90
CA ILE D 207 6.30 11.42 -27.51
C ILE D 207 6.37 10.37 -26.39
N ALA D 208 7.30 9.43 -26.53
CA ALA D 208 7.54 8.40 -25.53
C ALA D 208 7.88 9.02 -24.17
N LEU D 209 8.71 10.06 -24.18
CA LEU D 209 9.15 10.75 -22.98
C LEU D 209 7.97 11.36 -22.24
N ARG D 210 7.24 12.24 -22.92
CA ARG D 210 5.99 12.83 -22.47
C ARG D 210 4.90 11.76 -22.07
N ASP D 211 4.68 10.75 -22.89
CA ASP D 211 3.58 9.82 -22.66
C ASP D 211 3.94 8.67 -21.74
N SER D 212 5.09 8.06 -21.96
CA SER D 212 5.40 6.83 -21.25
C SER D 212 6.42 6.92 -20.11
N LEU D 213 7.44 7.76 -20.27
CA LEU D 213 8.61 7.73 -19.38
C LEU D 213 8.57 8.77 -18.28
N ALA D 214 8.64 10.04 -18.65
CA ALA D 214 8.58 11.13 -17.67
C ALA D 214 7.56 10.93 -16.52
N PRO D 215 6.33 10.47 -16.82
CA PRO D 215 5.41 10.42 -15.69
C PRO D 215 5.76 9.37 -14.65
N VAL D 216 6.57 8.37 -14.99
CA VAL D 216 6.91 7.34 -13.99
C VAL D 216 8.31 7.50 -13.44
N ALA D 217 9.12 8.27 -14.17
CA ALA D 217 10.55 8.38 -13.86
C ALA D 217 10.74 8.78 -12.41
N LEU D 218 11.64 8.08 -11.72
CA LEU D 218 12.05 8.39 -10.34
C LEU D 218 10.97 8.05 -9.28
N SER D 219 9.89 7.41 -9.70
CA SER D 219 8.77 7.26 -8.80
C SER D 219 8.92 5.97 -8.06
N ALA D 220 8.23 5.90 -6.93
CA ALA D 220 8.18 4.66 -6.14
C ALA D 220 7.77 3.39 -6.94
N GLU D 221 6.73 3.47 -7.75
CA GLU D 221 6.25 2.27 -8.46
C GLU D 221 7.34 1.81 -9.42
N TYR D 222 8.03 2.79 -10.00
CA TYR D 222 9.03 2.47 -10.99
C TYR D 222 10.20 1.76 -10.32
N ASP D 223 10.80 2.38 -9.30
CA ASP D 223 11.88 1.76 -8.51
C ASP D 223 11.52 0.38 -7.89
N GLU D 224 10.32 0.24 -7.35
CA GLU D 224 9.89 -1.06 -6.86
C GLU D 224 9.97 -2.14 -7.96
N THR D 225 9.53 -1.82 -9.16
CA THR D 225 9.64 -2.76 -10.28
C THR D 225 11.12 -3.04 -10.55
N ALA D 226 11.96 -2.02 -10.50
CA ALA D 226 13.40 -2.22 -10.56
C ALA D 226 13.90 -3.18 -9.45
N ARG D 227 13.50 -2.95 -8.21
CA ARG D 227 13.91 -3.84 -7.14
C ARG D 227 13.52 -5.30 -7.47
N ARG D 228 12.25 -5.45 -7.87
CA ARG D 228 11.63 -6.73 -8.06
C ARG D 228 12.41 -7.55 -9.07
N ILE D 229 12.79 -6.90 -10.17
CA ILE D 229 13.43 -7.66 -11.24
C ILE D 229 14.88 -7.89 -10.93
N ARG D 230 15.54 -6.90 -10.33
CA ARG D 230 16.93 -7.07 -9.90
C ARG D 230 17.09 -8.30 -9.01
N LYS D 231 16.10 -8.46 -8.11
CA LYS D 231 16.03 -9.59 -7.24
C LYS D 231 15.70 -10.86 -7.99
N ILE D 232 14.96 -10.76 -9.07
CA ILE D 232 14.65 -11.98 -9.82
C ILE D 232 16.00 -12.45 -10.39
N ALA D 233 16.72 -11.53 -11.01
CA ALA D 233 18.00 -11.84 -11.61
C ALA D 233 18.95 -12.48 -10.61
N ARG D 234 19.03 -11.89 -9.42
CA ARG D 234 19.94 -12.33 -8.38
C ARG D 234 19.62 -13.73 -7.88
N GLU D 235 18.36 -14.02 -7.54
CA GLU D 235 18.02 -15.40 -7.20
C GLU D 235 18.37 -16.36 -8.37
N HIS D 236 18.17 -15.92 -9.60
CA HIS D 236 18.30 -16.84 -10.73
C HIS D 236 19.70 -17.35 -10.98
N VAL D 237 20.68 -16.45 -10.93
CA VAL D 237 22.08 -16.84 -11.14
C VAL D 237 22.63 -17.88 -10.11
N LYS D 238 22.08 -17.86 -8.89
CA LYS D 238 22.45 -18.86 -7.92
C LYS D 238 22.27 -20.30 -8.44
N GLY D 239 21.51 -20.46 -9.53
CA GLY D 239 21.21 -21.78 -10.07
C GLY D 239 22.26 -22.34 -11.01
N PHE D 240 23.22 -21.48 -11.39
CA PHE D 240 24.19 -21.83 -12.41
C PHE D 240 25.01 -23.03 -12.03
N ASP D 241 25.54 -23.74 -13.01
CA ASP D 241 26.35 -24.87 -12.63
C ASP D 241 27.71 -24.46 -12.05
N LYS D 242 28.28 -23.37 -12.54
CA LYS D 242 29.54 -22.88 -12.00
C LYS D 242 29.64 -21.35 -11.99
N PRO D 243 30.48 -20.77 -11.09
CA PRO D 243 30.60 -19.32 -10.99
C PRO D 243 30.59 -18.66 -12.35
N ALA D 244 29.79 -17.61 -12.48
CA ALA D 244 29.63 -16.92 -13.77
C ALA D 244 30.19 -15.47 -13.80
N GLY D 245 31.41 -15.32 -13.32
CA GLY D 245 32.13 -14.06 -13.44
C GLY D 245 33.46 -14.28 -12.74
N VAL D 246 34.21 -13.19 -12.55
CA VAL D 246 35.46 -13.21 -11.77
C VAL D 246 35.35 -12.30 -10.55
N ALA D 247 35.97 -12.74 -9.44
CA ALA D 247 36.06 -11.97 -8.20
C ALA D 247 37.18 -10.92 -8.28
N TRP D 248 37.02 -9.73 -7.70
CA TRP D 248 38.11 -8.75 -7.86
C TRP D 248 39.41 -9.17 -7.18
N ARG D 249 39.30 -9.85 -6.04
CA ARG D 249 40.44 -10.39 -5.31
C ARG D 249 41.18 -11.49 -6.08
N ASP D 250 40.65 -11.86 -7.25
CA ASP D 250 41.38 -12.75 -8.14
C ASP D 250 42.08 -11.99 -9.27
N MET D 251 41.88 -10.67 -9.31
CA MET D 251 42.33 -9.84 -10.44
C MET D 251 43.52 -8.92 -10.13
N THR D 252 44.15 -9.10 -8.98
CA THR D 252 45.15 -8.13 -8.52
C THR D 252 46.43 -8.15 -9.36
N GLU D 253 46.62 -9.24 -10.09
CA GLU D 253 47.75 -9.44 -10.98
C GLU D 253 47.51 -8.76 -12.34
N LYS D 254 46.25 -8.35 -12.59
CA LYS D 254 45.80 -7.92 -13.92
C LYS D 254 45.23 -6.50 -13.98
N LEU D 255 44.71 -6.01 -12.87
CA LEU D 255 44.10 -4.69 -12.85
C LEU D 255 44.81 -3.92 -11.78
N SER D 256 44.92 -2.60 -11.92
CA SER D 256 45.53 -1.81 -10.84
C SER D 256 44.54 -1.62 -9.72
N ALA D 257 45.01 -1.11 -8.58
CA ALA D 257 44.14 -0.80 -7.46
C ALA D 257 43.10 0.26 -7.88
N GLU D 258 43.51 1.17 -8.74
CA GLU D 258 42.63 2.22 -9.25
C GLU D 258 41.54 1.65 -10.14
N GLN D 259 41.95 0.72 -11.01
CA GLN D 259 41.04 0.15 -11.96
C GLN D 259 40.05 -0.72 -11.22
N ILE D 260 40.50 -1.42 -10.17
CA ILE D 260 39.57 -2.22 -9.38
C ILE D 260 38.45 -1.31 -8.85
N ALA D 261 38.82 -0.15 -8.32
CA ALA D 261 37.84 0.77 -7.81
C ALA D 261 36.93 1.15 -8.98
N GLY D 262 37.54 1.46 -10.12
CA GLY D 262 36.80 1.95 -11.28
C GLY D 262 35.75 0.93 -11.68
N LEU D 263 36.21 -0.27 -11.99
CA LEU D 263 35.32 -1.38 -12.33
C LEU D 263 34.22 -1.64 -11.28
N THR D 264 34.55 -1.50 -10.00
CA THR D 264 33.60 -1.81 -8.95
C THR D 264 32.36 -0.92 -9.03
N GLY D 265 32.60 0.40 -9.18
CA GLY D 265 31.52 1.36 -9.37
C GLY D 265 30.72 1.13 -10.66
N LEU D 266 31.43 1.05 -11.78
CA LEU D 266 30.78 0.74 -13.06
C LEU D 266 29.88 -0.52 -12.98
N LEU D 267 30.40 -1.62 -12.44
CA LEU D 267 29.57 -2.82 -12.24
C LEU D 267 28.29 -2.51 -11.47
N PHE D 268 28.40 -1.79 -10.35
CA PHE D 268 27.22 -1.47 -9.57
C PHE D 268 26.24 -0.58 -10.30
N MET D 269 26.77 0.43 -11.00
CA MET D 269 25.95 1.33 -11.79
C MET D 269 25.23 0.61 -12.95
N TYR D 270 25.92 -0.28 -13.65
CA TYR D 270 25.29 -0.98 -14.75
C TYR D 270 24.24 -2.03 -14.28
N ASN D 271 24.38 -2.54 -13.05
CA ASN D 271 23.30 -3.32 -12.48
C ASN D 271 22.00 -2.51 -12.29
N ARG D 272 22.13 -1.25 -11.89
CA ARG D 272 20.97 -0.39 -11.78
C ARG D 272 20.46 0.06 -13.14
N PHE D 273 21.39 0.47 -13.99
CA PHE D 273 21.07 1.08 -15.28
C PHE D 273 20.32 0.10 -16.18
N ILE D 274 20.88 -1.10 -16.35
CA ILE D 274 20.20 -2.10 -17.15
C ILE D 274 18.77 -2.31 -16.65
N ALA D 275 18.63 -2.68 -15.39
CA ALA D 275 17.29 -2.84 -14.81
C ALA D 275 16.32 -1.70 -15.23
N ASP D 276 16.66 -0.44 -14.92
CA ASP D 276 15.91 0.74 -15.42
C ASP D 276 15.58 0.70 -16.94
N ILE D 277 16.60 0.53 -17.78
CA ILE D 277 16.38 0.47 -19.23
C ILE D 277 15.48 -0.73 -19.63
N THR D 278 15.71 -1.90 -19.05
CA THR D 278 14.78 -2.99 -19.32
C THR D 278 13.32 -2.53 -19.19
N ILE D 279 12.99 -2.11 -17.97
CA ILE D 279 11.67 -1.54 -17.67
C ILE D 279 11.22 -0.44 -18.64
N ALA D 280 12.08 0.54 -18.90
CA ALA D 280 11.68 1.65 -19.74
C ALA D 280 11.24 1.24 -21.14
N ILE D 281 11.92 0.28 -21.76
CA ILE D 281 11.69 0.06 -23.20
C ILE D 281 10.46 -0.80 -23.36
N ILE D 282 10.31 -1.75 -22.44
CA ILE D 282 9.12 -2.60 -22.34
C ILE D 282 7.87 -1.70 -22.25
N ARG D 283 7.88 -0.78 -21.29
CA ARG D 283 6.82 0.22 -21.18
C ARG D 283 6.56 0.97 -22.51
N LEU D 284 7.62 1.22 -23.31
CA LEU D 284 7.44 1.79 -24.63
C LEU D 284 6.61 0.86 -25.49
N LYS D 285 7.01 -0.40 -25.63
CA LYS D 285 6.19 -1.31 -26.41
C LYS D 285 4.76 -1.41 -25.84
N GLN D 286 4.67 -1.34 -24.51
CA GLN D 286 3.40 -1.43 -23.83
C GLN D 286 2.41 -0.38 -24.36
N ALA D 287 2.86 0.87 -24.50
CA ALA D 287 2.00 1.91 -25.04
C ALA D 287 1.44 1.54 -26.42
N PHE D 288 2.17 0.71 -27.15
CA PHE D 288 1.77 0.34 -28.49
C PHE D 288 0.72 -0.77 -28.45
N SER D 289 0.99 -1.83 -27.70
CA SER D 289 0.08 -2.98 -27.59
CA SER D 289 0.07 -2.98 -27.58
C SER D 289 -0.40 -3.15 -26.14
N GLY D 290 0.34 -3.92 -25.35
CA GLY D 290 -0.07 -4.18 -23.98
C GLY D 290 0.89 -5.09 -23.27
N PRO D 291 0.73 -5.21 -21.94
CA PRO D 291 1.64 -6.02 -21.11
C PRO D 291 1.98 -7.39 -21.70
N GLU D 292 0.99 -8.18 -22.16
CA GLU D 292 1.22 -9.53 -22.72
CA GLU D 292 1.29 -9.52 -22.66
C GLU D 292 2.21 -9.54 -23.88
N ASP D 293 2.04 -8.63 -24.83
CA ASP D 293 2.91 -8.60 -26.02
C ASP D 293 4.30 -8.10 -25.67
N ALA D 294 4.37 -6.89 -25.12
CA ALA D 294 5.59 -6.25 -24.68
C ALA D 294 6.52 -7.13 -23.81
N THR D 295 5.98 -8.05 -23.01
CA THR D 295 6.85 -8.86 -22.13
C THR D 295 7.01 -10.26 -22.60
N ALA D 296 6.45 -10.59 -23.75
CA ALA D 296 6.73 -11.88 -24.35
C ALA D 296 8.19 -11.98 -24.86
N ASN D 297 8.67 -13.21 -24.84
CA ASN D 297 9.88 -13.62 -25.51
C ASN D 297 9.54 -14.07 -26.92
N LYS D 298 9.92 -13.25 -27.90
CA LYS D 298 9.50 -13.46 -29.29
C LYS D 298 10.59 -14.06 -30.21
N TYR D 299 11.60 -14.69 -29.63
CA TYR D 299 12.76 -15.09 -30.46
C TYR D 299 13.45 -16.40 -30.07
N THR D 300 13.40 -16.80 -28.81
CA THR D 300 14.16 -17.97 -28.45
C THR D 300 13.27 -18.88 -27.65
N ASN D 301 12.65 -19.85 -28.35
CA ASN D 301 11.55 -20.64 -27.75
C ASN D 301 11.62 -22.13 -27.99
N ARG E 4 -33.15 -20.33 26.49
CA ARG E 4 -31.71 -20.55 26.12
C ARG E 4 -30.93 -19.26 26.28
N SER E 5 -29.76 -19.32 26.92
CA SER E 5 -28.99 -18.12 27.18
C SER E 5 -28.27 -17.57 25.94
N VAL E 6 -27.61 -16.42 26.12
CA VAL E 6 -27.02 -15.64 25.03
C VAL E 6 -25.79 -16.33 24.40
N LEU E 7 -25.01 -16.93 25.29
CA LEU E 7 -23.78 -17.62 24.97
C LEU E 7 -23.66 -18.76 26.01
N GLY E 8 -23.31 -19.97 25.58
CA GLY E 8 -23.07 -21.05 26.56
C GLY E 8 -21.62 -21.11 27.06
N SER E 9 -21.29 -22.11 27.88
CA SER E 9 -19.87 -22.43 28.11
C SER E 9 -19.39 -23.37 27.03
N PHE E 10 -18.07 -23.45 26.84
CA PHE E 10 -17.53 -24.26 25.77
C PHE E 10 -16.87 -25.52 26.35
N PRO E 11 -17.03 -26.68 25.69
CA PRO E 11 -16.49 -27.91 26.28
C PRO E 11 -14.98 -27.89 26.63
N GLN E 12 -14.65 -27.74 27.90
CA GLN E 12 -13.25 -27.64 28.34
C GLN E 12 -13.00 -28.21 29.74
N VAL E 13 -11.73 -28.43 30.08
CA VAL E 13 -11.35 -28.83 31.44
C VAL E 13 -11.00 -27.58 32.24
N ASP E 14 -12.04 -27.00 32.86
CA ASP E 14 -11.95 -25.81 33.69
C ASP E 14 -10.87 -25.97 34.76
N HIS E 15 -10.38 -24.87 35.29
CA HIS E 15 -9.24 -24.94 36.19
C HIS E 15 -9.45 -25.90 37.35
N HIS E 16 -10.60 -25.79 38.03
CA HIS E 16 -10.91 -26.62 39.22
C HIS E 16 -11.27 -28.05 38.89
N GLN E 17 -11.58 -28.32 37.63
CA GLN E 17 -11.91 -29.67 37.17
C GLN E 17 -10.69 -30.58 37.01
N ALA E 18 -9.53 -29.99 36.70
CA ALA E 18 -8.27 -30.71 36.52
C ALA E 18 -7.82 -31.33 37.83
N LYS E 19 -7.42 -32.59 37.79
CA LYS E 19 -7.08 -33.30 39.00
C LYS E 19 -5.79 -34.05 38.82
N GLY E 20 -5.19 -34.42 39.95
CA GLY E 20 -4.01 -35.27 39.98
C GLY E 20 -2.86 -34.80 39.12
N GLN E 21 -2.75 -35.41 37.93
CA GLN E 21 -1.57 -35.28 37.08
C GLN E 21 -1.69 -34.09 36.14
N LEU E 22 -2.85 -33.98 35.51
CA LEU E 22 -3.16 -32.81 34.74
C LEU E 22 -3.09 -31.55 35.62
N ALA E 23 -3.51 -31.66 36.87
CA ALA E 23 -3.46 -30.54 37.81
C ALA E 23 -2.03 -30.06 38.08
N GLU E 24 -1.07 -30.96 37.99
CA GLU E 24 0.33 -30.59 38.18
C GLU E 24 0.91 -29.94 36.94
N VAL E 25 0.28 -30.22 35.81
CA VAL E 25 0.74 -29.71 34.53
C VAL E 25 0.27 -28.26 34.35
N TYR E 26 -0.94 -27.98 34.82
CA TYR E 26 -1.46 -26.62 34.85
C TYR E 26 -0.54 -25.78 35.69
N ASP E 27 -0.17 -26.29 36.86
CA ASP E 27 0.68 -25.53 37.79
C ASP E 27 2.03 -25.27 37.20
N ASP E 28 2.65 -26.30 36.63
CA ASP E 28 3.94 -26.16 35.94
C ASP E 28 3.88 -25.11 34.79
N ILE E 29 2.75 -25.06 34.08
CA ILE E 29 2.51 -24.03 33.05
C ILE E 29 2.42 -22.62 33.66
N HIS E 30 1.51 -22.42 34.62
CA HIS E 30 1.47 -21.19 35.42
C HIS E 30 2.86 -20.68 35.74
N ASN E 31 3.68 -21.53 36.34
CA ASN E 31 4.95 -21.14 36.95
C ASN E 31 6.11 -21.06 36.00
N THR E 32 6.15 -21.99 35.06
CA THR E 32 7.21 -22.03 34.08
C THR E 32 7.10 -20.82 33.15
N MET E 33 5.88 -20.55 32.73
CA MET E 33 5.64 -19.40 31.90
C MET E 33 5.43 -18.14 32.74
N ARG E 34 5.23 -18.30 34.05
CA ARG E 34 5.09 -17.16 34.96
C ARG E 34 3.84 -16.37 34.65
N VAL E 35 2.68 -17.02 34.55
CA VAL E 35 1.48 -16.34 34.09
C VAL E 35 0.23 -16.78 34.90
N PRO E 36 -0.69 -15.83 35.19
CA PRO E 36 -1.62 -16.19 36.23
C PRO E 36 -2.86 -16.92 35.73
N TRP E 37 -2.76 -17.57 34.57
CA TRP E 37 -3.83 -18.46 34.06
C TRP E 37 -3.39 -19.51 33.05
N VAL E 38 -4.13 -20.61 33.01
CA VAL E 38 -3.87 -21.58 31.97
C VAL E 38 -4.69 -21.25 30.72
N ALA E 39 -4.03 -21.22 29.55
CA ALA E 39 -4.66 -20.77 28.30
C ALA E 39 -5.98 -21.46 28.07
N PHE E 40 -6.95 -20.72 27.58
CA PHE E 40 -8.19 -21.35 27.17
C PHE E 40 -7.95 -22.64 26.35
N GLY E 41 -6.96 -22.64 25.47
CA GLY E 41 -6.79 -23.74 24.52
C GLY E 41 -6.16 -24.99 25.10
N ILE E 42 -5.34 -24.83 26.13
CA ILE E 42 -4.86 -25.95 26.91
C ILE E 42 -6.06 -26.60 27.65
N ARG E 43 -6.91 -25.77 28.24
CA ARG E 43 -8.01 -26.28 29.03
C ARG E 43 -8.87 -27.11 28.11
N VAL E 44 -9.06 -26.64 26.88
CA VAL E 44 -9.82 -27.40 25.88
C VAL E 44 -9.09 -28.66 25.37
N MET E 45 -7.80 -28.56 25.11
CA MET E 45 -7.11 -29.67 24.48
C MET E 45 -6.68 -30.69 25.54
N SER E 46 -6.91 -30.36 26.80
CA SER E 46 -6.67 -31.27 27.88
C SER E 46 -7.76 -32.35 27.98
N GLN E 47 -8.91 -32.09 27.35
CA GLN E 47 -9.96 -33.10 27.23
C GLN E 47 -9.42 -34.43 26.64
N PHE E 48 -8.50 -34.31 25.67
CA PHE E 48 -7.88 -35.46 25.01
C PHE E 48 -6.81 -36.09 25.87
N PRO E 49 -6.70 -37.42 25.79
CA PRO E 49 -5.61 -38.07 26.55
C PRO E 49 -4.22 -37.74 26.00
N HIS E 50 -3.25 -37.62 26.91
CA HIS E 50 -1.83 -37.65 26.55
C HIS E 50 -1.23 -36.43 25.93
N PHE E 51 -1.97 -35.77 25.06
CA PHE E 51 -1.35 -34.72 24.25
C PHE E 51 -0.71 -33.60 25.07
N ILE E 52 -1.55 -32.78 25.72
CA ILE E 52 -1.05 -31.66 26.53
C ILE E 52 0.12 -32.10 27.39
N PRO E 53 -0.10 -33.06 28.31
CA PRO E 53 1.06 -33.44 29.16
C PRO E 53 2.34 -33.77 28.39
N HIS E 54 2.26 -34.41 27.22
CA HIS E 54 3.46 -34.76 26.45
C HIS E 54 4.10 -33.65 25.76
N ALA E 55 3.24 -32.90 25.07
CA ALA E 55 3.60 -31.71 24.36
C ALA E 55 4.15 -30.73 25.36
N TRP E 56 3.45 -30.55 26.49
CA TRP E 56 3.96 -29.69 27.52
C TRP E 56 5.36 -30.04 27.83
N ALA E 57 5.61 -31.33 28.09
CA ALA E 57 6.92 -31.78 28.55
C ALA E 57 8.05 -31.55 27.53
N ALA E 58 7.73 -31.64 26.24
CA ALA E 58 8.69 -31.31 25.19
C ALA E 58 8.91 -29.78 25.09
N LEU E 59 7.84 -29.01 25.26
CA LEU E 59 7.93 -27.57 25.17
C LEU E 59 8.74 -26.86 26.29
N LYS E 60 8.67 -27.41 27.50
CA LYS E 60 9.10 -26.72 28.73
C LYS E 60 10.56 -26.22 28.79
N PRO E 61 11.55 -27.13 28.62
CA PRO E 61 12.94 -26.69 28.60
C PRO E 61 13.16 -25.70 27.51
N ASN E 62 12.25 -25.66 26.57
CA ASN E 62 12.44 -24.78 25.44
C ASN E 62 11.99 -23.36 25.76
N ILE E 63 10.81 -23.27 26.38
CA ILE E 63 10.13 -22.02 26.60
C ILE E 63 10.66 -21.31 27.84
N GLU E 64 11.29 -22.06 28.74
CA GLU E 64 11.75 -21.48 29.98
C GLU E 64 13.09 -20.70 29.80
N THR E 65 13.65 -20.74 28.59
CA THR E 65 14.91 -19.99 28.32
C THR E 65 14.67 -18.48 28.17
N ARG E 66 15.70 -17.70 28.50
CA ARG E 66 15.74 -16.28 28.16
C ARG E 66 15.49 -16.10 26.67
N TYR E 67 16.13 -16.94 25.85
CA TYR E 67 15.91 -16.92 24.39
C TYR E 67 14.43 -16.89 24.09
N ALA E 68 13.70 -17.89 24.59
CA ALA E 68 12.28 -17.95 24.29
C ALA E 68 11.60 -16.64 24.75
N GLU E 69 12.06 -16.10 25.87
CA GLU E 69 11.53 -14.87 26.38
C GLU E 69 11.74 -13.71 25.40
N ASP E 70 12.89 -13.65 24.72
CA ASP E 70 13.06 -12.63 23.71
C ASP E 70 12.09 -12.82 22.56
N GLY E 71 11.89 -14.06 22.12
CA GLY E 71 10.86 -14.40 21.15
C GLY E 71 9.47 -13.85 21.46
N ALA E 72 9.03 -13.97 22.72
CA ALA E 72 7.74 -13.39 23.11
C ALA E 72 7.81 -11.87 23.18
N ASP E 73 8.94 -11.34 23.67
CA ASP E 73 9.20 -9.89 23.58
C ASP E 73 9.07 -9.38 22.15
N LEU E 74 9.69 -10.06 21.18
CA LEU E 74 9.56 -9.66 19.79
C LEU E 74 8.13 -9.62 19.33
N ILE E 75 7.39 -10.68 19.65
CA ILE E 75 5.96 -10.74 19.27
C ILE E 75 5.22 -9.55 19.89
N ARG E 76 5.33 -9.39 21.21
CA ARG E 76 4.62 -8.34 21.95
C ARG E 76 4.97 -7.04 21.29
N LEU E 77 6.26 -6.88 20.99
CA LEU E 77 6.76 -5.69 20.33
C LEU E 77 6.04 -5.36 19.01
N ASN E 78 5.67 -6.38 18.24
CA ASN E 78 5.15 -6.16 16.89
C ASN E 78 3.66 -6.40 16.74
N SER E 79 2.92 -6.28 17.84
CA SER E 79 1.48 -6.57 17.82
C SER E 79 0.60 -5.33 17.70
N ILE E 80 1.19 -4.17 17.41
CA ILE E 80 0.40 -2.95 17.15
C ILE E 80 -0.17 -2.93 15.72
N VAL E 81 -1.49 -2.85 15.62
CA VAL E 81 -2.19 -2.71 14.35
C VAL E 81 -2.06 -1.27 13.85
N PRO E 82 -1.46 -1.06 12.67
CA PRO E 82 -1.42 0.33 12.20
C PRO E 82 -2.82 0.82 11.77
N GLY E 83 -3.76 0.94 12.70
CA GLY E 83 -5.17 1.25 12.37
C GLY E 83 -5.42 2.68 12.76
N PRO E 84 -6.70 3.09 12.87
CA PRO E 84 -7.04 4.48 13.30
C PRO E 84 -6.59 4.77 14.74
N VAL E 85 -6.51 6.03 15.14
CA VAL E 85 -6.12 6.41 16.49
C VAL E 85 -7.28 6.36 17.47
N MET E 86 -6.99 5.92 18.71
CA MET E 86 -8.03 5.69 19.74
C MET E 86 -8.13 6.73 20.85
N PRO E 87 -9.37 7.11 21.27
CA PRO E 87 -9.51 7.95 22.48
C PRO E 87 -9.06 7.21 23.75
N ASN E 88 -8.60 7.93 24.77
CA ASN E 88 -8.17 7.30 26.00
C ASN E 88 -9.42 6.87 26.76
N PRO E 89 -9.44 5.61 27.27
CA PRO E 89 -10.69 5.31 27.94
C PRO E 89 -10.78 5.94 29.32
N THR E 90 -9.64 6.37 29.89
CA THR E 90 -9.65 6.93 31.24
C THR E 90 -10.82 7.91 31.47
N PRO E 91 -10.89 9.02 30.68
CA PRO E 91 -12.01 9.91 31.04
C PRO E 91 -13.31 9.16 31.15
N LYS E 92 -13.58 8.27 30.18
CA LYS E 92 -14.93 7.73 30.00
C LYS E 92 -15.34 6.91 31.22
N LEU E 93 -14.31 6.35 31.88
CA LEU E 93 -14.42 5.54 33.10
C LEU E 93 -14.57 6.41 34.36
N LEU E 94 -13.78 7.48 34.48
CA LEU E 94 -14.07 8.49 35.49
C LEU E 94 -15.55 8.97 35.43
N ARG E 95 -16.04 9.20 34.21
CA ARG E 95 -17.42 9.62 33.95
C ARG E 95 -18.44 8.61 34.45
N LEU E 96 -18.00 7.36 34.60
CA LEU E 96 -18.87 6.25 35.00
C LEU E 96 -18.85 5.91 36.50
N GLY E 97 -17.90 6.48 37.24
CA GLY E 97 -17.87 6.30 38.67
C GLY E 97 -16.52 5.83 39.13
N TRP E 98 -15.74 5.21 38.22
CA TRP E 98 -14.52 4.49 38.57
C TRP E 98 -13.56 5.31 39.36
N THR E 99 -13.08 4.75 40.46
CA THR E 99 -12.00 5.38 41.20
C THR E 99 -10.70 5.11 40.44
N GLU E 100 -9.76 6.06 40.50
CA GLU E 100 -8.42 5.80 40.00
C GLU E 100 -7.88 4.42 40.39
N SER E 101 -8.29 3.86 41.53
CA SER E 101 -7.82 2.50 41.89
C SER E 101 -8.38 1.44 40.96
N LYS E 102 -9.69 1.50 40.73
CA LYS E 102 -10.34 0.51 39.88
C LYS E 102 -9.70 0.57 38.49
N ILE E 103 -9.51 1.78 37.98
CA ILE E 103 -8.85 1.99 36.71
C ILE E 103 -7.47 1.32 36.69
N GLU E 104 -6.70 1.48 37.77
CA GLU E 104 -5.35 0.88 37.86
C GLU E 104 -5.38 -0.65 38.01
N GLU E 105 -6.49 -1.15 38.56
CA GLU E 105 -6.72 -2.57 38.76
C GLU E 105 -7.00 -3.22 37.41
N LEU E 106 -7.83 -2.54 36.60
CA LEU E 106 -8.08 -2.87 35.18
C LEU E 106 -6.84 -2.72 34.29
N LYS E 107 -6.02 -1.71 34.54
CA LYS E 107 -4.82 -1.54 33.74
C LYS E 107 -3.86 -2.69 34.02
N THR E 108 -3.76 -3.06 35.30
CA THR E 108 -2.85 -4.11 35.77
C THR E 108 -3.21 -5.44 35.15
N ALA E 109 -4.51 -5.77 35.11
CA ALA E 109 -5.01 -6.95 34.39
C ALA E 109 -4.62 -6.95 32.90
N LEU E 110 -4.73 -5.77 32.25
CA LEU E 110 -4.37 -5.70 30.85
C LEU E 110 -2.88 -6.00 30.74
N ASP E 111 -2.07 -5.43 31.64
CA ASP E 111 -0.63 -5.67 31.65
C ASP E 111 -0.32 -7.15 31.79
N LEU E 112 -1.15 -7.83 32.60
CA LEU E 112 -0.92 -9.24 32.86
C LEU E 112 -1.29 -10.04 31.62
N LEU E 113 -2.50 -9.89 31.08
CA LEU E 113 -2.85 -10.57 29.83
C LEU E 113 -1.76 -10.33 28.73
N ASN E 114 -1.33 -9.07 28.57
CA ASN E 114 -0.31 -8.70 27.56
C ASN E 114 1.10 -9.28 27.75
N TYR E 115 1.45 -9.60 28.98
CA TYR E 115 2.69 -10.33 29.21
C TYR E 115 2.54 -11.75 28.69
N GLY E 116 1.44 -12.40 29.09
CA GLY E 116 1.23 -13.83 28.90
C GLY E 116 0.78 -14.27 27.50
N ASN E 117 -0.10 -13.48 26.89
CA ASN E 117 -0.57 -13.71 25.51
C ASN E 117 0.53 -14.06 24.49
N PRO E 118 1.55 -13.20 24.33
CA PRO E 118 2.70 -13.52 23.48
C PRO E 118 3.39 -14.81 23.83
N LYS E 119 3.55 -15.10 25.12
CA LYS E 119 4.26 -16.29 25.50
C LYS E 119 3.49 -17.52 24.99
N TYR E 120 2.16 -17.42 25.05
CA TYR E 120 1.22 -18.42 24.58
C TYR E 120 1.17 -18.59 23.06
N LEU E 121 1.37 -17.50 22.32
CA LEU E 121 1.60 -17.61 20.91
C LEU E 121 2.87 -18.45 20.64
N ILE E 122 3.88 -18.29 21.49
CA ILE E 122 5.06 -19.15 21.37
C ILE E 122 4.72 -20.61 21.66
N LEU E 123 3.90 -20.84 22.68
CA LEU E 123 3.41 -22.18 23.00
C LEU E 123 2.67 -22.79 21.79
N ILE E 124 1.60 -22.16 21.38
CA ILE E 124 0.76 -22.78 20.38
C ILE E 124 1.54 -23.03 19.08
N THR E 125 2.40 -22.08 18.69
CA THR E 125 3.28 -22.26 17.52
C THR E 125 4.05 -23.56 17.69
N ALA E 126 4.86 -23.67 18.73
CA ALA E 126 5.54 -24.91 19.02
C ALA E 126 4.59 -26.14 18.88
N PHE E 127 3.47 -26.17 19.61
CA PHE E 127 2.62 -27.34 19.57
C PHE E 127 2.16 -27.65 18.16
N ASN E 128 1.75 -26.62 17.43
CA ASN E 128 1.23 -26.80 16.07
C ASN E 128 2.28 -27.27 15.08
N GLU E 129 3.37 -26.52 14.97
CA GLU E 129 4.40 -26.88 14.06
C GLU E 129 4.96 -28.30 14.30
N ALA E 130 5.20 -28.68 15.54
CA ALA E 130 5.77 -30.01 15.83
C ALA E 130 4.80 -31.14 15.51
N TRP E 131 3.52 -30.90 15.79
CA TRP E 131 2.45 -31.84 15.46
C TRP E 131 2.55 -32.30 14.02
N HIS E 132 2.97 -31.39 13.13
CA HIS E 132 3.09 -31.64 11.69
C HIS E 132 4.50 -31.82 11.29
N GLU E 133 5.37 -32.11 12.25
CA GLU E 133 6.80 -32.43 12.00
C GLU E 133 7.56 -31.32 11.29
N ARG E 134 7.13 -30.08 11.48
CA ARG E 134 7.89 -28.95 10.98
C ARG E 134 8.83 -28.43 12.08
N ASP E 135 9.69 -27.49 11.69
CA ASP E 135 10.78 -27.05 12.50
C ASP E 135 10.36 -26.32 13.79
N THR E 136 10.67 -26.96 14.93
CA THR E 136 10.43 -26.41 16.27
C THR E 136 11.60 -26.67 17.23
N GLY E 137 12.82 -26.70 16.67
CA GLY E 137 14.01 -26.94 17.49
C GLY E 137 14.84 -28.14 17.06
N GLY E 138 16.13 -28.07 17.37
CA GLY E 138 17.07 -29.17 17.12
C GLY E 138 17.71 -29.25 15.76
N ARG E 139 17.22 -28.52 14.79
CA ARG E 139 17.83 -28.60 13.47
C ARG E 139 18.93 -27.59 13.34
N ALA E 140 18.91 -26.59 14.22
CA ALA E 140 19.85 -25.46 14.17
C ALA E 140 21.33 -25.91 14.14
N PRO E 141 22.17 -25.17 13.36
CA PRO E 141 23.61 -25.39 13.33
C PRO E 141 24.20 -25.65 14.74
N GLN E 142 24.10 -24.67 15.65
CA GLN E 142 24.63 -24.81 17.01
C GLN E 142 23.63 -24.46 18.13
N LYS E 143 23.80 -25.12 19.28
CA LYS E 143 22.94 -24.97 20.47
C LYS E 143 22.94 -23.56 21.07
N LEU E 144 21.90 -23.23 21.82
CA LEU E 144 21.85 -21.91 22.47
C LEU E 144 22.95 -21.86 23.53
N ARG E 145 23.53 -20.67 23.70
CA ARG E 145 24.62 -20.45 24.64
C ARG E 145 24.56 -19.07 25.25
N GLY E 146 25.35 -18.86 26.30
CA GLY E 146 25.47 -17.56 26.95
C GLY E 146 24.18 -17.10 27.58
N ARG E 147 23.92 -15.80 27.54
CA ARG E 147 22.66 -15.27 27.97
C ARG E 147 21.54 -16.17 27.45
N ASP E 148 21.59 -16.57 26.16
CA ASP E 148 20.47 -17.26 25.50
C ASP E 148 19.94 -18.51 26.21
N ALA E 149 20.83 -19.28 26.82
CA ALA E 149 20.43 -20.54 27.45
C ALA E 149 19.86 -20.43 28.87
N GLU E 150 20.21 -19.35 29.61
CA GLU E 150 19.78 -19.16 31.01
C GLU E 150 18.28 -19.27 31.21
N ARG E 151 17.86 -19.97 32.25
CA ARG E 151 16.43 -20.09 32.53
C ARG E 151 15.92 -18.85 33.24
N ILE E 152 14.72 -18.40 32.89
CA ILE E 152 14.09 -17.28 33.59
C ILE E 152 13.62 -17.69 35.01
N PRO E 153 13.11 -16.72 35.81
CA PRO E 153 12.73 -17.20 37.15
C PRO E 153 11.59 -18.20 37.05
N TYR E 154 11.37 -18.94 38.12
CA TYR E 154 10.23 -19.87 38.21
C TYR E 154 9.16 -19.25 39.12
N GLY E 155 7.89 -19.42 38.76
CA GLY E 155 6.80 -18.81 39.51
C GLY E 155 6.32 -17.43 39.07
N LEU E 156 5.10 -17.09 39.49
CA LEU E 156 4.49 -15.79 39.27
C LEU E 156 5.32 -14.68 39.91
N PRO E 157 5.45 -13.52 39.22
CA PRO E 157 6.28 -12.43 39.78
C PRO E 157 5.68 -11.94 41.09
N ASN E 158 6.40 -11.11 41.81
CA ASN E 158 5.83 -10.61 43.07
C ASN E 158 4.47 -9.91 42.91
N SER E 159 3.53 -10.30 43.76
CA SER E 159 2.19 -9.70 43.84
C SER E 159 1.23 -10.17 42.73
N VAL E 160 1.67 -11.08 41.88
CA VAL E 160 0.71 -11.66 40.96
C VAL E 160 0.12 -12.93 41.58
N GLU E 161 -1.20 -12.93 41.71
CA GLU E 161 -1.97 -14.11 42.15
C GLU E 161 -2.72 -14.63 40.93
N LYS E 162 -3.05 -15.92 40.91
CA LYS E 162 -3.89 -16.50 39.85
C LYS E 162 -5.25 -15.84 39.59
N PHE E 163 -5.50 -15.52 38.32
CA PHE E 163 -6.77 -14.99 37.87
C PHE E 163 -7.93 -15.94 38.12
N ASN E 164 -9.06 -15.40 38.59
CA ASN E 164 -10.28 -16.19 38.76
C ASN E 164 -11.19 -15.93 37.58
N LEU E 165 -11.37 -16.94 36.73
CA LEU E 165 -12.25 -16.81 35.57
C LEU E 165 -13.73 -16.69 35.95
N LEU E 166 -14.42 -15.68 35.41
CA LEU E 166 -15.86 -15.58 35.68
C LEU E 166 -16.60 -16.77 35.09
N ASP E 167 -17.66 -17.20 35.79
CA ASP E 167 -18.48 -18.29 35.33
C ASP E 167 -19.55 -17.70 34.42
N ILE E 168 -19.53 -18.12 33.16
CA ILE E 168 -20.43 -17.62 32.13
C ILE E 168 -21.95 -17.81 32.41
N GLU E 169 -22.37 -18.97 32.92
CA GLU E 169 -23.82 -19.20 33.12
C GLU E 169 -24.39 -18.39 34.25
N LYS E 170 -23.60 -18.24 35.31
CA LYS E 170 -23.95 -17.37 36.41
C LYS E 170 -23.86 -15.87 36.09
N ALA E 171 -23.26 -15.52 34.95
CA ALA E 171 -23.05 -14.12 34.59
C ALA E 171 -24.34 -13.45 34.11
N SER E 172 -24.40 -12.13 34.29
CA SER E 172 -25.57 -11.35 33.87
C SER E 172 -25.71 -11.39 32.35
N ASP E 173 -26.88 -11.01 31.86
CA ASP E 173 -27.07 -10.82 30.41
C ASP E 173 -26.13 -9.76 29.79
N ARG E 174 -25.81 -8.72 30.55
CA ARG E 174 -24.95 -7.67 30.04
C ARG E 174 -23.58 -8.32 29.79
N THR E 175 -23.05 -9.04 30.76
CA THR E 175 -21.73 -9.65 30.59
C THR E 175 -21.73 -10.69 29.47
N GLN E 176 -22.77 -11.51 29.42
CA GLN E 176 -22.95 -12.47 28.33
C GLN E 176 -22.96 -11.81 26.95
N THR E 177 -23.77 -10.76 26.78
CA THR E 177 -23.89 -10.09 25.50
C THR E 177 -22.55 -9.56 24.97
N VAL E 178 -21.76 -8.92 25.84
CA VAL E 178 -20.59 -8.24 25.36
C VAL E 178 -19.44 -9.21 25.02
N LEU E 179 -19.17 -10.20 25.86
CA LEU E 179 -18.32 -11.32 25.47
C LEU E 179 -18.74 -12.00 24.14
N ARG E 180 -20.04 -12.15 23.91
CA ARG E 180 -20.61 -12.72 22.66
C ARG E 180 -20.34 -11.88 21.42
N ASP E 181 -20.68 -10.59 21.52
CA ASP E 181 -20.40 -9.65 20.45
C ASP E 181 -18.91 -9.58 20.08
N ILE E 182 -18.05 -9.60 21.11
CA ILE E 182 -16.59 -9.54 20.96
C ILE E 182 -16.16 -10.81 20.21
N ARG E 183 -16.62 -11.96 20.68
CA ARG E 183 -16.38 -13.25 20.05
C ARG E 183 -16.90 -13.32 18.61
N ASP E 184 -18.04 -12.72 18.31
CA ASP E 184 -18.52 -12.73 16.93
C ASP E 184 -17.94 -11.63 16.06
N ALA E 185 -17.36 -10.59 16.66
CA ALA E 185 -16.81 -9.49 15.87
C ALA E 185 -15.53 -9.97 15.18
N PHE E 186 -14.93 -11.02 15.75
CA PHE E 186 -13.69 -11.58 15.19
C PHE E 186 -13.89 -12.99 14.63
N LEU E 187 -15.14 -13.43 14.51
CA LEU E 187 -15.46 -14.81 14.12
C LEU E 187 -14.74 -15.84 14.99
N HIS E 188 -14.76 -15.63 16.28
CA HIS E 188 -14.13 -16.57 17.16
C HIS E 188 -15.09 -17.62 17.64
N HIS E 189 -14.57 -18.61 18.35
CA HIS E 189 -15.36 -19.80 18.72
C HIS E 189 -15.95 -19.67 20.10
N GLY E 190 -15.21 -18.99 20.97
CA GLY E 190 -15.61 -18.75 22.36
C GLY E 190 -14.97 -17.47 22.84
N PRO E 191 -15.35 -16.99 24.02
CA PRO E 191 -14.67 -15.80 24.57
C PRO E 191 -13.36 -16.21 25.25
N ALA E 192 -12.27 -15.51 24.92
CA ALA E 192 -10.95 -15.84 25.49
C ALA E 192 -10.99 -15.76 26.99
N SER E 193 -10.09 -16.47 27.64
CA SER E 193 -9.99 -16.37 29.08
C SER E 193 -9.73 -14.91 29.45
N ASN E 194 -9.13 -14.15 28.54
CA ASN E 194 -8.89 -12.74 28.75
C ASN E 194 -10.22 -12.03 28.99
N TYR E 195 -11.26 -12.42 28.26
CA TYR E 195 -12.54 -11.75 28.43
C TYR E 195 -13.38 -12.27 29.59
N ARG E 196 -12.92 -13.36 30.22
CA ARG E 196 -13.56 -13.86 31.42
C ARG E 196 -12.81 -13.38 32.65
N VAL E 197 -11.64 -12.76 32.41
CA VAL E 197 -11.01 -11.91 33.39
C VAL E 197 -11.63 -10.51 33.31
N LEU E 198 -11.64 -9.93 32.12
CA LEU E 198 -12.03 -8.54 31.99
C LEU E 198 -13.52 -8.31 32.03
N GLY E 199 -14.31 -9.36 31.81
CA GLY E 199 -15.77 -9.26 31.75
C GLY E 199 -16.43 -9.06 33.11
N VAL E 200 -15.63 -9.10 34.18
CA VAL E 200 -16.14 -8.64 35.46
C VAL E 200 -16.53 -7.16 35.34
N TRP E 201 -16.00 -6.51 34.31
CA TRP E 201 -16.29 -5.13 34.01
C TRP E 201 -16.99 -4.94 32.68
N PRO E 202 -18.26 -5.36 32.56
CA PRO E 202 -18.82 -5.27 31.21
C PRO E 202 -19.02 -3.83 30.75
N ASP E 203 -19.07 -2.89 31.67
CA ASP E 203 -19.33 -1.51 31.28
C ASP E 203 -18.14 -0.98 30.47
N TYR E 204 -16.94 -1.41 30.88
CA TYR E 204 -15.71 -1.10 30.21
C TYR E 204 -15.61 -1.88 28.93
N LEU E 205 -15.81 -3.20 28.98
CA LEU E 205 -15.66 -4.00 27.76
C LEU E 205 -16.51 -3.40 26.61
N GLU E 206 -17.68 -2.86 26.94
CA GLU E 206 -18.48 -2.20 25.93
C GLU E 206 -17.73 -1.05 25.30
N ILE E 207 -17.12 -0.21 26.15
CA ILE E 207 -16.31 0.88 25.63
C ILE E 207 -15.19 0.31 24.76
N ALA E 208 -14.53 -0.72 25.28
CA ALA E 208 -13.36 -1.31 24.62
C ALA E 208 -13.68 -1.85 23.22
N LEU E 209 -14.90 -2.36 23.03
CA LEU E 209 -15.36 -2.92 21.76
C LEU E 209 -15.72 -1.83 20.71
N ARG E 210 -16.44 -0.81 21.16
CA ARG E 210 -16.83 0.30 20.33
CA ARG E 210 -16.84 0.29 20.28
C ARG E 210 -15.59 1.12 19.92
N ASP E 211 -14.69 1.31 20.87
CA ASP E 211 -13.57 2.19 20.66
C ASP E 211 -12.39 1.52 20.00
N SER E 212 -12.00 0.37 20.51
CA SER E 212 -10.72 -0.20 20.18
C SER E 212 -10.72 -1.45 19.28
N LEU E 213 -11.79 -2.26 19.33
CA LEU E 213 -11.81 -3.55 18.64
C LEU E 213 -12.66 -3.53 17.35
N ALA E 214 -13.92 -3.15 17.49
CA ALA E 214 -14.84 -3.17 16.36
C ALA E 214 -14.34 -2.35 15.16
N PRO E 215 -13.74 -1.17 15.40
CA PRO E 215 -13.26 -0.51 14.19
C PRO E 215 -12.14 -1.28 13.47
N VAL E 216 -11.56 -2.33 14.05
CA VAL E 216 -10.45 -2.99 13.34
C VAL E 216 -10.62 -4.48 13.10
N ALA E 217 -11.68 -5.05 13.66
CA ALA E 217 -11.94 -6.48 13.50
C ALA E 217 -12.07 -6.85 12.01
N LEU E 218 -11.51 -8.00 11.64
CA LEU E 218 -11.56 -8.55 10.28
C LEU E 218 -10.94 -7.63 9.20
N SER E 219 -10.21 -6.59 9.60
CA SER E 219 -9.65 -5.65 8.63
C SER E 219 -8.33 -6.19 8.07
N ALA E 220 -7.93 -5.73 6.88
CA ALA E 220 -6.62 -6.10 6.34
C ALA E 220 -5.49 -5.80 7.33
N GLU E 221 -5.47 -4.58 7.88
CA GLU E 221 -4.45 -4.18 8.86
C GLU E 221 -4.39 -5.14 10.04
N TYR E 222 -5.55 -5.53 10.59
CA TYR E 222 -5.55 -6.45 11.72
C TYR E 222 -4.95 -7.81 11.34
N ASP E 223 -5.33 -8.33 10.17
CA ASP E 223 -4.93 -9.68 9.78
C ASP E 223 -3.46 -9.74 9.38
N GLU E 224 -2.94 -8.68 8.77
CA GLU E 224 -1.53 -8.55 8.43
C GLU E 224 -0.67 -8.48 9.70
N THR E 225 -1.19 -7.84 10.73
CA THR E 225 -0.48 -7.78 11.99
C THR E 225 -0.43 -9.19 12.57
N ALA E 226 -1.56 -9.90 12.50
CA ALA E 226 -1.60 -11.29 12.89
C ALA E 226 -0.59 -12.14 12.11
N ARG E 227 -0.55 -11.93 10.78
CA ARG E 227 0.40 -12.64 9.94
C ARG E 227 1.85 -12.33 10.39
N ARG E 228 2.12 -11.04 10.60
CA ARG E 228 3.41 -10.57 11.05
C ARG E 228 3.82 -11.37 12.31
N ILE E 229 2.97 -11.33 13.33
CA ILE E 229 3.36 -11.99 14.58
C ILE E 229 3.34 -13.53 14.61
N ARG E 230 2.46 -14.18 13.84
CA ARG E 230 2.61 -15.64 13.69
C ARG E 230 3.99 -15.94 13.07
N LYS E 231 4.40 -15.11 12.12
CA LYS E 231 5.67 -15.34 11.48
C LYS E 231 6.84 -15.15 12.46
N ILE E 232 6.83 -14.07 13.25
CA ILE E 232 7.93 -13.89 14.18
C ILE E 232 8.04 -15.15 15.03
N ALA E 233 6.88 -15.59 15.56
CA ALA E 233 6.85 -16.79 16.41
C ALA E 233 7.26 -18.07 15.70
N ARG E 234 6.77 -18.27 14.48
CA ARG E 234 7.17 -19.45 13.71
C ARG E 234 8.67 -19.54 13.42
N GLU E 235 9.31 -18.39 13.12
CA GLU E 235 10.75 -18.31 12.86
CA GLU E 235 10.75 -18.44 12.85
C GLU E 235 11.57 -18.53 14.14
N HIS E 236 10.98 -18.09 15.25
CA HIS E 236 11.71 -18.06 16.49
C HIS E 236 11.84 -19.39 17.12
N VAL E 237 10.88 -20.27 16.88
CA VAL E 237 10.97 -21.58 17.51
C VAL E 237 12.04 -22.46 16.88
N LYS E 238 12.45 -22.10 15.66
CA LYS E 238 13.49 -22.86 14.95
C LYS E 238 14.79 -22.70 15.69
N GLY E 239 14.85 -21.70 16.57
CA GLY E 239 16.06 -21.48 17.35
C GLY E 239 16.24 -22.38 18.56
N PHE E 240 15.19 -23.11 18.93
CA PHE E 240 15.18 -24.01 20.10
C PHE E 240 16.20 -25.11 20.00
N ASP E 241 16.64 -25.63 21.14
CA ASP E 241 17.66 -26.68 21.09
C ASP E 241 17.12 -28.05 20.68
N LYS E 242 15.87 -28.36 21.04
CA LYS E 242 15.24 -29.68 20.78
C LYS E 242 13.81 -29.38 20.40
N PRO E 243 13.15 -30.30 19.65
CA PRO E 243 11.75 -30.11 19.31
C PRO E 243 10.94 -29.68 20.54
N ALA E 244 9.95 -28.82 20.32
CA ALA E 244 9.11 -28.35 21.43
C ALA E 244 7.64 -28.75 21.26
N GLY E 245 7.42 -29.98 20.81
CA GLY E 245 6.06 -30.54 20.77
C GLY E 245 6.11 -32.02 20.43
N VAL E 246 4.94 -32.56 20.16
CA VAL E 246 4.84 -33.96 19.77
C VAL E 246 4.17 -34.15 18.39
N ALA E 247 4.60 -35.18 17.64
CA ALA E 247 4.13 -35.45 16.27
C ALA E 247 2.87 -36.32 16.27
N TRP E 248 1.83 -35.94 15.54
CA TRP E 248 0.67 -36.83 15.53
C TRP E 248 1.01 -38.22 15.05
N ARG E 249 1.90 -38.34 14.07
CA ARG E 249 2.42 -39.66 13.67
C ARG E 249 3.11 -40.47 14.80
N ASP E 250 3.52 -39.83 15.90
CA ASP E 250 4.07 -40.56 17.07
C ASP E 250 3.03 -40.66 18.18
N MET E 251 1.76 -40.51 17.85
CA MET E 251 0.70 -40.47 18.88
C MET E 251 -0.40 -41.50 18.61
N THR E 252 -0.18 -42.37 17.61
CA THR E 252 -1.25 -43.29 17.19
C THR E 252 -1.63 -44.43 18.17
N GLU E 253 -0.71 -44.79 19.07
CA GLU E 253 -1.03 -45.63 20.23
C GLU E 253 -1.84 -44.87 21.27
N LYS E 254 -1.74 -43.54 21.24
CA LYS E 254 -2.24 -42.73 22.32
C LYS E 254 -3.54 -42.06 22.00
N LEU E 255 -3.84 -41.85 20.71
CA LEU E 255 -5.07 -41.18 20.22
C LEU E 255 -5.78 -41.87 19.02
N SER E 256 -7.10 -41.99 19.08
CA SER E 256 -7.82 -42.56 17.95
C SER E 256 -7.73 -41.61 16.75
N ALA E 257 -8.06 -42.12 15.55
CA ALA E 257 -8.27 -41.27 14.35
C ALA E 257 -9.12 -39.99 14.60
N GLU E 258 -10.36 -40.17 15.05
CA GLU E 258 -11.26 -39.07 15.40
C GLU E 258 -10.55 -37.96 16.21
N GLN E 259 -9.75 -38.35 17.20
CA GLN E 259 -9.07 -37.43 18.10
C GLN E 259 -7.94 -36.74 17.34
N ILE E 260 -6.97 -37.50 16.84
CA ILE E 260 -5.95 -36.91 15.96
C ILE E 260 -6.54 -35.84 15.02
N ALA E 261 -7.70 -36.12 14.42
CA ALA E 261 -8.36 -35.18 13.52
C ALA E 261 -8.92 -33.96 14.25
N GLY E 262 -9.31 -34.16 15.51
CA GLY E 262 -9.91 -33.11 16.32
C GLY E 262 -8.83 -32.15 16.82
N LEU E 263 -7.71 -32.70 17.24
CA LEU E 263 -6.66 -31.90 17.73
C LEU E 263 -6.01 -31.08 16.62
N THR E 264 -5.78 -31.69 15.47
CA THR E 264 -5.25 -30.96 14.31
C THR E 264 -6.08 -29.69 14.05
N GLY E 265 -7.39 -29.85 14.07
CA GLY E 265 -8.32 -28.74 13.95
C GLY E 265 -8.18 -27.72 15.07
N LEU E 266 -8.06 -28.21 16.31
CA LEU E 266 -7.99 -27.35 17.46
C LEU E 266 -6.64 -26.64 17.55
N LEU E 267 -5.54 -27.33 17.27
CA LEU E 267 -4.22 -26.68 17.22
C LEU E 267 -4.21 -25.50 16.28
N PHE E 268 -4.58 -25.73 15.02
CA PHE E 268 -4.64 -24.68 14.04
C PHE E 268 -5.56 -23.58 14.49
N MET E 269 -6.76 -23.93 14.98
CA MET E 269 -7.73 -22.92 15.40
C MET E 269 -7.19 -22.06 16.53
N TYR E 270 -6.49 -22.70 17.46
CA TYR E 270 -5.84 -21.97 18.56
C TYR E 270 -4.67 -21.10 18.12
N ASN E 271 -3.84 -21.60 17.21
CA ASN E 271 -2.76 -20.85 16.63
C ASN E 271 -3.17 -19.50 16.05
N ARG E 272 -4.32 -19.42 15.38
CA ARG E 272 -4.78 -18.15 14.82
C ARG E 272 -5.44 -17.29 15.89
N PHE E 273 -5.95 -17.96 16.92
CA PHE E 273 -6.83 -17.31 17.90
C PHE E 273 -5.95 -16.59 18.89
N ILE E 274 -4.89 -17.25 19.33
CA ILE E 274 -3.98 -16.69 20.29
C ILE E 274 -3.32 -15.46 19.70
N ALA E 275 -3.05 -15.49 18.39
CA ALA E 275 -2.39 -14.39 17.72
C ALA E 275 -3.39 -13.25 17.66
N ASP E 276 -4.61 -13.52 17.24
CA ASP E 276 -5.64 -12.50 17.36
C ASP E 276 -5.77 -11.82 18.75
N ILE E 277 -5.93 -12.65 19.80
CA ILE E 277 -6.18 -12.15 21.15
C ILE E 277 -4.96 -11.37 21.60
N THR E 278 -3.78 -11.87 21.29
CA THR E 278 -2.55 -11.14 21.62
C THR E 278 -2.61 -9.69 21.13
N ILE E 279 -2.92 -9.55 19.85
CA ILE E 279 -3.21 -8.25 19.27
C ILE E 279 -4.33 -7.49 19.97
N ALA E 280 -5.48 -8.13 20.20
CA ALA E 280 -6.64 -7.46 20.84
C ALA E 280 -6.35 -6.69 22.14
N ILE E 281 -5.59 -7.34 23.02
CA ILE E 281 -5.48 -6.87 24.39
C ILE E 281 -4.32 -5.91 24.52
N ILE E 282 -3.35 -6.05 23.61
CA ILE E 282 -2.31 -5.05 23.48
C ILE E 282 -2.92 -3.76 22.98
N ARG E 283 -3.88 -3.88 22.07
CA ARG E 283 -4.59 -2.72 21.58
C ARG E 283 -5.33 -2.06 22.74
N LEU E 284 -6.05 -2.86 23.54
CA LEU E 284 -6.81 -2.33 24.67
C LEU E 284 -5.98 -1.40 25.54
N LYS E 285 -4.74 -1.81 25.83
CA LYS E 285 -3.89 -1.04 26.73
C LYS E 285 -3.29 0.14 26.01
N GLN E 286 -2.97 -0.02 24.71
CA GLN E 286 -2.49 1.11 23.90
C GLN E 286 -3.42 2.34 23.96
N ALA E 287 -4.71 2.12 24.11
CA ALA E 287 -5.64 3.20 24.27
C ALA E 287 -5.46 3.93 25.62
N PHE E 288 -4.94 3.22 26.61
CA PHE E 288 -4.70 3.83 27.91
C PHE E 288 -3.41 4.61 27.91
N SER E 289 -2.31 3.93 27.58
CA SER E 289 -1.00 4.56 27.45
C SER E 289 -0.64 4.82 25.98
N GLY E 290 0.22 3.99 25.44
CA GLY E 290 0.52 4.01 24.03
C GLY E 290 1.23 2.72 23.67
N PRO E 291 1.80 2.68 22.47
CA PRO E 291 2.47 1.49 21.93
C PRO E 291 3.69 1.00 22.72
N GLU E 292 4.35 1.93 23.40
CA GLU E 292 5.54 1.56 24.09
C GLU E 292 5.20 0.80 25.38
N ASP E 293 4.33 1.39 26.19
CA ASP E 293 3.93 0.84 27.47
C ASP E 293 3.22 -0.46 27.25
N ALA E 294 2.21 -0.45 26.37
CA ALA E 294 1.41 -1.62 26.04
C ALA E 294 2.23 -2.81 25.55
N THR E 295 3.41 -2.57 24.98
CA THR E 295 4.15 -3.68 24.40
C THR E 295 5.45 -3.92 25.15
N ALA E 296 5.59 -3.26 26.29
CA ALA E 296 6.73 -3.52 27.15
C ALA E 296 6.59 -4.88 27.82
N ASN E 297 7.73 -5.50 28.15
CA ASN E 297 7.82 -6.59 29.11
C ASN E 297 8.01 -6.05 30.54
N LYS E 298 6.93 -6.02 31.31
CA LYS E 298 6.94 -5.53 32.70
C LYS E 298 7.23 -6.61 33.73
N TYR E 299 7.70 -7.80 33.34
CA TYR E 299 7.75 -8.90 34.32
C TYR E 299 9.03 -9.74 34.41
N THR E 300 9.80 -9.77 33.35
CA THR E 300 10.91 -10.67 33.25
C THR E 300 11.99 -9.92 32.48
N ASN E 301 12.81 -9.20 33.21
CA ASN E 301 13.87 -8.43 32.55
C ASN E 301 15.22 -8.68 33.12
N ARG F 4 10.56 -45.13 7.91
CA ARG F 4 9.54 -44.07 8.16
C ARG F 4 9.27 -43.28 6.89
N SER F 5 8.07 -43.40 6.34
CA SER F 5 7.76 -42.77 5.06
C SER F 5 7.76 -41.23 5.12
N VAL F 6 7.89 -40.61 3.96
CA VAL F 6 7.99 -39.18 3.90
C VAL F 6 6.70 -38.54 4.39
N LEU F 7 5.57 -39.20 4.14
CA LEU F 7 4.23 -38.66 4.41
C LEU F 7 3.17 -39.75 4.55
N GLY F 8 2.38 -39.69 5.61
CA GLY F 8 1.27 -40.62 5.83
C GLY F 8 -0.14 -40.23 5.37
N SER F 9 -1.13 -40.92 5.90
CA SER F 9 -2.53 -40.65 5.58
CA SER F 9 -2.52 -40.67 5.58
C SER F 9 -3.23 -40.00 6.77
N PHE F 10 -4.00 -38.96 6.49
CA PHE F 10 -4.74 -38.30 7.52
C PHE F 10 -6.06 -39.04 7.80
N PRO F 11 -6.46 -39.20 9.09
CA PRO F 11 -7.74 -39.83 9.44
C PRO F 11 -8.91 -39.30 8.60
N GLN F 12 -9.64 -40.20 7.94
CA GLN F 12 -10.74 -39.79 7.07
C GLN F 12 -11.57 -40.90 6.53
N VAL F 13 -12.84 -40.60 6.33
CA VAL F 13 -13.71 -41.56 5.70
C VAL F 13 -13.48 -41.43 4.20
N ASP F 14 -12.60 -42.31 3.70
CA ASP F 14 -12.25 -42.44 2.27
C ASP F 14 -13.53 -42.64 1.48
N HIS F 15 -13.48 -42.35 0.19
CA HIS F 15 -14.67 -42.47 -0.63
C HIS F 15 -15.31 -43.85 -0.49
N HIS F 16 -14.49 -44.91 -0.36
CA HIS F 16 -14.99 -46.29 -0.39
C HIS F 16 -15.49 -46.87 0.93
N GLN F 17 -15.18 -46.17 2.03
CA GLN F 17 -15.57 -46.57 3.40
C GLN F 17 -16.93 -46.00 3.83
N ALA F 18 -17.41 -44.99 3.11
CA ALA F 18 -18.75 -44.44 3.27
C ALA F 18 -19.82 -45.52 3.08
N LYS F 19 -20.70 -45.68 4.05
CA LYS F 19 -21.74 -46.72 3.95
C LYS F 19 -23.14 -46.15 4.11
N GLY F 20 -24.11 -46.84 3.49
CA GLY F 20 -25.55 -46.55 3.61
C GLY F 20 -25.96 -45.09 3.51
N GLN F 21 -26.29 -44.51 4.66
CA GLN F 21 -26.75 -43.13 4.73
C GLN F 21 -25.63 -42.18 4.33
N LEU F 22 -24.45 -42.40 4.91
CA LEU F 22 -23.31 -41.53 4.65
C LEU F 22 -22.91 -41.59 3.17
N ALA F 23 -22.86 -42.80 2.61
CA ALA F 23 -22.56 -42.95 1.19
C ALA F 23 -23.62 -42.32 0.29
N GLU F 24 -24.82 -42.08 0.82
CA GLU F 24 -25.84 -41.34 0.05
C GLU F 24 -25.57 -39.85 0.08
N VAL F 25 -25.14 -39.37 1.26
CA VAL F 25 -24.79 -37.97 1.45
C VAL F 25 -23.62 -37.60 0.53
N TYR F 26 -22.59 -38.46 0.47
CA TYR F 26 -21.47 -38.25 -0.44
C TYR F 26 -21.98 -38.03 -1.87
N ASP F 27 -22.73 -38.99 -2.39
CA ASP F 27 -23.28 -38.92 -3.76
C ASP F 27 -24.09 -37.67 -3.94
N ASP F 28 -24.91 -37.37 -2.93
CA ASP F 28 -25.76 -36.18 -2.95
C ASP F 28 -24.96 -34.89 -3.01
N ILE F 29 -23.85 -34.83 -2.24
CA ILE F 29 -22.83 -33.78 -2.33
C ILE F 29 -22.28 -33.72 -3.74
N HIS F 30 -21.65 -34.81 -4.22
CA HIS F 30 -21.17 -34.85 -5.60
C HIS F 30 -22.13 -34.14 -6.51
N ASN F 31 -23.37 -34.62 -6.51
CA ASN F 31 -24.39 -34.23 -7.47
C ASN F 31 -25.09 -32.90 -7.27
N THR F 32 -25.32 -32.49 -6.03
CA THR F 32 -25.99 -31.21 -5.80
C THR F 32 -25.04 -30.09 -6.21
N MET F 33 -23.76 -30.30 -5.98
CA MET F 33 -22.76 -29.28 -6.25
C MET F 33 -22.18 -29.37 -7.68
N ARG F 34 -22.50 -30.46 -8.36
CA ARG F 34 -21.96 -30.75 -9.69
C ARG F 34 -20.40 -30.78 -9.66
N VAL F 35 -19.86 -31.55 -8.72
CA VAL F 35 -18.43 -31.62 -8.49
C VAL F 35 -17.98 -33.07 -8.43
N PRO F 36 -16.80 -33.39 -9.03
CA PRO F 36 -16.42 -34.79 -9.15
C PRO F 36 -15.56 -35.31 -8.01
N TRP F 37 -15.62 -34.69 -6.84
CA TRP F 37 -15.07 -35.27 -5.61
C TRP F 37 -15.76 -34.70 -4.40
N VAL F 38 -15.68 -35.46 -3.30
CA VAL F 38 -16.14 -35.00 -2.00
C VAL F 38 -14.98 -34.35 -1.27
N ALA F 39 -15.18 -33.13 -0.77
CA ALA F 39 -14.16 -32.38 -0.03
C ALA F 39 -13.44 -33.23 0.99
N PHE F 40 -12.11 -33.08 1.02
CA PHE F 40 -11.26 -33.68 2.05
C PHE F 40 -11.86 -33.46 3.45
N GLY F 41 -12.35 -32.25 3.70
CA GLY F 41 -12.84 -31.88 5.02
C GLY F 41 -14.11 -32.61 5.42
N ILE F 42 -15.01 -32.73 4.44
CA ILE F 42 -16.22 -33.50 4.60
C ILE F 42 -15.88 -34.96 4.90
N ARG F 43 -14.84 -35.47 4.22
CA ARG F 43 -14.33 -36.81 4.50
C ARG F 43 -13.84 -36.93 5.95
N VAL F 44 -13.00 -36.00 6.41
CA VAL F 44 -12.44 -36.08 7.78
C VAL F 44 -13.52 -35.96 8.89
N MET F 45 -14.45 -35.04 8.67
CA MET F 45 -15.47 -34.75 9.67
C MET F 45 -16.54 -35.81 9.68
N SER F 46 -16.54 -36.67 8.66
CA SER F 46 -17.51 -37.76 8.57
C SER F 46 -17.29 -38.80 9.63
N GLN F 47 -16.04 -38.95 10.08
CA GLN F 47 -15.74 -39.77 11.24
C GLN F 47 -16.80 -39.53 12.34
N PHE F 48 -17.10 -38.25 12.56
CA PHE F 48 -18.04 -37.83 13.59
C PHE F 48 -19.48 -38.14 13.21
N PRO F 49 -20.28 -38.64 14.18
CA PRO F 49 -21.67 -39.00 13.86
C PRO F 49 -22.49 -37.74 13.64
N HIS F 50 -23.53 -37.84 12.81
CA HIS F 50 -24.54 -36.79 12.77
C HIS F 50 -24.13 -35.49 12.17
N PHE F 51 -22.92 -35.00 12.46
CA PHE F 51 -22.60 -33.68 11.96
C PHE F 51 -22.76 -33.48 10.44
N ILE F 52 -22.08 -34.27 9.63
CA ILE F 52 -22.14 -34.05 8.19
C ILE F 52 -23.58 -34.14 7.60
N PRO F 53 -24.31 -35.22 7.96
CA PRO F 53 -25.63 -35.39 7.32
C PRO F 53 -26.57 -34.25 7.67
N HIS F 54 -26.45 -33.80 8.92
CA HIS F 54 -27.21 -32.68 9.43
C HIS F 54 -26.90 -31.39 8.82
N ALA F 55 -25.62 -31.01 8.89
CA ALA F 55 -25.15 -29.78 8.32
C ALA F 55 -25.47 -29.80 6.81
N TRP F 56 -25.38 -31.00 6.23
CA TRP F 56 -25.66 -31.11 4.82
C TRP F 56 -27.12 -30.91 4.52
N ALA F 57 -27.98 -31.48 5.35
CA ALA F 57 -29.42 -31.35 5.07
C ALA F 57 -29.84 -29.88 5.14
N ALA F 58 -29.18 -29.12 6.00
CA ALA F 58 -29.48 -27.69 6.14
C ALA F 58 -29.03 -26.91 4.92
N LEU F 59 -27.78 -27.16 4.49
CA LEU F 59 -27.14 -26.46 3.36
C LEU F 59 -27.79 -26.72 2.00
N LYS F 60 -28.09 -28.00 1.73
CA LYS F 60 -28.52 -28.47 0.40
C LYS F 60 -29.42 -27.52 -0.42
N PRO F 61 -30.61 -27.13 0.12
CA PRO F 61 -31.52 -26.29 -0.63
C PRO F 61 -31.02 -24.88 -0.77
N ASN F 62 -30.13 -24.46 0.13
CA ASN F 62 -29.51 -23.15 0.00
C ASN F 62 -28.41 -23.14 -1.07
N ILE F 63 -27.62 -24.22 -1.14
CA ILE F 63 -26.51 -24.34 -2.10
C ILE F 63 -26.84 -24.93 -3.47
N GLU F 64 -28.07 -25.42 -3.64
CA GLU F 64 -28.54 -25.87 -4.97
C GLU F 64 -29.11 -24.80 -5.89
N THR F 65 -29.08 -23.53 -5.46
CA THR F 65 -29.72 -22.40 -6.19
C THR F 65 -28.75 -21.56 -7.00
N ARG F 66 -29.28 -20.86 -7.99
CA ARG F 66 -28.45 -20.05 -8.86
C ARG F 66 -27.93 -18.84 -8.08
N TYR F 67 -28.60 -18.51 -6.98
CA TYR F 67 -28.11 -17.47 -6.07
C TYR F 67 -26.83 -17.97 -5.39
N ALA F 68 -26.87 -19.19 -4.85
CA ALA F 68 -25.68 -19.79 -4.31
C ALA F 68 -24.58 -19.82 -5.37
N GLU F 69 -24.92 -20.23 -6.59
CA GLU F 69 -23.92 -20.35 -7.64
C GLU F 69 -23.23 -19.02 -7.96
N ASP F 70 -24.03 -17.96 -8.02
CA ASP F 70 -23.51 -16.62 -8.25
C ASP F 70 -22.48 -16.25 -7.16
N GLY F 71 -22.75 -16.70 -5.92
CA GLY F 71 -21.85 -16.57 -4.78
C GLY F 71 -20.48 -17.18 -5.03
N ALA F 72 -20.47 -18.46 -5.38
CA ALA F 72 -19.27 -19.16 -5.83
C ALA F 72 -18.58 -18.54 -7.07
N ASP F 73 -19.33 -17.87 -7.92
CA ASP F 73 -18.74 -17.16 -9.03
C ASP F 73 -17.98 -15.95 -8.56
N LEU F 74 -18.49 -15.26 -7.52
CA LEU F 74 -17.77 -14.12 -6.97
C LEU F 74 -16.42 -14.60 -6.41
N ILE F 75 -16.49 -15.62 -5.53
CA ILE F 75 -15.27 -16.11 -4.94
C ILE F 75 -14.28 -16.46 -6.05
N ARG F 76 -14.68 -17.31 -6.98
CA ARG F 76 -13.75 -17.68 -8.07
C ARG F 76 -13.21 -16.43 -8.79
N LEU F 77 -14.09 -15.57 -9.27
CA LEU F 77 -13.66 -14.34 -9.92
C LEU F 77 -12.63 -13.53 -9.10
N ASN F 78 -12.70 -13.65 -7.77
CA ASN F 78 -11.94 -12.82 -6.84
C ASN F 78 -10.72 -13.47 -6.16
N SER F 79 -10.35 -14.65 -6.65
CA SER F 79 -9.26 -15.43 -6.09
C SER F 79 -7.89 -15.19 -6.72
N ILE F 80 -7.76 -14.22 -7.62
CA ILE F 80 -6.45 -13.87 -8.15
C ILE F 80 -5.61 -13.07 -7.17
N VAL F 81 -4.41 -13.58 -6.85
CA VAL F 81 -3.41 -12.94 -5.96
C VAL F 81 -2.62 -11.88 -6.72
N PRO F 82 -2.57 -10.63 -6.25
CA PRO F 82 -1.84 -9.68 -7.08
C PRO F 82 -0.31 -9.78 -6.96
N GLY F 83 0.28 -10.95 -7.18
CA GLY F 83 1.72 -11.14 -6.95
C GLY F 83 2.57 -11.07 -8.20
N PRO F 84 3.72 -11.78 -8.26
CA PRO F 84 4.61 -11.74 -9.45
C PRO F 84 3.98 -12.43 -10.65
N VAL F 85 4.47 -12.14 -11.85
CA VAL F 85 4.02 -12.84 -13.05
C VAL F 85 4.75 -14.17 -13.20
N MET F 86 3.99 -15.20 -13.56
CA MET F 86 4.46 -16.57 -13.63
C MET F 86 4.70 -16.92 -15.10
N PRO F 87 5.66 -17.82 -15.37
CA PRO F 87 5.83 -18.25 -16.77
C PRO F 87 4.83 -19.36 -17.10
N ASN F 88 4.55 -19.55 -18.40
CA ASN F 88 3.71 -20.66 -18.84
C ASN F 88 4.40 -22.02 -18.55
N PRO F 89 3.66 -22.98 -18.01
CA PRO F 89 4.36 -24.22 -17.76
C PRO F 89 4.37 -25.13 -18.99
N THR F 90 3.62 -24.75 -20.02
CA THR F 90 3.45 -25.56 -21.22
C THR F 90 4.80 -25.97 -21.83
N PRO F 91 5.68 -24.99 -22.20
CA PRO F 91 6.92 -25.43 -22.82
C PRO F 91 7.69 -26.33 -21.86
N LYS F 92 7.67 -26.00 -20.58
CA LYS F 92 8.35 -26.86 -19.64
C LYS F 92 7.91 -28.32 -19.82
N LEU F 93 6.61 -28.52 -20.07
CA LEU F 93 6.03 -29.86 -20.07
C LEU F 93 6.16 -30.59 -21.40
N LEU F 94 6.20 -29.84 -22.50
CA LEU F 94 6.58 -30.36 -23.82
C LEU F 94 8.06 -30.78 -23.84
N ARG F 95 8.91 -29.99 -23.18
CA ARG F 95 10.31 -30.35 -22.96
C ARG F 95 10.43 -31.66 -22.19
N LEU F 96 9.57 -31.85 -21.19
CA LEU F 96 9.51 -33.12 -20.49
C LEU F 96 8.80 -34.18 -21.33
N GLY F 97 8.45 -33.83 -22.57
CA GLY F 97 7.89 -34.76 -23.53
C GLY F 97 6.48 -35.24 -23.26
N TRP F 98 5.63 -34.36 -22.75
CA TRP F 98 4.21 -34.63 -22.63
C TRP F 98 3.68 -34.33 -23.98
N THR F 99 2.60 -34.99 -24.36
CA THR F 99 1.87 -34.69 -25.59
C THR F 99 0.85 -33.62 -25.28
N GLU F 100 0.64 -32.70 -26.22
CA GLU F 100 -0.45 -31.70 -26.14
C GLU F 100 -1.64 -32.30 -25.43
N SER F 101 -1.84 -33.59 -25.69
CA SER F 101 -2.99 -34.30 -25.24
C SER F 101 -2.93 -34.49 -23.76
N LYS F 102 -1.75 -34.84 -23.26
CA LYS F 102 -1.64 -35.15 -21.83
C LYS F 102 -1.74 -33.84 -21.05
N ILE F 103 -1.17 -32.77 -21.63
CA ILE F 103 -1.33 -31.43 -21.09
C ILE F 103 -2.80 -31.02 -20.97
N GLU F 104 -3.55 -31.14 -22.06
CA GLU F 104 -4.98 -30.77 -22.07
C GLU F 104 -5.81 -31.50 -21.00
N GLU F 105 -5.51 -32.79 -20.86
CA GLU F 105 -6.03 -33.61 -19.78
C GLU F 105 -5.84 -32.94 -18.44
N LEU F 106 -4.61 -32.47 -18.24
CA LEU F 106 -4.18 -31.83 -17.01
C LEU F 106 -4.90 -30.49 -16.83
N LYS F 107 -5.00 -29.72 -17.90
CA LYS F 107 -5.79 -28.50 -17.84
C LYS F 107 -7.27 -28.74 -17.47
N THR F 108 -7.81 -29.89 -17.88
CA THR F 108 -9.18 -30.20 -17.57
C THR F 108 -9.30 -30.42 -16.07
N ALA F 109 -8.37 -31.15 -15.49
CA ALA F 109 -8.37 -31.39 -14.04
C ALA F 109 -8.26 -30.06 -13.27
N LEU F 110 -7.42 -29.15 -13.75
CA LEU F 110 -7.31 -27.84 -13.11
C LEU F 110 -8.66 -27.16 -13.15
N ASP F 111 -9.29 -27.18 -14.33
CA ASP F 111 -10.61 -26.61 -14.52
C ASP F 111 -11.67 -27.23 -13.58
N LEU F 112 -11.67 -28.55 -13.42
CA LEU F 112 -12.68 -29.18 -12.57
C LEU F 112 -12.44 -28.79 -11.13
N LEU F 113 -11.18 -28.80 -10.72
CA LEU F 113 -10.85 -28.41 -9.37
C LEU F 113 -11.23 -26.95 -9.11
N ASN F 114 -11.10 -26.10 -10.11
CA ASN F 114 -11.37 -24.68 -9.95
C ASN F 114 -12.86 -24.40 -9.93
N TYR F 115 -13.65 -25.20 -10.67
CA TYR F 115 -15.10 -25.06 -10.58
C TYR F 115 -15.53 -25.46 -9.16
N GLY F 116 -14.94 -26.56 -8.67
CA GLY F 116 -15.31 -27.10 -7.38
C GLY F 116 -14.93 -26.25 -6.17
N ASN F 117 -13.72 -25.69 -6.17
CA ASN F 117 -13.18 -25.12 -4.94
C ASN F 117 -14.02 -23.99 -4.33
N PRO F 118 -14.33 -22.94 -5.11
CA PRO F 118 -15.20 -21.87 -4.65
C PRO F 118 -16.49 -22.41 -4.08
N LYS F 119 -17.05 -23.43 -4.72
CA LYS F 119 -18.29 -24.02 -4.22
C LYS F 119 -18.10 -24.59 -2.78
N TYR F 120 -16.94 -25.20 -2.54
CA TYR F 120 -16.66 -25.67 -1.20
C TYR F 120 -16.30 -24.54 -0.23
N LEU F 121 -16.05 -23.34 -0.73
CA LEU F 121 -15.85 -22.23 0.19
C LEU F 121 -17.21 -21.85 0.77
N ILE F 122 -18.18 -21.69 -0.12
CA ILE F 122 -19.55 -21.46 0.22
C ILE F 122 -20.00 -22.52 1.19
N LEU F 123 -19.73 -23.79 0.88
CA LEU F 123 -20.09 -24.86 1.80
C LEU F 123 -19.55 -24.67 3.20
N ILE F 124 -18.24 -24.49 3.31
CA ILE F 124 -17.60 -24.51 4.61
C ILE F 124 -17.88 -23.25 5.43
N THR F 125 -17.98 -22.08 4.78
CA THR F 125 -18.42 -20.83 5.42
C THR F 125 -19.74 -21.14 6.15
N ALA F 126 -20.77 -21.43 5.37
CA ALA F 126 -22.06 -21.87 5.88
C ALA F 126 -21.97 -22.83 7.07
N PHE F 127 -21.19 -23.89 6.92
CA PHE F 127 -21.14 -24.93 7.95
C PHE F 127 -20.57 -24.38 9.24
N ASN F 128 -19.46 -23.65 9.10
CA ASN F 128 -18.74 -23.07 10.23
C ASN F 128 -19.47 -21.91 10.91
N GLU F 129 -20.10 -21.06 10.10
CA GLU F 129 -20.81 -19.92 10.63
C GLU F 129 -22.03 -20.35 11.48
N ALA F 130 -22.94 -21.11 10.86
CA ALA F 130 -24.13 -21.66 11.53
C ALA F 130 -23.76 -22.42 12.79
N TRP F 131 -22.61 -23.05 12.81
CA TRP F 131 -22.14 -23.76 13.99
C TRP F 131 -22.08 -22.89 15.23
N HIS F 132 -21.79 -21.59 15.01
CA HIS F 132 -21.69 -20.58 16.07
C HIS F 132 -22.89 -19.65 16.13
N GLU F 133 -24.00 -20.06 15.52
CA GLU F 133 -25.22 -19.26 15.45
C GLU F 133 -25.06 -17.89 14.77
N ARG F 134 -24.02 -17.69 13.95
CA ARG F 134 -23.96 -16.47 13.13
C ARG F 134 -24.82 -16.67 11.86
N ASP F 135 -24.98 -15.60 11.07
CA ASP F 135 -26.02 -15.51 10.06
C ASP F 135 -25.74 -16.30 8.76
N THR F 136 -26.31 -17.49 8.66
CA THR F 136 -26.25 -18.27 7.41
C THR F 136 -27.61 -18.38 6.70
N GLY F 137 -28.44 -17.35 6.87
CA GLY F 137 -29.68 -17.16 6.09
C GLY F 137 -30.95 -17.20 6.94
N GLY F 138 -32.02 -16.64 6.40
CA GLY F 138 -33.30 -16.67 7.08
C GLY F 138 -33.68 -15.33 7.68
N ARG F 139 -32.66 -14.50 7.91
CA ARG F 139 -32.85 -13.19 8.54
C ARG F 139 -33.04 -12.05 7.52
N ALA F 140 -32.91 -12.35 6.24
CA ALA F 140 -33.13 -11.33 5.22
C ALA F 140 -34.58 -10.88 5.30
N PRO F 141 -34.87 -9.65 4.86
CA PRO F 141 -36.29 -9.29 4.83
C PRO F 141 -36.94 -9.88 3.57
N GLN F 142 -36.39 -9.47 2.41
CA GLN F 142 -36.72 -10.04 1.11
C GLN F 142 -36.23 -11.51 1.04
N LYS F 143 -37.17 -12.45 0.81
CA LYS F 143 -36.82 -13.86 0.52
C LYS F 143 -36.30 -13.97 -0.90
N LEU F 144 -35.63 -15.09 -1.21
CA LEU F 144 -35.03 -15.21 -2.55
C LEU F 144 -36.07 -15.22 -3.63
N ARG F 145 -36.10 -14.16 -4.42
CA ARG F 145 -37.05 -14.01 -5.51
C ARG F 145 -36.33 -13.88 -6.86
N GLY F 146 -37.08 -13.50 -7.89
CA GLY F 146 -36.60 -13.48 -9.28
C GLY F 146 -36.19 -14.86 -9.75
N ARG F 147 -35.08 -14.91 -10.49
CA ARG F 147 -34.50 -16.19 -10.88
C ARG F 147 -33.37 -16.70 -9.96
N ASP F 148 -33.14 -16.00 -8.85
CA ASP F 148 -32.13 -16.38 -7.85
C ASP F 148 -32.52 -17.61 -7.05
N ALA F 149 -33.82 -17.87 -6.96
CA ALA F 149 -34.35 -18.98 -6.13
C ALA F 149 -34.29 -20.34 -6.84
N GLU F 150 -34.16 -20.28 -8.17
CA GLU F 150 -34.24 -21.45 -9.02
C GLU F 150 -33.04 -22.39 -8.92
N ARG F 151 -33.32 -23.68 -9.06
CA ARG F 151 -32.33 -24.73 -8.99
C ARG F 151 -31.40 -24.70 -10.16
N ILE F 152 -30.22 -25.29 -9.95
CA ILE F 152 -29.24 -25.56 -11.01
C ILE F 152 -29.31 -27.07 -11.34
N PRO F 153 -28.69 -27.47 -12.47
CA PRO F 153 -28.84 -28.88 -12.79
C PRO F 153 -28.32 -29.83 -11.70
N TYR F 154 -28.91 -31.02 -11.59
CA TYR F 154 -28.45 -32.09 -10.69
C TYR F 154 -27.48 -33.03 -11.43
N GLY F 155 -26.45 -33.55 -10.75
CA GLY F 155 -25.43 -34.42 -11.39
C GLY F 155 -24.21 -33.70 -11.99
N LEU F 156 -23.13 -34.46 -12.26
CA LEU F 156 -21.89 -33.88 -12.79
C LEU F 156 -22.21 -33.35 -14.19
N PRO F 157 -21.41 -32.41 -14.72
CA PRO F 157 -21.72 -31.98 -16.10
C PRO F 157 -21.54 -33.12 -17.08
N ASN F 158 -22.12 -32.96 -18.26
CA ASN F 158 -21.99 -33.95 -19.32
C ASN F 158 -20.53 -34.11 -19.78
N SER F 159 -20.10 -35.38 -19.86
CA SER F 159 -18.72 -35.82 -20.15
C SER F 159 -17.81 -35.92 -18.92
N VAL F 160 -18.07 -35.09 -17.90
CA VAL F 160 -17.29 -35.09 -16.64
C VAL F 160 -17.58 -36.30 -15.74
N GLU F 161 -16.53 -36.94 -15.22
CA GLU F 161 -16.68 -38.06 -14.23
C GLU F 161 -15.83 -37.97 -12.94
N LYS F 162 -16.22 -38.73 -11.92
CA LYS F 162 -15.54 -38.70 -10.62
C LYS F 162 -14.05 -38.89 -10.77
N PHE F 163 -13.28 -38.06 -10.08
CA PHE F 163 -11.85 -38.25 -9.89
C PHE F 163 -11.63 -39.45 -9.00
N ASN F 164 -10.52 -40.14 -9.22
CA ASN F 164 -9.99 -41.09 -8.27
C ASN F 164 -8.87 -40.40 -7.52
N LEU F 165 -8.86 -40.59 -6.21
CA LEU F 165 -7.86 -39.95 -5.37
C LEU F 165 -6.69 -40.92 -5.20
N LEU F 166 -5.48 -40.49 -5.53
CA LEU F 166 -4.36 -41.43 -5.43
C LEU F 166 -4.15 -41.84 -3.96
N ASP F 167 -3.65 -43.06 -3.78
CA ASP F 167 -3.23 -43.60 -2.49
C ASP F 167 -1.86 -43.03 -2.11
N ILE F 168 -1.75 -42.32 -0.99
CA ILE F 168 -0.46 -41.70 -0.61
C ILE F 168 0.57 -42.72 -0.12
N GLU F 169 0.14 -43.59 0.78
CA GLU F 169 0.88 -44.78 1.18
C GLU F 169 1.53 -45.55 0.01
N LYS F 170 0.83 -45.63 -1.13
CA LYS F 170 1.30 -46.37 -2.30
C LYS F 170 2.20 -45.53 -3.20
N ALA F 171 2.01 -44.22 -3.18
CA ALA F 171 2.71 -43.30 -4.07
C ALA F 171 4.23 -43.40 -3.95
N SER F 172 4.93 -42.95 -4.99
CA SER F 172 6.40 -42.88 -5.00
C SER F 172 6.93 -41.80 -4.06
N ASP F 173 8.16 -41.96 -3.61
CA ASP F 173 8.78 -40.92 -2.77
C ASP F 173 8.69 -39.54 -3.44
N ARG F 174 8.97 -39.47 -4.74
CA ARG F 174 8.86 -38.22 -5.45
C ARG F 174 7.46 -37.58 -5.25
N THR F 175 6.41 -38.40 -5.37
CA THR F 175 5.03 -37.95 -5.17
C THR F 175 4.78 -37.61 -3.71
N GLN F 176 5.12 -38.53 -2.81
CA GLN F 176 5.08 -38.23 -1.39
C GLN F 176 5.80 -36.91 -1.12
N THR F 177 7.00 -36.76 -1.69
CA THR F 177 7.82 -35.58 -1.44
C THR F 177 7.15 -34.27 -1.82
N VAL F 178 6.62 -34.15 -3.03
CA VAL F 178 6.06 -32.87 -3.49
C VAL F 178 4.76 -32.56 -2.78
N LEU F 179 3.89 -33.53 -2.64
CA LEU F 179 2.71 -33.39 -1.77
C LEU F 179 3.09 -32.85 -0.38
N ARG F 180 4.09 -33.48 0.23
CA ARG F 180 4.62 -33.04 1.50
C ARG F 180 5.02 -31.56 1.32
N ASP F 181 6.03 -31.31 0.48
CA ASP F 181 6.45 -29.94 0.17
C ASP F 181 5.32 -28.93 -0.02
N ILE F 182 4.33 -29.23 -0.86
CA ILE F 182 3.22 -28.29 -1.13
C ILE F 182 2.40 -28.00 0.15
N ARG F 183 2.40 -28.96 1.05
CA ARG F 183 1.63 -28.84 2.29
C ARG F 183 2.35 -28.02 3.36
N ASP F 184 3.67 -28.21 3.46
CA ASP F 184 4.45 -27.40 4.37
C ASP F 184 4.69 -26.00 3.85
N ALA F 185 4.76 -25.81 2.53
CA ALA F 185 4.84 -24.48 1.95
C ALA F 185 3.77 -23.54 2.50
N PHE F 186 2.58 -24.03 2.78
CA PHE F 186 1.50 -23.17 3.29
C PHE F 186 1.17 -23.45 4.77
N LEU F 187 2.02 -24.22 5.44
CA LEU F 187 1.78 -24.68 6.82
C LEU F 187 0.39 -25.32 6.97
N HIS F 188 0.08 -26.29 6.10
CA HIS F 188 -1.23 -26.98 6.10
C HIS F 188 -1.14 -28.35 6.72
N HIS F 189 -2.29 -29.01 6.87
CA HIS F 189 -2.35 -30.27 7.65
C HIS F 189 -2.16 -31.53 6.82
N GLY F 190 -2.57 -31.43 5.56
CA GLY F 190 -2.39 -32.52 4.62
C GLY F 190 -2.46 -32.07 3.16
N PRO F 191 -2.16 -32.99 2.24
CA PRO F 191 -2.38 -32.65 0.83
C PRO F 191 -3.86 -32.55 0.56
N ALA F 192 -4.23 -31.58 -0.25
CA ALA F 192 -5.63 -31.37 -0.61
C ALA F 192 -6.07 -32.53 -1.48
N SER F 193 -7.36 -32.84 -1.48
CA SER F 193 -7.87 -33.73 -2.52
C SER F 193 -7.28 -33.24 -3.85
N ASN F 194 -7.23 -31.93 -4.06
CA ASN F 194 -6.69 -31.38 -5.30
C ASN F 194 -5.34 -32.00 -5.63
N TYR F 195 -4.47 -32.04 -4.62
CA TYR F 195 -3.12 -32.52 -4.79
C TYR F 195 -3.07 -34.05 -4.87
N ARG F 196 -4.15 -34.71 -4.47
CA ARG F 196 -4.18 -36.14 -4.64
C ARG F 196 -4.72 -36.47 -6.04
N VAL F 197 -5.39 -35.50 -6.65
CA VAL F 197 -5.71 -35.61 -8.06
C VAL F 197 -4.45 -35.28 -8.83
N LEU F 198 -3.90 -34.06 -8.66
CA LEU F 198 -2.78 -33.61 -9.51
C LEU F 198 -1.47 -34.40 -9.30
N GLY F 199 -1.35 -35.01 -8.12
CA GLY F 199 -0.19 -35.82 -7.73
C GLY F 199 0.21 -36.93 -8.69
N VAL F 200 -0.73 -37.55 -9.37
CA VAL F 200 -0.37 -38.50 -10.42
C VAL F 200 0.66 -37.94 -11.44
N TRP F 201 0.96 -36.65 -11.37
CA TRP F 201 1.91 -36.02 -12.28
C TRP F 201 3.00 -35.30 -11.49
N PRO F 202 3.76 -35.99 -10.62
CA PRO F 202 4.66 -35.22 -9.74
C PRO F 202 5.60 -34.29 -10.49
N ASP F 203 6.04 -34.71 -11.66
CA ASP F 203 6.91 -33.87 -12.49
C ASP F 203 6.27 -32.53 -12.85
N TYR F 204 4.94 -32.46 -12.81
CA TYR F 204 4.28 -31.19 -13.04
C TYR F 204 4.22 -30.34 -11.78
N LEU F 205 3.83 -30.97 -10.66
CA LEU F 205 3.62 -30.26 -9.38
C LEU F 205 4.90 -29.58 -8.96
N GLU F 206 6.00 -30.30 -9.11
CA GLU F 206 7.28 -29.67 -8.92
C GLU F 206 7.39 -28.35 -9.68
N ILE F 207 6.99 -28.30 -10.93
CA ILE F 207 7.12 -27.03 -11.65
C ILE F 207 6.18 -26.00 -11.03
N ALA F 208 5.01 -26.48 -10.63
CA ALA F 208 3.95 -25.63 -10.12
C ALA F 208 4.41 -25.02 -8.78
N LEU F 209 5.06 -25.84 -7.98
CA LEU F 209 5.59 -25.40 -6.69
C LEU F 209 6.57 -24.25 -6.88
N ARG F 210 7.66 -24.53 -7.59
CA ARG F 210 8.67 -23.51 -7.87
CA ARG F 210 8.69 -23.58 -7.96
C ARG F 210 8.12 -22.32 -8.63
N ASP F 211 7.35 -22.50 -9.69
CA ASP F 211 6.94 -21.34 -10.49
C ASP F 211 5.76 -20.58 -9.93
N SER F 212 4.86 -21.26 -9.24
CA SER F 212 3.58 -20.66 -8.95
C SER F 212 3.18 -20.49 -7.48
N LEU F 213 3.50 -21.48 -6.64
CA LEU F 213 3.09 -21.48 -5.23
C LEU F 213 4.14 -20.99 -4.23
N ALA F 214 5.31 -21.65 -4.21
CA ALA F 214 6.43 -21.17 -3.38
C ALA F 214 6.68 -19.64 -3.45
N PRO F 215 6.70 -19.04 -4.66
CA PRO F 215 6.93 -17.59 -4.55
C PRO F 215 5.80 -16.79 -3.91
N VAL F 216 4.65 -17.36 -3.57
CA VAL F 216 3.60 -16.53 -2.88
C VAL F 216 3.13 -17.05 -1.50
N ALA F 217 3.46 -18.30 -1.22
CA ALA F 217 3.09 -18.93 0.04
C ALA F 217 3.36 -18.00 1.22
N LEU F 218 2.44 -17.99 2.18
CA LEU F 218 2.57 -17.17 3.38
C LEU F 218 2.78 -15.67 3.10
N SER F 219 2.59 -15.20 1.88
CA SER F 219 2.85 -13.77 1.60
C SER F 219 1.68 -12.89 2.02
N ALA F 220 1.93 -11.60 2.25
CA ALA F 220 0.82 -10.68 2.48
C ALA F 220 -0.22 -10.87 1.37
N GLU F 221 0.23 -10.76 0.12
CA GLU F 221 -0.73 -10.72 -0.98
C GLU F 221 -1.67 -11.95 -0.95
N TYR F 222 -1.09 -13.13 -0.70
CA TYR F 222 -1.88 -14.36 -0.75
C TYR F 222 -2.91 -14.37 0.37
N ASP F 223 -2.45 -14.11 1.59
CA ASP F 223 -3.25 -14.15 2.82
C ASP F 223 -4.28 -13.05 2.81
N GLU F 224 -3.96 -11.94 2.16
CA GLU F 224 -4.94 -10.90 1.91
C GLU F 224 -6.01 -11.36 0.91
N THR F 225 -5.62 -11.99 -0.19
CA THR F 225 -6.60 -12.55 -1.12
C THR F 225 -7.55 -13.51 -0.37
N ALA F 226 -7.02 -14.28 0.57
CA ALA F 226 -7.82 -15.21 1.37
C ALA F 226 -8.85 -14.49 2.22
N ARG F 227 -8.43 -13.40 2.85
CA ARG F 227 -9.33 -12.52 3.59
C ARG F 227 -10.50 -12.09 2.69
N ARG F 228 -10.21 -11.73 1.45
CA ARG F 228 -11.19 -11.16 0.58
C ARG F 228 -12.19 -12.25 0.16
N ILE F 229 -11.69 -13.43 -0.19
CA ILE F 229 -12.60 -14.46 -0.65
C ILE F 229 -13.42 -15.12 0.45
N ARG F 230 -12.83 -15.31 1.62
CA ARG F 230 -13.63 -15.67 2.80
C ARG F 230 -14.76 -14.64 3.07
N LYS F 231 -14.48 -13.35 2.90
CA LYS F 231 -15.43 -12.29 3.24
C LYS F 231 -16.55 -12.28 2.25
N ILE F 232 -16.23 -12.54 0.98
CA ILE F 232 -17.26 -12.63 -0.04
C ILE F 232 -18.22 -13.75 0.35
N ALA F 233 -17.67 -14.89 0.77
CA ALA F 233 -18.48 -16.05 1.12
C ALA F 233 -19.31 -15.76 2.38
N ARG F 234 -18.66 -15.22 3.40
CA ARG F 234 -19.35 -14.84 4.61
C ARG F 234 -20.57 -13.98 4.31
N GLU F 235 -20.40 -12.92 3.53
CA GLU F 235 -21.52 -12.03 3.29
CA GLU F 235 -21.49 -12.00 3.21
C GLU F 235 -22.64 -12.67 2.45
N HIS F 236 -22.26 -13.48 1.46
CA HIS F 236 -23.19 -14.13 0.56
C HIS F 236 -24.15 -15.07 1.26
N VAL F 237 -23.62 -15.96 2.09
CA VAL F 237 -24.51 -16.90 2.77
C VAL F 237 -25.61 -16.22 3.61
N LYS F 238 -25.31 -15.04 4.12
CA LYS F 238 -26.29 -14.26 4.87
C LYS F 238 -27.63 -14.11 4.16
N GLY F 239 -27.62 -14.07 2.84
CA GLY F 239 -28.84 -13.90 2.03
C GLY F 239 -29.53 -15.18 1.60
N PHE F 240 -29.16 -16.33 2.17
CA PHE F 240 -29.90 -17.58 1.94
C PHE F 240 -31.28 -17.47 2.56
N ASP F 241 -32.26 -18.15 2.00
CA ASP F 241 -33.58 -18.23 2.62
C ASP F 241 -33.65 -18.91 3.99
N LYS F 242 -32.74 -19.83 4.29
CA LYS F 242 -32.78 -20.58 5.57
C LYS F 242 -31.38 -20.82 6.10
N PRO F 243 -31.23 -21.04 7.41
CA PRO F 243 -29.91 -21.40 7.94
C PRO F 243 -29.29 -22.54 7.13
N ALA F 244 -27.98 -22.49 6.92
CA ALA F 244 -27.38 -23.47 6.04
C ALA F 244 -26.37 -24.39 6.73
N GLY F 245 -26.63 -24.66 8.01
CA GLY F 245 -25.79 -25.55 8.81
C GLY F 245 -26.42 -25.69 10.18
N VAL F 246 -25.74 -26.36 11.11
CA VAL F 246 -26.33 -26.60 12.42
C VAL F 246 -25.51 -26.03 13.54
N ALA F 247 -26.20 -25.53 14.55
CA ALA F 247 -25.55 -24.90 15.70
C ALA F 247 -25.22 -25.97 16.71
N TRP F 248 -23.98 -26.02 17.19
CA TRP F 248 -23.57 -27.05 18.13
C TRP F 248 -24.29 -27.08 19.45
N ARG F 249 -24.84 -25.96 19.89
CA ARG F 249 -25.70 -25.99 21.10
C ARG F 249 -26.95 -26.86 20.85
N ASP F 250 -27.27 -27.06 19.56
CA ASP F 250 -28.31 -27.95 19.12
C ASP F 250 -27.75 -29.32 18.77
N MET F 251 -26.59 -29.68 19.30
CA MET F 251 -25.97 -30.97 18.95
C MET F 251 -25.38 -31.66 20.17
N THR F 252 -25.86 -31.29 21.35
CA THR F 252 -25.32 -31.85 22.59
C THR F 252 -25.86 -33.26 22.92
N GLU F 253 -27.05 -33.58 22.39
CA GLU F 253 -27.60 -34.93 22.49
C GLU F 253 -26.88 -35.94 21.56
N LYS F 254 -26.42 -35.43 20.42
CA LYS F 254 -25.77 -36.26 19.41
C LYS F 254 -24.24 -36.32 19.50
N LEU F 255 -23.63 -35.30 20.11
CA LEU F 255 -22.17 -35.20 20.20
C LEU F 255 -21.71 -35.03 21.63
N SER F 256 -20.54 -35.62 21.92
CA SER F 256 -19.85 -35.49 23.21
C SER F 256 -19.06 -34.20 23.25
N ALA F 257 -18.74 -33.76 24.48
CA ALA F 257 -17.90 -32.59 24.75
C ALA F 257 -16.65 -32.57 23.82
N GLU F 258 -15.85 -33.63 23.94
CA GLU F 258 -14.67 -33.84 23.12
C GLU F 258 -14.96 -33.77 21.61
N GLN F 259 -16.09 -34.33 21.18
CA GLN F 259 -16.39 -34.28 19.75
C GLN F 259 -16.72 -32.87 19.26
N ILE F 260 -17.34 -32.04 20.10
CA ILE F 260 -17.76 -30.70 19.69
C ILE F 260 -16.51 -29.85 19.60
N ALA F 261 -15.63 -30.06 20.58
CA ALA F 261 -14.33 -29.43 20.58
C ALA F 261 -13.70 -29.73 19.24
N GLY F 262 -13.27 -30.98 19.07
CA GLY F 262 -12.60 -31.39 17.86
C GLY F 262 -13.20 -30.79 16.60
N LEU F 263 -14.52 -30.83 16.49
CA LEU F 263 -15.23 -30.40 15.30
C LEU F 263 -15.33 -28.87 15.18
N THR F 264 -15.20 -28.17 16.30
CA THR F 264 -15.16 -26.72 16.27
C THR F 264 -13.85 -26.28 15.61
N GLY F 265 -12.73 -26.80 16.09
CA GLY F 265 -11.44 -26.56 15.45
C GLY F 265 -11.37 -26.98 13.98
N LEU F 266 -11.90 -28.17 13.67
CA LEU F 266 -11.90 -28.70 12.31
C LEU F 266 -12.62 -27.79 11.36
N LEU F 267 -13.85 -27.41 11.69
CA LEU F 267 -14.58 -26.46 10.86
C LEU F 267 -13.79 -25.17 10.59
N PHE F 268 -13.12 -24.65 11.63
CA PHE F 268 -12.26 -23.48 11.47
C PHE F 268 -11.06 -23.75 10.58
N MET F 269 -10.49 -24.92 10.69
CA MET F 269 -9.32 -25.20 9.90
C MET F 269 -9.68 -25.33 8.41
N TYR F 270 -10.81 -25.99 8.13
CA TYR F 270 -11.29 -26.15 6.73
C TYR F 270 -11.77 -24.87 6.01
N ASN F 271 -12.33 -23.93 6.77
CA ASN F 271 -12.61 -22.58 6.28
C ASN F 271 -11.34 -21.88 5.79
N ARG F 272 -10.25 -21.99 6.57
CA ARG F 272 -8.95 -21.44 6.16
C ARG F 272 -8.32 -22.22 4.97
N PHE F 273 -8.39 -23.55 5.09
CA PHE F 273 -7.82 -24.48 4.11
C PHE F 273 -8.46 -24.32 2.74
N ILE F 274 -9.78 -24.48 2.68
CA ILE F 274 -10.47 -24.38 1.41
C ILE F 274 -10.18 -23.04 0.74
N ALA F 275 -10.12 -21.97 1.53
CA ALA F 275 -9.79 -20.64 1.01
C ALA F 275 -8.42 -20.61 0.34
N ASP F 276 -7.44 -21.17 1.04
CA ASP F 276 -6.09 -21.28 0.53
C ASP F 276 -6.06 -22.12 -0.73
N ILE F 277 -6.65 -23.31 -0.70
CA ILE F 277 -6.56 -24.17 -1.86
C ILE F 277 -7.23 -23.55 -3.08
N THR F 278 -8.44 -23.02 -2.90
CA THR F 278 -9.07 -22.32 -4.00
C THR F 278 -8.09 -21.39 -4.72
N ILE F 279 -7.35 -20.60 -3.95
CA ILE F 279 -6.42 -19.64 -4.53
C ILE F 279 -5.29 -20.32 -5.29
N ALA F 280 -4.70 -21.34 -4.68
CA ALA F 280 -3.57 -22.09 -5.28
C ALA F 280 -3.83 -22.61 -6.70
N ILE F 281 -4.86 -23.44 -6.80
CA ILE F 281 -5.19 -24.10 -8.04
C ILE F 281 -5.68 -23.10 -9.10
N ILE F 282 -6.29 -22.01 -8.64
CA ILE F 282 -6.63 -20.98 -9.57
C ILE F 282 -5.34 -20.40 -10.17
N ARG F 283 -4.37 -20.06 -9.31
CA ARG F 283 -3.07 -19.55 -9.78
C ARG F 283 -2.34 -20.50 -10.75
N LEU F 284 -2.37 -21.79 -10.41
CA LEU F 284 -1.82 -22.82 -11.29
C LEU F 284 -2.38 -22.69 -12.70
N LYS F 285 -3.71 -22.61 -12.81
CA LYS F 285 -4.34 -22.54 -14.09
C LYS F 285 -4.04 -21.20 -14.72
N GLN F 286 -4.03 -20.14 -13.91
CA GLN F 286 -3.63 -18.79 -14.36
C GLN F 286 -2.33 -18.81 -15.18
N ALA F 287 -1.33 -19.61 -14.74
CA ALA F 287 -0.03 -19.70 -15.42
C ALA F 287 -0.09 -20.34 -16.81
N PHE F 288 -1.05 -21.25 -17.01
CA PHE F 288 -1.34 -21.79 -18.34
C PHE F 288 -1.93 -20.70 -19.23
N SER F 289 -3.09 -20.19 -18.84
CA SER F 289 -3.82 -19.22 -19.65
C SER F 289 -3.68 -17.77 -19.17
N GLY F 290 -4.49 -17.42 -18.16
CA GLY F 290 -4.57 -16.08 -17.58
C GLY F 290 -5.70 -16.00 -16.54
N PRO F 291 -5.98 -14.77 -16.04
CA PRO F 291 -6.96 -14.58 -14.99
C PRO F 291 -8.41 -14.88 -15.43
N GLU F 292 -8.79 -14.33 -16.58
CA GLU F 292 -10.14 -14.49 -17.11
C GLU F 292 -10.54 -15.99 -17.23
N ASP F 293 -9.69 -16.74 -17.91
CA ASP F 293 -9.91 -18.17 -18.09
C ASP F 293 -9.89 -18.97 -16.79
N ALA F 294 -8.91 -18.70 -15.94
CA ALA F 294 -8.75 -19.46 -14.70
C ALA F 294 -9.82 -19.15 -13.68
N THR F 295 -10.59 -18.09 -13.89
CA THR F 295 -11.59 -17.72 -12.90
C THR F 295 -12.99 -17.93 -13.48
N ALA F 296 -13.08 -18.23 -14.77
CA ALA F 296 -14.38 -18.46 -15.37
C ALA F 296 -15.16 -19.59 -14.66
N ASN F 297 -16.49 -19.47 -14.67
CA ASN F 297 -17.37 -20.59 -14.47
C ASN F 297 -17.56 -21.34 -15.81
N LYS F 298 -16.99 -22.55 -15.90
CA LYS F 298 -17.07 -23.32 -17.15
C LYS F 298 -18.15 -24.38 -17.15
N TYR F 299 -18.97 -24.43 -16.10
CA TYR F 299 -19.81 -25.62 -15.94
C TYR F 299 -21.32 -25.43 -15.67
N THR F 300 -21.70 -24.30 -15.10
CA THR F 300 -23.07 -24.09 -14.73
C THR F 300 -23.35 -22.65 -15.08
N ASN F 301 -24.04 -22.45 -16.19
CA ASN F 301 -24.29 -21.12 -16.74
C ASN F 301 -25.66 -21.05 -17.37
OXT B2P G . -13.40 29.20 9.09
C B2P G . -13.05 28.28 8.30
O B2P G . -11.78 28.20 8.03
CA B2P G . -14.14 27.28 7.81
BR B2P G . -15.36 27.65 6.93
CB B2P G . -14.42 26.63 9.15
CM B2P G . -13.73 26.20 6.90
C1 GOL H . 11.71 21.92 1.23
O1 GOL H . 12.84 21.68 2.11
C2 GOL H . 11.23 20.59 0.69
O2 GOL H . 10.84 20.68 -0.70
C3 GOL H . 10.08 20.11 1.54
O3 GOL H . 10.03 18.69 1.40
OXT B2P I . -24.67 15.52 -16.89
C B2P I . -24.17 14.99 -15.88
O B2P I . -24.75 13.92 -15.51
CA B2P I . -22.90 15.52 -15.16
BR B2P I . -22.93 16.93 -14.38
CB B2P I . -21.83 15.38 -16.21
CM B2P I . -22.41 14.49 -14.19
C1 GOL J . -22.83 -9.46 -3.97
O1 GOL J . -22.86 -10.64 -3.14
C2 GOL J . -22.07 -8.37 -3.23
O2 GOL J . -22.93 -7.26 -2.90
C3 GOL J . -20.85 -7.95 -4.06
O3 GOL J . -19.73 -7.72 -3.19
OXT B2P K . 32.12 6.87 5.29
C B2P K . 31.34 6.15 4.61
O B2P K . 30.99 5.04 5.16
CA B2P K . 30.76 6.57 3.23
BR B2P K . 31.39 6.04 1.89
CB B2P K . 30.74 8.03 2.99
CM B2P K . 29.30 6.28 3.37
C1 GOL L . 15.69 -12.18 15.33
O1 GOL L . 14.99 -13.02 16.28
C2 GOL L . 15.03 -12.30 13.94
O2 GOL L . 15.98 -12.84 13.00
C3 GOL L . 14.53 -10.93 13.48
O3 GOL L . 13.28 -11.07 12.78
OXT B2P M . 22.83 -1.73 -23.77
C B2P M . 22.85 -0.90 -22.84
O B2P M . 22.41 0.27 -23.09
CA B2P M . 23.32 -1.37 -21.45
BR B2P M . 24.70 -1.03 -20.83
CB B2P M . 23.13 -2.86 -21.43
CM B2P M . 22.33 -0.87 -20.45
C1 GOL N . 0.99 14.25 -20.71
O1 GOL N . -0.28 13.83 -21.24
C2 GOL N . 0.99 14.06 -19.20
O2 GOL N . 2.18 14.62 -18.65
C3 GOL N . 0.93 12.59 -18.81
O3 GOL N . 1.30 12.49 -17.44
OXT B2P O . -5.74 -17.94 27.16
C B2P O . -6.54 -18.01 26.18
O B2P O . -7.70 -17.57 26.40
CA B2P O . -6.06 -18.51 24.80
BR B2P O . -6.67 -19.76 24.07
CB B2P O . -4.62 -18.89 24.81
CM B2P O . -6.17 -17.25 23.98
C1 GOL P . -16.65 5.07 17.74
O1 GOL P . -16.31 6.45 17.98
C2 GOL P . -16.48 4.74 16.26
O2 GOL P . -17.60 3.97 15.80
C3 GOL P . -15.13 4.03 16.02
O3 GOL P . -14.55 4.27 14.72
OXT B2P Q . -11.35 -31.37 -0.93
C B2P Q . -10.53 -30.52 -0.46
O B2P Q . -9.38 -30.49 -1.00
CA B2P Q . -10.89 -29.49 0.67
BR B2P Q . -10.74 -29.77 2.20
CB B2P Q . -12.31 -29.11 0.63
CM B2P Q . -10.17 -28.25 0.23
C1 GOL R . 11.16 -19.27 -9.93
O1 GOL R . 12.26 -19.33 -10.87
C2 GOL R . 11.57 -18.40 -8.73
O2 GOL R . 12.00 -19.25 -7.65
C3 GOL R . 10.43 -17.52 -8.23
O3 GOL R . 10.63 -16.19 -8.69
#